data_4JNK
#
_entry.id   4JNK
#
_cell.length_a   168.246
_cell.length_b   81.487
_cell.length_c   120.414
_cell.angle_alpha   90.00
_cell.angle_beta   117.13
_cell.angle_gamma   90.00
#
_symmetry.space_group_name_H-M   'C 1 2 1'
#
loop_
_entity.id
_entity.type
_entity.pdbx_description
1 polymer 'L-lactate dehydrogenase A chain'
2 non-polymer '1,4-DIHYDRONICOTINAMIDE ADENINE DINUCLEOTIDE'
3 non-polymer '4-(2-HYDROXYETHYL)-1-PIPERAZINE ETHANESULFONIC ACID'
4 non-polymer (2R)-2-{[5-cyano-4-(3,4-dichlorophenyl)-6-oxo-1,6-dihydropyrimidin-2-yl]sulfanyl}-N-(4-sulfamoylphenyl)propanamide
5 non-polymer 'SULFATE ION'
6 non-polymer 'LACTIC ACID'
7 water water
#
_entity_poly.entity_id   1
_entity_poly.type   'polypeptide(L)'
_entity_poly.pdbx_seq_one_letter_code
;ATLKDQLIYNLLKEEQTPQNKITVVGVGAVGMACAISILMKDLADELALVDVIEDKLKGEMMDLQHGSLFLRTPKIVSGK
DYNVTANSKLVIITAGARQQEGESRLNLVQRNVNIFKFIIPNVVKYSPNCKLLIVSNPVDILTYVAWKISGFPKNRVIGS
GCNLDSARFRYLMGERLGVHPLSCHGWVLGEHGDSSVPVWSGMNVAGVSLKTLHPDLGTDKDKEQWKEVHKQVVESAYEV
IKLKGYTSWAIGLSVADLAESIMKNLRRVHPVSTMIKGLYGIKDDVFLSVPCILGQNGISDLVKVTLTSEEEARLKKSAD
TLWGIQKELQF
;
_entity_poly.pdbx_strand_id   A,B,C,D
#
loop_
_chem_comp.id
_chem_comp.type
_chem_comp.name
_chem_comp.formula
EPE non-polymer '4-(2-HYDROXYETHYL)-1-PIPERAZINE ETHANESULFONIC ACID' 'C8 H18 N2 O4 S'
LAC non-polymer 'LACTIC ACID' 'C3 H6 O3'
NAI non-polymer '1,4-DIHYDRONICOTINAMIDE ADENINE DINUCLEOTIDE' 'C21 H29 N7 O14 P2'
SO4 non-polymer 'SULFATE ION' 'O4 S -2'
ZHK non-polymer (2R)-2-{[5-cyano-4-(3,4-dichlorophenyl)-6-oxo-1,6-dihydropyrimidin-2-yl]sulfanyl}-N-(4-sulfamoylphenyl)propanamide 'C20 H15 Cl2 N5 O4 S2'
#
# COMPACT_ATOMS: atom_id res chain seq x y z
N ALA A 1 41.24 6.11 -6.19
CA ALA A 1 40.07 6.11 -7.05
C ALA A 1 38.97 6.99 -6.46
N THR A 2 37.84 7.05 -7.15
CA THR A 2 36.71 7.86 -6.70
C THR A 2 36.16 7.31 -5.38
N LEU A 3 35.45 8.14 -4.62
CA LEU A 3 34.80 7.68 -3.41
C LEU A 3 33.85 6.53 -3.75
N LYS A 4 33.09 6.70 -4.83
CA LYS A 4 32.21 5.63 -5.28
C LYS A 4 32.96 4.30 -5.42
N ASP A 5 34.09 4.31 -6.11
CA ASP A 5 34.81 3.07 -6.36
C ASP A 5 35.45 2.49 -5.08
N GLN A 6 35.77 3.37 -4.15
CA GLN A 6 36.31 2.93 -2.86
CA GLN A 6 36.30 2.98 -2.84
C GLN A 6 35.20 2.31 -2.04
N LEU A 7 33.99 2.83 -2.18
CA LEU A 7 32.82 2.36 -1.43
C LEU A 7 32.19 1.10 -2.05
N ILE A 8 32.18 1.02 -3.38
CA ILE A 8 31.36 0.03 -4.07
C ILE A 8 32.12 -0.76 -5.12
N TYR A 9 32.05 -2.08 -5.02
CA TYR A 9 32.59 -2.98 -6.05
C TYR A 9 31.48 -3.36 -7.04
N ASN A 10 31.73 -3.17 -8.33
CA ASN A 10 30.74 -3.46 -9.37
C ASN A 10 30.85 -4.88 -9.93
N LEU A 11 29.74 -5.62 -9.93
CA LEU A 11 29.71 -6.96 -10.54
C LEU A 11 29.45 -6.91 -12.02
N LEU A 12 28.51 -6.05 -12.43
CA LEU A 12 28.24 -5.91 -13.85
C LEU A 12 27.56 -4.57 -14.12
N LYS A 13 27.79 -4.03 -15.31
CA LYS A 13 27.26 -2.72 -15.63
C LYS A 13 26.05 -2.82 -16.56
N GLU A 14 24.93 -3.25 -16.00
CA GLU A 14 23.63 -3.19 -16.66
C GLU A 14 23.72 -3.38 -18.18
N GLU A 15 22.74 -2.89 -18.93
CA GLU A 15 21.50 -2.37 -18.38
C GLU A 15 20.33 -2.91 -19.18
N GLN A 16 19.28 -3.32 -18.47
CA GLN A 16 18.12 -3.92 -19.12
C GLN A 16 17.23 -2.88 -19.76
N THR A 17 16.53 -3.29 -20.80
CA THR A 17 15.45 -2.48 -21.35
C THR A 17 14.44 -2.25 -20.23
N PRO A 18 13.78 -1.09 -20.23
CA PRO A 18 12.74 -0.81 -19.22
C PRO A 18 11.72 -1.96 -19.14
N GLN A 19 11.33 -2.36 -17.93
CA GLN A 19 10.45 -3.53 -17.76
C GLN A 19 8.97 -3.16 -17.51
N ASN A 20 8.75 -2.05 -16.83
CA ASN A 20 7.40 -1.67 -16.46
C ASN A 20 7.22 -0.17 -16.60
N LYS A 21 7.55 0.34 -17.78
CA LYS A 21 7.64 1.77 -17.99
C LYS A 21 6.33 2.39 -18.43
N ILE A 22 6.01 3.56 -17.85
CA ILE A 22 4.85 4.35 -18.28
C ILE A 22 5.31 5.73 -18.75
N THR A 23 4.70 6.22 -19.82
CA THR A 23 4.93 7.58 -20.27
C THR A 23 3.65 8.40 -20.12
N VAL A 24 3.81 9.62 -19.64
CA VAL A 24 2.72 10.58 -19.69
C VAL A 24 3.10 11.71 -20.65
N VAL A 25 2.25 11.99 -21.63
CA VAL A 25 2.51 13.04 -22.60
C VAL A 25 1.62 14.24 -22.29
N GLY A 26 2.25 15.37 -21.97
CA GLY A 26 1.51 16.54 -21.54
C GLY A 26 1.53 16.66 -20.03
N VAL A 27 2.29 17.62 -19.52
CA VAL A 27 2.45 17.80 -18.08
C VAL A 27 1.66 19.00 -17.54
N GLY A 28 0.47 19.20 -18.09
CA GLY A 28 -0.44 20.18 -17.53
C GLY A 28 -1.05 19.63 -16.25
N ALA A 29 -2.15 20.24 -15.80
CA ALA A 29 -2.83 19.81 -14.58
C ALA A 29 -3.21 18.33 -14.58
N VAL A 30 -3.74 17.86 -15.71
CA VAL A 30 -4.18 16.46 -15.81
C VAL A 30 -3.00 15.50 -15.86
N GLY A 31 -2.01 15.79 -16.70
CA GLY A 31 -0.85 14.93 -16.81
C GLY A 31 -0.12 14.76 -15.49
N MET A 32 0.03 15.84 -14.75
CA MET A 32 0.78 15.74 -13.49
C MET A 32 -0.05 15.01 -12.42
N ALA A 33 -1.38 15.11 -12.48
CA ALA A 33 -2.20 14.39 -11.51
C ALA A 33 -2.13 12.89 -11.80
N CYS A 34 -2.20 12.53 -13.09
CA CYS A 34 -1.93 11.15 -13.48
C CYS A 34 -0.55 10.70 -12.98
N ALA A 35 0.48 11.52 -13.21
CA ALA A 35 1.85 11.17 -12.81
C ALA A 35 1.97 10.89 -11.31
N ILE A 36 1.51 11.83 -10.48
CA ILE A 36 1.64 11.64 -9.03
C ILE A 36 0.83 10.42 -8.57
N SER A 37 -0.33 10.20 -9.17
CA SER A 37 -1.18 9.09 -8.76
C SER A 37 -0.54 7.78 -9.14
N ILE A 38 0.08 7.74 -10.32
CA ILE A 38 0.77 6.54 -10.76
C ILE A 38 2.00 6.28 -9.87
N LEU A 39 2.72 7.34 -9.53
CA LEU A 39 3.88 7.21 -8.63
C LEU A 39 3.51 6.67 -7.25
N MET A 40 2.42 7.21 -6.69
CA MET A 40 1.94 6.82 -5.36
CA MET A 40 2.06 6.79 -5.35
C MET A 40 1.43 5.39 -5.29
N LYS A 41 1.10 4.83 -6.46
CA LYS A 41 0.56 3.49 -6.51
C LYS A 41 1.60 2.44 -6.94
N ASP A 42 2.86 2.86 -7.11
CA ASP A 42 3.94 1.92 -7.44
C ASP A 42 3.64 1.06 -8.68
N LEU A 43 3.15 1.69 -9.73
CA LEU A 43 2.75 0.97 -10.95
C LEU A 43 3.88 0.83 -11.97
N ALA A 44 4.91 1.66 -11.87
CA ALA A 44 5.93 1.71 -12.92
C ALA A 44 7.32 1.64 -12.30
N ASP A 45 8.27 1.12 -13.06
CA ASP A 45 9.65 1.12 -12.58
C ASP A 45 10.40 2.26 -13.27
N GLU A 46 9.73 2.87 -14.25
CA GLU A 46 10.29 4.03 -14.92
C GLU A 46 9.14 4.88 -15.41
N LEU A 47 9.21 6.18 -15.11
CA LEU A 47 8.20 7.13 -15.59
C LEU A 47 8.84 8.19 -16.49
N ALA A 48 8.27 8.38 -17.67
CA ALA A 48 8.77 9.41 -18.59
C ALA A 48 7.70 10.45 -18.85
N LEU A 49 8.13 11.71 -18.89
CA LEU A 49 7.22 12.81 -19.13
C LEU A 49 7.65 13.54 -20.39
N VAL A 50 6.68 13.85 -21.25
CA VAL A 50 6.91 14.64 -22.46
C VAL A 50 5.99 15.85 -22.49
N ASP A 51 6.50 16.95 -23.05
CA ASP A 51 5.70 18.16 -23.28
C ASP A 51 6.46 19.03 -24.29
N VAL A 52 5.84 20.09 -24.78
CA VAL A 52 6.53 21.01 -25.69
C VAL A 52 7.06 22.25 -24.94
N ILE A 53 6.53 22.50 -23.76
CA ILE A 53 7.00 23.61 -22.92
C ILE A 53 8.18 23.11 -22.09
N GLU A 54 9.38 23.46 -22.53
CA GLU A 54 10.56 22.81 -22.00
C GLU A 54 10.94 23.14 -20.55
N ASP A 55 10.77 24.39 -20.12
CA ASP A 55 11.11 24.72 -18.73
CA ASP A 55 11.11 24.74 -18.74
C ASP A 55 10.12 24.10 -17.75
N LYS A 56 8.83 24.25 -18.04
CA LYS A 56 7.78 23.58 -17.27
C LYS A 56 8.06 22.08 -17.10
N LEU A 57 8.40 21.44 -18.22
CA LEU A 57 8.61 20.01 -18.25
C LEU A 57 9.77 19.64 -17.32
N LYS A 58 10.89 20.36 -17.45
CA LYS A 58 12.05 20.09 -16.60
C LYS A 58 11.75 20.34 -15.12
N GLY A 59 11.07 21.45 -14.82
CA GLY A 59 10.73 21.77 -13.44
C GLY A 59 9.81 20.74 -12.78
N GLU A 60 8.80 20.27 -13.51
CA GLU A 60 7.92 19.21 -13.01
C GLU A 60 8.69 17.90 -12.76
N MET A 61 9.55 17.51 -13.70
CA MET A 61 10.42 16.35 -13.53
C MET A 61 11.25 16.47 -12.26
N MET A 62 11.96 17.58 -12.13
CA MET A 62 12.80 17.80 -10.95
C MET A 62 12.02 17.75 -9.62
N ASP A 63 10.83 18.36 -9.62
CA ASP A 63 9.99 18.40 -8.41
C ASP A 63 9.69 16.96 -7.98
N LEU A 64 9.28 16.15 -8.94
CA LEU A 64 8.99 14.74 -8.66
C LEU A 64 10.24 14.03 -8.15
N GLN A 65 11.37 14.25 -8.82
CA GLN A 65 12.64 13.58 -8.49
C GLN A 65 13.07 13.89 -7.08
N HIS A 66 12.83 15.13 -6.66
CA HIS A 66 13.19 15.51 -5.30
C HIS A 66 12.40 14.72 -4.26
N GLY A 67 11.28 14.13 -4.66
CA GLY A 67 10.50 13.29 -3.76
C GLY A 67 10.82 11.79 -3.85
N SER A 68 11.92 11.44 -4.53
CA SER A 68 12.33 10.05 -4.75
C SER A 68 12.46 9.20 -3.50
N LEU A 69 13.00 9.79 -2.44
CA LEU A 69 13.11 9.13 -1.16
C LEU A 69 11.77 8.55 -0.72
N PHE A 70 10.67 9.17 -1.10
CA PHE A 70 9.35 8.76 -0.63
C PHE A 70 8.59 7.88 -1.62
N LEU A 71 9.25 7.48 -2.70
CA LEU A 71 8.62 6.71 -3.76
C LEU A 71 9.36 5.39 -4.02
N ARG A 72 8.79 4.54 -4.89
CA ARG A 72 9.42 3.27 -5.26
C ARG A 72 9.49 3.16 -6.79
N THR A 73 9.73 4.29 -7.43
CA THR A 73 9.88 4.36 -8.87
C THR A 73 11.26 4.98 -9.11
N PRO A 74 12.25 4.14 -9.43
CA PRO A 74 13.64 4.61 -9.28
C PRO A 74 14.16 5.44 -10.44
N LYS A 75 13.36 5.59 -11.50
CA LYS A 75 13.82 6.37 -12.64
C LYS A 75 12.70 7.22 -13.19
N ILE A 76 12.91 8.52 -13.14
CA ILE A 76 11.95 9.48 -13.68
C ILE A 76 12.70 10.35 -14.66
N VAL A 77 12.24 10.37 -15.91
CA VAL A 77 12.91 11.13 -16.95
C VAL A 77 11.92 12.00 -17.72
N SER A 78 12.45 12.97 -18.45
CA SER A 78 11.60 13.85 -19.24
C SER A 78 12.35 14.37 -20.45
N GLY A 79 11.59 14.81 -21.45
CA GLY A 79 12.19 15.39 -22.62
C GLY A 79 11.16 15.76 -23.66
N LYS A 80 11.51 16.73 -24.51
CA LYS A 80 10.68 17.11 -25.65
C LYS A 80 10.81 16.03 -26.72
N ASP A 81 11.95 15.33 -26.71
CA ASP A 81 12.22 14.28 -27.69
C ASP A 81 11.67 12.93 -27.24
N TYR A 82 11.03 12.20 -28.14
CA TYR A 82 10.36 10.95 -27.74
C TYR A 82 11.32 9.79 -27.44
N ASN A 83 12.62 10.00 -27.63
CA ASN A 83 13.58 8.95 -27.30
C ASN A 83 13.50 8.60 -25.82
N VAL A 84 13.08 9.56 -25.00
CA VAL A 84 12.91 9.28 -23.57
C VAL A 84 11.76 8.34 -23.26
N THR A 85 10.87 8.11 -24.23
CA THR A 85 9.68 7.28 -24.02
C THR A 85 9.83 5.84 -24.50
N ALA A 86 11.02 5.52 -25.00
CA ALA A 86 11.28 4.21 -25.59
C ALA A 86 10.89 3.03 -24.68
N ASN A 87 10.27 2.01 -25.28
CA ASN A 87 9.87 0.79 -24.58
C ASN A 87 8.91 1.01 -23.40
N SER A 88 7.97 1.92 -23.56
CA SER A 88 6.89 2.07 -22.59
C SER A 88 5.84 0.99 -22.79
N LYS A 89 5.35 0.41 -21.70
CA LYS A 89 4.25 -0.54 -21.77
C LYS A 89 2.95 0.23 -22.00
N LEU A 90 2.87 1.41 -21.39
CA LEU A 90 1.66 2.21 -21.39
C LEU A 90 1.99 3.69 -21.65
N VAL A 91 1.29 4.29 -22.60
CA VAL A 91 1.51 5.68 -22.94
C VAL A 91 0.20 6.45 -22.81
N ILE A 92 0.20 7.39 -21.88
CA ILE A 92 -0.99 8.16 -21.53
C ILE A 92 -0.93 9.54 -22.17
N ILE A 93 -1.95 9.87 -22.95
CA ILE A 93 -1.95 11.13 -23.67
C ILE A 93 -2.91 12.09 -23.02
N THR A 94 -2.36 13.16 -22.44
CA THR A 94 -3.13 14.19 -21.76
C THR A 94 -2.87 15.56 -22.39
N ALA A 95 -2.23 15.56 -23.56
CA ALA A 95 -1.84 16.81 -24.21
C ALA A 95 -3.02 17.42 -24.93
N GLY A 96 -3.05 18.75 -24.98
CA GLY A 96 -3.96 19.41 -25.88
C GLY A 96 -4.45 20.74 -25.37
N ALA A 97 -5.55 21.20 -25.94
CA ALA A 97 -6.29 22.33 -25.41
C ALA A 97 -7.46 21.80 -24.57
N ARG A 98 -7.82 22.55 -23.52
CA ARG A 98 -8.94 22.20 -22.66
C ARG A 98 -9.98 23.31 -22.69
N SER A 104 -15.57 28.17 -30.89
CA SER A 104 -16.47 27.03 -31.04
C SER A 104 -15.81 25.72 -30.62
N ARG A 105 -16.38 24.61 -31.05
CA ARG A 105 -15.87 23.30 -30.66
C ARG A 105 -15.09 22.64 -31.78
N LEU A 106 -15.67 22.60 -32.98
CA LEU A 106 -15.06 21.89 -34.10
C LEU A 106 -13.62 22.31 -34.35
N ASN A 107 -13.36 23.61 -34.37
CA ASN A 107 -12.01 24.10 -34.55
C ASN A 107 -11.08 23.65 -33.41
N LEU A 108 -11.66 23.42 -32.23
CA LEU A 108 -10.88 22.94 -31.10
C LEU A 108 -10.49 21.48 -31.33
N VAL A 109 -11.45 20.69 -31.77
CA VAL A 109 -11.16 19.30 -32.09
C VAL A 109 -10.02 19.28 -33.10
N GLN A 110 -10.12 20.11 -34.13
CA GLN A 110 -9.09 20.13 -35.17
C GLN A 110 -7.74 20.54 -34.61
N ARG A 111 -7.73 21.43 -33.63
CA ARG A 111 -6.48 21.81 -32.98
C ARG A 111 -5.86 20.61 -32.24
N ASN A 112 -6.69 19.85 -31.54
CA ASN A 112 -6.17 18.69 -30.84
C ASN A 112 -5.79 17.55 -31.79
N VAL A 113 -6.48 17.47 -32.92
CA VAL A 113 -6.10 16.52 -33.96
C VAL A 113 -4.74 16.88 -34.55
N ASN A 114 -4.49 18.16 -34.79
CA ASN A 114 -3.20 18.60 -35.30
C ASN A 114 -2.08 18.24 -34.34
N ILE A 115 -2.39 18.34 -33.06
CA ILE A 115 -1.45 17.94 -32.01
C ILE A 115 -1.19 16.43 -32.08
N PHE A 116 -2.26 15.65 -32.26
CA PHE A 116 -2.12 14.19 -32.26
C PHE A 116 -1.31 13.72 -33.47
N LYS A 117 -1.43 14.44 -34.58
CA LYS A 117 -0.69 14.11 -35.80
C LYS A 117 0.82 14.11 -35.55
N PHE A 118 1.27 14.92 -34.59
CA PHE A 118 2.68 14.95 -34.24
C PHE A 118 3.01 13.94 -33.15
N ILE A 119 2.21 13.94 -32.08
CA ILE A 119 2.43 13.06 -30.95
C ILE A 119 2.38 11.56 -31.28
N ILE A 120 1.32 11.12 -31.93
CA ILE A 120 1.07 9.68 -32.07
C ILE A 120 2.17 8.95 -32.85
N PRO A 121 2.58 9.49 -34.00
CA PRO A 121 3.66 8.82 -34.75
C PRO A 121 4.96 8.72 -33.91
N ASN A 122 5.28 9.78 -33.17
CA ASN A 122 6.43 9.77 -32.28
C ASN A 122 6.33 8.69 -31.19
N VAL A 123 5.14 8.53 -30.62
CA VAL A 123 4.92 7.50 -29.60
C VAL A 123 5.14 6.12 -30.18
N VAL A 124 4.55 5.87 -31.35
CA VAL A 124 4.63 4.57 -32.00
C VAL A 124 6.06 4.21 -32.41
N LYS A 125 6.79 5.21 -32.87
CA LYS A 125 8.18 4.99 -33.28
C LYS A 125 9.02 4.41 -32.12
N TYR A 126 8.81 4.92 -30.91
CA TYR A 126 9.65 4.51 -29.77
C TYR A 126 9.08 3.38 -28.90
N SER A 127 7.77 3.20 -28.96
CA SER A 127 7.12 2.10 -28.27
C SER A 127 6.06 1.48 -29.16
N PRO A 128 6.49 0.79 -30.24
CA PRO A 128 5.48 0.29 -31.18
C PRO A 128 4.49 -0.70 -30.58
N ASN A 129 4.82 -1.30 -29.43
CA ASN A 129 3.92 -2.29 -28.82
C ASN A 129 3.20 -1.86 -27.54
N CYS A 130 3.22 -0.58 -27.24
CA CYS A 130 2.55 -0.08 -26.03
C CYS A 130 1.05 -0.12 -26.19
N LYS A 131 0.35 0.00 -25.07
CA LYS A 131 -1.05 0.37 -25.05
C LYS A 131 -1.11 1.89 -24.96
N LEU A 132 -2.04 2.48 -25.72
CA LEU A 132 -2.27 3.91 -25.68
C LEU A 132 -3.51 4.18 -24.86
N LEU A 133 -3.41 5.07 -23.89
CA LEU A 133 -4.58 5.49 -23.12
C LEU A 133 -4.79 6.98 -23.35
N ILE A 134 -5.88 7.32 -24.04
CA ILE A 134 -6.18 8.69 -24.44
C ILE A 134 -7.07 9.40 -23.41
N VAL A 135 -6.62 10.56 -22.93
CA VAL A 135 -7.37 11.33 -21.95
C VAL A 135 -7.83 12.66 -22.52
N SER A 136 -7.00 13.23 -23.40
CA SER A 136 -7.30 14.53 -24.03
C SER A 136 -8.73 14.58 -24.61
N ASN A 137 -9.38 15.74 -24.46
CA ASN A 137 -10.73 15.95 -25.01
C ASN A 137 -10.74 16.54 -26.41
N PRO A 138 -11.80 16.24 -27.20
CA PRO A 138 -12.91 15.37 -26.77
C PRO A 138 -12.47 13.90 -26.84
N VAL A 139 -12.57 13.20 -25.71
CA VAL A 139 -11.84 11.94 -25.54
C VAL A 139 -12.26 10.81 -26.50
N ASP A 140 -13.55 10.65 -26.72
CA ASP A 140 -14.04 9.60 -27.63
C ASP A 140 -13.57 9.84 -29.06
N ILE A 141 -13.66 11.09 -29.51
CA ILE A 141 -13.20 11.46 -30.84
C ILE A 141 -11.67 11.31 -30.97
N LEU A 142 -10.93 11.77 -29.95
CA LEU A 142 -9.47 11.68 -29.99
C LEU A 142 -8.97 10.25 -29.86
N THR A 143 -9.75 9.38 -29.23
CA THR A 143 -9.35 7.97 -29.15
C THR A 143 -9.42 7.35 -30.55
N TYR A 144 -10.44 7.72 -31.31
CA TYR A 144 -10.56 7.27 -32.70
C TYR A 144 -9.41 7.83 -33.53
N VAL A 145 -9.09 9.09 -33.32
CA VAL A 145 -7.98 9.72 -34.03
C VAL A 145 -6.67 8.99 -33.72
N ALA A 146 -6.39 8.73 -32.45
CA ALA A 146 -5.17 8.01 -32.09
C ALA A 146 -5.15 6.59 -32.69
N TRP A 147 -6.32 5.98 -32.75
CA TRP A 147 -6.44 4.65 -33.36
C TRP A 147 -6.08 4.72 -34.83
N LYS A 148 -6.70 5.64 -35.56
CA LYS A 148 -6.42 5.76 -36.99
C LYS A 148 -4.97 6.14 -37.27
N ILE A 149 -4.43 7.10 -36.51
CA ILE A 149 -3.06 7.51 -36.78
C ILE A 149 -2.04 6.41 -36.43
N SER A 150 -2.20 5.80 -35.26
CA SER A 150 -1.23 4.81 -34.79
C SER A 150 -1.22 3.57 -35.65
N GLY A 151 -2.38 3.22 -36.19
CA GLY A 151 -2.53 1.98 -36.92
C GLY A 151 -2.53 0.78 -35.99
N PHE A 152 -2.67 1.03 -34.68
CA PHE A 152 -2.75 -0.06 -33.70
C PHE A 152 -4.04 -0.86 -33.84
N PRO A 153 -4.02 -2.12 -33.38
CA PRO A 153 -5.25 -2.89 -33.23
C PRO A 153 -6.11 -2.28 -32.12
N LYS A 154 -7.42 -2.41 -32.23
CA LYS A 154 -8.33 -1.69 -31.32
C LYS A 154 -8.15 -2.05 -29.83
N ASN A 155 -7.67 -3.26 -29.55
CA ASN A 155 -7.42 -3.63 -28.15
C ASN A 155 -6.37 -2.76 -27.46
N ARG A 156 -5.45 -2.19 -28.23
CA ARG A 156 -4.36 -1.38 -27.65
C ARG A 156 -4.63 0.12 -27.63
N VAL A 157 -5.85 0.54 -27.98
CA VAL A 157 -6.18 1.96 -27.95
C VAL A 157 -7.42 2.17 -27.10
N ILE A 158 -7.23 2.87 -25.97
CA ILE A 158 -8.25 2.95 -24.94
C ILE A 158 -8.49 4.41 -24.61
N GLY A 159 -9.75 4.81 -24.54
CA GLY A 159 -10.06 6.16 -24.09
C GLY A 159 -10.49 6.13 -22.64
N SER A 160 -10.05 7.09 -21.83
CA SER A 160 -10.47 7.07 -20.43
C SER A 160 -12.00 7.14 -20.32
N GLY A 161 -12.65 7.76 -21.31
CA GLY A 161 -14.08 7.61 -21.49
C GLY A 161 -14.92 7.92 -20.26
N CYS A 162 -15.82 7.00 -19.90
CA CYS A 162 -16.74 7.22 -18.77
C CYS A 162 -16.24 6.63 -17.44
N ASN A 163 -14.95 6.35 -17.32
CA ASN A 163 -14.45 5.88 -16.03
C ASN A 163 -14.67 6.96 -14.98
N LEU A 164 -14.40 8.20 -15.36
CA LEU A 164 -14.54 9.31 -14.43
C LEU A 164 -16.02 9.60 -14.17
N ASP A 165 -16.82 9.58 -15.23
CA ASP A 165 -18.25 9.85 -15.10
C ASP A 165 -18.89 8.84 -14.15
N SER A 166 -18.51 7.57 -14.29
CA SER A 166 -19.04 6.52 -13.41
C SER A 166 -18.55 6.67 -11.96
N ALA A 167 -17.32 7.17 -11.78
CA ALA A 167 -16.81 7.40 -10.43
C ALA A 167 -17.60 8.52 -9.76
N ARG A 168 -17.89 9.57 -10.52
CA ARG A 168 -18.69 10.66 -10.00
C ARG A 168 -20.07 10.14 -9.61
N PHE A 169 -20.65 9.33 -10.48
CA PHE A 169 -22.00 8.82 -10.25
C PHE A 169 -22.04 7.97 -8.99
N ARG A 170 -21.01 7.15 -8.77
CA ARG A 170 -20.96 6.30 -7.59
C ARG A 170 -20.67 7.10 -6.33
N TYR A 171 -19.88 8.17 -6.46
CA TYR A 171 -19.69 9.08 -5.34
C TYR A 171 -21.04 9.69 -4.93
N LEU A 172 -21.82 10.17 -5.90
CA LEU A 172 -23.11 10.80 -5.61
C LEU A 172 -24.13 9.80 -5.03
N MET A 173 -24.13 8.60 -5.59
CA MET A 173 -24.98 7.53 -5.10
CA MET A 173 -24.93 7.49 -5.10
C MET A 173 -24.64 7.18 -3.64
N GLY A 174 -23.36 7.09 -3.33
CA GLY A 174 -22.94 6.74 -1.98
C GLY A 174 -23.32 7.82 -1.01
N GLU A 175 -23.23 9.07 -1.46
CA GLU A 175 -23.66 10.20 -0.62
C GLU A 175 -25.15 10.08 -0.30
N ARG A 176 -25.96 9.78 -1.31
CA ARG A 176 -27.40 9.64 -1.08
C ARG A 176 -27.73 8.51 -0.12
N LEU A 177 -27.03 7.39 -0.26
CA LEU A 177 -27.38 6.18 0.46
C LEU A 177 -26.62 5.97 1.77
N GLY A 178 -25.57 6.76 1.99
CA GLY A 178 -24.74 6.62 3.18
C GLY A 178 -23.92 5.34 3.15
N VAL A 179 -23.36 5.04 1.98
CA VAL A 179 -22.58 3.83 1.77
C VAL A 179 -21.34 4.23 0.96
N HIS A 180 -20.21 3.58 1.23
CA HIS A 180 -19.00 3.92 0.49
C HIS A 180 -19.22 3.65 -1.01
N PRO A 181 -18.66 4.52 -1.87
CA PRO A 181 -18.78 4.36 -3.33
C PRO A 181 -18.37 2.97 -3.82
N LEU A 182 -17.40 2.35 -3.15
CA LEU A 182 -16.95 1.01 -3.53
C LEU A 182 -18.09 0.00 -3.51
N SER A 183 -19.07 0.22 -2.62
CA SER A 183 -20.19 -0.69 -2.45
C SER A 183 -21.44 -0.26 -3.22
N CYS A 184 -21.38 0.93 -3.83
CA CYS A 184 -22.49 1.46 -4.62
C CYS A 184 -22.17 1.29 -6.10
N HIS A 185 -22.88 0.38 -6.75
CA HIS A 185 -22.57 0.04 -8.13
C HIS A 185 -23.53 0.71 -9.10
N GLY A 186 -22.97 1.24 -10.18
CA GLY A 186 -23.75 1.92 -11.20
C GLY A 186 -22.84 2.30 -12.36
N TRP A 187 -23.39 2.24 -13.57
CA TRP A 187 -22.61 2.42 -14.77
C TRP A 187 -23.09 3.58 -15.62
N VAL A 188 -22.17 4.50 -15.92
CA VAL A 188 -22.45 5.55 -16.89
C VAL A 188 -21.69 5.24 -18.18
N LEU A 189 -22.43 5.10 -19.28
CA LEU A 189 -21.86 4.63 -20.56
C LEU A 189 -22.05 5.60 -21.73
N GLY A 190 -21.53 5.24 -22.91
CA GLY A 190 -21.66 6.07 -24.09
C GLY A 190 -20.60 7.15 -24.18
N GLU A 191 -21.00 8.36 -24.54
CA GLU A 191 -20.06 9.47 -24.66
C GLU A 191 -19.67 9.99 -23.29
N HIS A 192 -18.41 10.33 -23.15
CA HIS A 192 -17.97 11.10 -21.99
C HIS A 192 -18.71 12.44 -21.98
N GLY A 193 -19.04 12.95 -20.80
CA GLY A 193 -19.61 14.28 -20.68
C GLY A 193 -21.10 14.40 -20.96
N ASP A 194 -21.47 15.43 -21.71
CA ASP A 194 -22.87 15.84 -21.88
C ASP A 194 -23.85 14.73 -22.22
N SER A 195 -23.47 13.83 -23.12
CA SER A 195 -24.45 12.88 -23.67
C SER A 195 -24.36 11.47 -23.07
N SER A 196 -23.59 11.33 -21.99
CA SER A 196 -23.47 10.03 -21.34
C SER A 196 -24.83 9.49 -20.90
N VAL A 197 -24.87 8.19 -20.66
CA VAL A 197 -26.11 7.48 -20.38
C VAL A 197 -26.01 6.69 -19.08
N PRO A 198 -26.83 7.06 -18.08
CA PRO A 198 -26.87 6.33 -16.82
C PRO A 198 -27.72 5.06 -16.99
N VAL A 199 -27.12 3.91 -16.72
CA VAL A 199 -27.83 2.66 -16.93
C VAL A 199 -28.57 2.26 -15.66
N TRP A 200 -29.82 2.72 -15.56
CA TRP A 200 -30.59 2.57 -14.32
C TRP A 200 -30.74 1.11 -13.88
N SER A 201 -30.84 0.21 -14.86
CA SER A 201 -31.09 -1.21 -14.59
C SER A 201 -29.96 -1.89 -13.82
N GLY A 202 -28.77 -1.32 -13.88
CA GLY A 202 -27.62 -1.92 -13.23
C GLY A 202 -27.22 -1.30 -11.91
N MET A 203 -27.92 -0.24 -11.51
CA MET A 203 -27.64 0.42 -10.23
C MET A 203 -28.09 -0.45 -9.07
N ASN A 204 -27.17 -0.79 -8.18
CA ASN A 204 -27.46 -1.76 -7.14
C ASN A 204 -26.50 -1.66 -5.97
N VAL A 205 -26.94 -2.16 -4.81
CA VAL A 205 -26.06 -2.34 -3.67
C VAL A 205 -26.24 -3.77 -3.25
N ALA A 206 -25.12 -4.46 -3.04
CA ALA A 206 -25.13 -5.87 -2.68
C ALA A 206 -25.99 -6.72 -3.62
N GLY A 207 -26.03 -6.35 -4.90
CA GLY A 207 -26.77 -7.10 -5.89
C GLY A 207 -28.26 -6.80 -5.86
N VAL A 208 -28.67 -5.89 -4.99
CA VAL A 208 -30.09 -5.49 -4.94
C VAL A 208 -30.36 -4.34 -5.90
N SER A 209 -31.13 -4.61 -6.95
CA SER A 209 -31.41 -3.63 -7.98
C SER A 209 -32.30 -2.51 -7.45
N LEU A 210 -31.84 -1.27 -7.56
CA LEU A 210 -32.65 -0.16 -7.11
C LEU A 210 -33.86 -0.03 -8.04
N LYS A 211 -33.65 -0.31 -9.31
CA LYS A 211 -34.74 -0.21 -10.29
C LYS A 211 -35.86 -1.19 -10.00
N THR A 212 -35.50 -2.36 -9.44
CA THR A 212 -36.53 -3.35 -9.10
C THR A 212 -37.27 -2.96 -7.82
N LEU A 213 -36.54 -2.37 -6.88
CA LEU A 213 -37.17 -1.86 -5.66
C LEU A 213 -38.01 -0.64 -5.96
N HIS A 214 -37.53 0.18 -6.89
CA HIS A 214 -38.11 1.50 -7.16
C HIS A 214 -38.26 1.66 -8.67
N PRO A 215 -39.34 1.09 -9.24
CA PRO A 215 -39.57 1.09 -10.69
C PRO A 215 -39.40 2.46 -11.35
N ASP A 216 -39.82 3.52 -10.66
CA ASP A 216 -39.71 4.87 -11.19
C ASP A 216 -38.26 5.38 -11.28
N LEU A 217 -37.31 4.58 -10.80
CA LEU A 217 -35.92 5.01 -10.75
C LEU A 217 -35.46 5.61 -12.06
N GLY A 218 -35.09 6.89 -12.02
CA GLY A 218 -34.49 7.56 -13.16
C GLY A 218 -35.48 8.04 -14.19
N THR A 219 -36.77 7.95 -13.90
CA THR A 219 -37.78 8.44 -14.82
C THR A 219 -38.22 9.83 -14.42
N ASP A 220 -39.01 10.46 -15.28
CA ASP A 220 -39.52 11.81 -15.02
C ASP A 220 -40.43 11.82 -13.80
N LYS A 221 -41.14 10.72 -13.56
CA LYS A 221 -42.17 10.68 -12.51
C LYS A 221 -41.62 10.31 -11.14
N ASP A 222 -40.37 9.86 -11.13
CA ASP A 222 -39.66 9.49 -9.91
C ASP A 222 -39.86 10.53 -8.80
N LYS A 223 -40.55 10.14 -7.73
CA LYS A 223 -40.75 11.04 -6.59
C LYS A 223 -39.43 11.52 -5.99
N GLU A 224 -38.37 10.75 -6.17
CA GLU A 224 -37.06 11.09 -5.61
C GLU A 224 -36.09 11.69 -6.64
N GLN A 225 -36.55 11.81 -7.89
CA GLN A 225 -35.75 12.39 -8.95
C GLN A 225 -34.30 11.90 -8.94
N TRP A 226 -34.12 10.60 -9.08
CA TRP A 226 -32.77 10.07 -9.18
C TRP A 226 -32.09 10.51 -10.47
N LYS A 227 -32.88 10.91 -11.46
CA LYS A 227 -32.29 11.48 -12.67
C LYS A 227 -31.37 12.66 -12.37
N GLU A 228 -31.64 13.37 -11.28
CA GLU A 228 -30.82 14.51 -10.90
C GLU A 228 -29.39 14.09 -10.56
N VAL A 229 -29.22 12.85 -10.12
CA VAL A 229 -27.90 12.33 -9.84
C VAL A 229 -27.06 12.32 -11.11
N HIS A 230 -27.63 11.84 -12.21
CA HIS A 230 -26.88 11.85 -13.46
C HIS A 230 -26.73 13.28 -13.98
N LYS A 231 -27.75 14.11 -13.76
CA LYS A 231 -27.64 15.53 -14.09
C LYS A 231 -26.41 16.13 -13.41
N GLN A 232 -26.24 15.80 -12.12
CA GLN A 232 -25.09 16.30 -11.36
C GLN A 232 -23.78 15.77 -11.92
N VAL A 233 -23.80 14.52 -12.36
CA VAL A 233 -22.61 13.93 -12.97
C VAL A 233 -22.16 14.78 -14.15
N VAL A 234 -23.12 15.20 -14.95
CA VAL A 234 -22.83 16.06 -16.10
C VAL A 234 -22.44 17.46 -15.64
N GLU A 235 -23.28 18.06 -14.80
CA GLU A 235 -23.07 19.45 -14.42
C GLU A 235 -21.84 19.67 -13.52
N SER A 236 -21.57 18.72 -12.63
CA SER A 236 -20.44 18.86 -11.70
C SER A 236 -19.10 19.02 -12.43
N ALA A 237 -18.99 18.42 -13.60
CA ALA A 237 -17.81 18.56 -14.43
C ALA A 237 -17.59 20.04 -14.79
N TYR A 238 -18.66 20.70 -15.19
CA TYR A 238 -18.60 22.12 -15.52
C TYR A 238 -18.37 22.97 -14.27
N GLU A 239 -19.01 22.59 -13.18
CA GLU A 239 -18.91 23.38 -11.96
C GLU A 239 -17.47 23.41 -11.42
N VAL A 240 -16.80 22.25 -11.43
CA VAL A 240 -15.41 22.18 -10.99
C VAL A 240 -14.53 23.09 -11.83
N ILE A 241 -14.69 23.04 -13.14
CA ILE A 241 -13.93 23.90 -14.03
C ILE A 241 -14.20 25.37 -13.71
N LYS A 242 -15.48 25.68 -13.50
CA LYS A 242 -15.87 27.04 -13.16
C LYS A 242 -15.24 27.46 -11.81
N LEU A 243 -15.18 26.53 -10.87
CA LEU A 243 -14.75 26.88 -9.51
C LEU A 243 -13.24 27.00 -9.35
N LYS A 244 -12.49 25.99 -9.82
CA LYS A 244 -11.04 26.01 -9.70
C LYS A 244 -10.32 26.23 -11.03
N GLY A 245 -11.05 26.24 -12.14
CA GLY A 245 -10.48 26.55 -13.43
C GLY A 245 -10.21 25.36 -14.34
N TYR A 246 -10.27 24.15 -13.77
CA TYR A 246 -9.92 22.93 -14.47
C TYR A 246 -10.18 21.76 -13.52
N THR A 247 -10.07 20.53 -14.01
CA THR A 247 -10.16 19.37 -13.13
C THR A 247 -8.88 18.55 -13.23
N SER A 248 -8.49 17.94 -12.13
CA SER A 248 -7.19 17.29 -12.12
C SER A 248 -7.17 16.06 -11.23
N TRP A 249 -7.51 16.22 -9.95
CA TRP A 249 -7.37 15.11 -9.01
C TRP A 249 -8.20 13.88 -9.37
N ALA A 250 -9.50 14.07 -9.65
CA ALA A 250 -10.36 12.92 -9.93
C ALA A 250 -9.93 12.17 -11.19
N ILE A 251 -9.62 12.91 -12.25
CA ILE A 251 -9.18 12.25 -13.49
C ILE A 251 -7.83 11.55 -13.31
N GLY A 252 -6.93 12.15 -12.54
CA GLY A 252 -5.65 11.54 -12.23
C GLY A 252 -5.82 10.19 -11.53
N LEU A 253 -6.71 10.16 -10.53
CA LEU A 253 -6.99 8.93 -9.80
C LEU A 253 -7.66 7.89 -10.70
N SER A 254 -8.61 8.33 -11.52
CA SER A 254 -9.29 7.42 -12.43
CA SER A 254 -9.30 7.45 -12.46
C SER A 254 -8.30 6.80 -13.42
N VAL A 255 -7.41 7.61 -13.96
CA VAL A 255 -6.41 7.11 -14.90
C VAL A 255 -5.46 6.12 -14.22
N ALA A 256 -5.05 6.43 -12.99
CA ALA A 256 -4.17 5.51 -12.27
C ALA A 256 -4.86 4.15 -12.03
N ASP A 257 -6.16 4.18 -11.76
CA ASP A 257 -6.94 2.93 -11.63
C ASP A 257 -6.91 2.09 -12.92
N LEU A 258 -7.11 2.73 -14.06
CA LEU A 258 -7.01 2.03 -15.35
C LEU A 258 -5.59 1.49 -15.53
N ALA A 259 -4.61 2.33 -15.25
CA ALA A 259 -3.22 1.92 -15.43
C ALA A 259 -2.94 0.71 -14.55
N GLU A 260 -3.52 0.67 -13.36
CA GLU A 260 -3.28 -0.44 -12.46
C GLU A 260 -3.76 -1.77 -13.09
N SER A 261 -4.96 -1.78 -13.66
CA SER A 261 -5.46 -3.00 -14.29
C SER A 261 -4.58 -3.43 -15.47
N ILE A 262 -4.15 -2.45 -16.26
CA ILE A 262 -3.31 -2.73 -17.41
C ILE A 262 -1.93 -3.28 -17.00
N MET A 263 -1.23 -2.54 -16.14
CA MET A 263 0.13 -2.92 -15.75
C MET A 263 0.19 -4.23 -14.98
N LYS A 264 -0.85 -4.54 -14.21
CA LYS A 264 -0.82 -5.72 -13.34
C LYS A 264 -1.67 -6.86 -13.93
N ASN A 265 -2.11 -6.68 -15.17
CA ASN A 265 -2.95 -7.65 -15.87
C ASN A 265 -4.11 -8.15 -15.02
N LEU A 266 -4.84 -7.23 -14.39
CA LEU A 266 -5.89 -7.64 -13.44
C LEU A 266 -7.15 -8.22 -14.09
N ARG A 267 -7.48 -7.73 -15.29
CA ARG A 267 -8.75 -8.10 -15.94
C ARG A 267 -9.95 -7.72 -15.08
N ARG A 268 -9.91 -6.51 -14.50
CA ARG A 268 -11.10 -5.91 -13.90
C ARG A 268 -11.90 -5.27 -15.02
N VAL A 269 -13.14 -4.96 -14.72
CA VAL A 269 -14.03 -4.34 -15.71
C VAL A 269 -14.17 -2.84 -15.44
N HIS A 270 -13.91 -2.04 -16.46
CA HIS A 270 -13.98 -0.59 -16.36
C HIS A 270 -14.79 -0.05 -17.53
N PRO A 271 -15.53 1.04 -17.31
CA PRO A 271 -16.19 1.70 -18.44
C PRO A 271 -15.20 2.65 -19.11
N VAL A 272 -14.70 2.24 -20.27
CA VAL A 272 -13.73 3.03 -21.02
C VAL A 272 -14.15 3.04 -22.48
N SER A 273 -13.61 3.99 -23.23
CA SER A 273 -13.99 4.14 -24.62
CA SER A 273 -13.95 4.18 -24.64
C SER A 273 -13.28 3.13 -25.50
N THR A 274 -14.06 2.43 -26.31
CA THR A 274 -13.54 1.38 -27.17
C THR A 274 -14.33 1.37 -28.49
N MET A 275 -13.72 0.80 -29.52
CA MET A 275 -14.36 0.75 -30.83
C MET A 275 -15.62 -0.10 -30.73
N ILE A 276 -16.76 0.52 -30.95
CA ILE A 276 -18.03 -0.13 -30.64
C ILE A 276 -18.80 -0.57 -31.89
N LYS A 277 -18.19 -0.41 -33.05
CA LYS A 277 -18.81 -0.85 -34.31
C LYS A 277 -19.21 -2.31 -34.16
N GLY A 278 -20.47 -2.62 -34.49
CA GLY A 278 -20.99 -3.96 -34.30
C GLY A 278 -22.08 -4.04 -33.24
N LEU A 279 -22.08 -3.11 -32.28
CA LEU A 279 -23.07 -3.12 -31.20
C LEU A 279 -24.19 -2.08 -31.35
N TYR A 280 -25.37 -2.45 -30.83
CA TYR A 280 -26.48 -1.51 -30.70
C TYR A 280 -26.86 -0.82 -32.00
N GLY A 281 -26.79 -1.55 -33.10
CA GLY A 281 -27.17 -0.99 -34.40
C GLY A 281 -26.15 0.01 -34.90
N ILE A 282 -25.03 0.12 -34.20
CA ILE A 282 -23.95 1.04 -34.59
C ILE A 282 -23.04 0.41 -35.63
N LYS A 283 -22.87 1.11 -36.75
CA LYS A 283 -22.15 0.56 -37.88
C LYS A 283 -21.05 1.49 -38.37
N ASP A 284 -20.63 2.43 -37.53
CA ASP A 284 -19.54 3.34 -37.86
C ASP A 284 -18.37 3.15 -36.91
N ASP A 285 -17.16 3.48 -37.37
CA ASP A 285 -15.97 3.42 -36.53
C ASP A 285 -16.02 4.53 -35.50
N VAL A 286 -16.70 4.28 -34.39
CA VAL A 286 -16.71 5.22 -33.30
C VAL A 286 -16.39 4.51 -32.00
N PHE A 287 -15.87 5.29 -31.06
CA PHE A 287 -15.49 4.82 -29.75
C PHE A 287 -16.45 5.38 -28.72
N LEU A 288 -17.04 4.49 -27.92
CA LEU A 288 -17.96 4.86 -26.86
C LEU A 288 -17.62 3.97 -25.69
N SER A 289 -17.94 4.44 -24.49
CA SER A 289 -17.67 3.65 -23.30
C SER A 289 -18.68 2.53 -23.09
N VAL A 290 -18.15 1.32 -22.96
CA VAL A 290 -18.89 0.19 -22.45
C VAL A 290 -17.97 -0.47 -21.42
N PRO A 291 -18.50 -1.41 -20.63
CA PRO A 291 -17.61 -2.01 -19.64
C PRO A 291 -16.60 -2.93 -20.31
N CYS A 292 -15.31 -2.69 -20.10
CA CYS A 292 -14.28 -3.47 -20.76
C CYS A 292 -13.41 -4.20 -19.75
N ILE A 293 -12.95 -5.38 -20.12
CA ILE A 293 -11.96 -6.11 -19.31
C ILE A 293 -10.58 -5.61 -19.69
N LEU A 294 -9.86 -5.07 -18.72
CA LEU A 294 -8.55 -4.46 -18.96
C LEU A 294 -7.44 -5.32 -18.39
N GLY A 295 -6.40 -5.54 -19.20
CA GLY A 295 -5.26 -6.33 -18.78
C GLY A 295 -4.01 -5.97 -19.59
N GLN A 296 -3.05 -6.87 -19.60
CA GLN A 296 -1.74 -6.58 -20.18
C GLN A 296 -1.81 -6.32 -21.68
N ASN A 297 -2.89 -6.79 -22.32
CA ASN A 297 -3.09 -6.55 -23.75
C ASN A 297 -4.13 -5.48 -24.05
N GLY A 298 -4.38 -4.60 -23.07
CA GLY A 298 -5.36 -3.55 -23.21
C GLY A 298 -6.76 -4.08 -23.02
N ILE A 299 -7.64 -3.78 -23.95
CA ILE A 299 -9.01 -4.29 -23.89
C ILE A 299 -9.08 -5.62 -24.61
N SER A 300 -9.23 -6.70 -23.85
CA SER A 300 -9.26 -8.05 -24.43
C SER A 300 -10.68 -8.53 -24.69
N ASP A 301 -11.63 -7.96 -23.94
CA ASP A 301 -13.01 -8.40 -23.97
C ASP A 301 -13.89 -7.23 -23.55
N LEU A 302 -15.15 -7.25 -23.95
CA LEU A 302 -16.08 -6.26 -23.40
C LEU A 302 -17.39 -6.90 -22.99
N VAL A 303 -18.06 -6.27 -22.03
CA VAL A 303 -19.33 -6.77 -21.55
C VAL A 303 -20.43 -6.23 -22.44
N LYS A 304 -21.35 -7.11 -22.84
CA LYS A 304 -22.49 -6.68 -23.62
C LYS A 304 -23.63 -6.36 -22.67
N VAL A 305 -23.79 -5.08 -22.34
CA VAL A 305 -24.83 -4.65 -21.42
C VAL A 305 -26.17 -4.66 -22.13
N THR A 306 -27.19 -5.24 -21.51
CA THR A 306 -28.53 -5.18 -22.06
C THR A 306 -29.07 -3.77 -21.81
N LEU A 307 -29.39 -3.07 -22.90
CA LEU A 307 -29.89 -1.71 -22.82
C LEU A 307 -31.38 -1.64 -23.22
N THR A 308 -32.11 -0.69 -22.65
CA THR A 308 -33.49 -0.46 -23.08
C THR A 308 -33.51 0.15 -24.47
N SER A 309 -34.69 0.30 -25.06
CA SER A 309 -34.82 0.93 -26.35
C SER A 309 -34.28 2.36 -26.32
N GLU A 310 -34.68 3.12 -25.30
CA GLU A 310 -34.22 4.49 -25.16
C GLU A 310 -32.70 4.55 -24.98
N GLU A 311 -32.15 3.64 -24.19
CA GLU A 311 -30.70 3.65 -23.97
C GLU A 311 -29.94 3.36 -25.28
N GLU A 312 -30.40 2.36 -26.03
CA GLU A 312 -29.78 2.04 -27.31
CA GLU A 312 -29.79 2.03 -27.32
C GLU A 312 -29.88 3.21 -28.28
N ALA A 313 -31.05 3.86 -28.32
CA ALA A 313 -31.24 5.01 -29.19
C ALA A 313 -30.23 6.13 -28.87
N ARG A 314 -29.98 6.37 -27.59
CA ARG A 314 -29.05 7.42 -27.18
C ARG A 314 -27.62 7.12 -27.64
N LEU A 315 -27.19 5.86 -27.52
CA LEU A 315 -25.87 5.48 -28.01
C LEU A 315 -25.77 5.63 -29.52
N LYS A 316 -26.82 5.22 -30.21
CA LYS A 316 -26.87 5.35 -31.66
C LYS A 316 -26.76 6.81 -32.06
N LYS A 317 -27.48 7.68 -31.36
CA LYS A 317 -27.46 9.11 -31.66
C LYS A 317 -26.05 9.66 -31.46
N SER A 318 -25.39 9.23 -30.39
CA SER A 318 -24.01 9.63 -30.14
C SER A 318 -23.09 9.18 -31.27
N ALA A 319 -23.17 7.91 -31.63
CA ALA A 319 -22.37 7.38 -32.72
C ALA A 319 -22.53 8.24 -33.98
N ASP A 320 -23.78 8.52 -34.36
CA ASP A 320 -24.06 9.33 -35.53
C ASP A 320 -23.39 10.70 -35.46
N THR A 321 -23.50 11.34 -34.31
CA THR A 321 -22.90 12.66 -34.09
C THR A 321 -21.38 12.59 -34.18
N LEU A 322 -20.78 11.64 -33.47
CA LEU A 322 -19.33 11.45 -33.50
C LEU A 322 -18.83 11.18 -34.91
N TRP A 323 -19.50 10.27 -35.61
CA TRP A 323 -19.08 9.96 -36.97
C TRP A 323 -19.19 11.22 -37.84
N GLY A 324 -20.27 11.97 -37.67
CA GLY A 324 -20.46 13.21 -38.39
C GLY A 324 -19.27 14.14 -38.25
N ILE A 325 -18.80 14.31 -37.02
CA ILE A 325 -17.60 15.11 -36.82
C ILE A 325 -16.38 14.41 -37.41
N GLN A 326 -16.26 13.12 -37.15
CA GLN A 326 -15.05 12.39 -37.54
C GLN A 326 -14.77 12.39 -39.05
N LYS A 327 -15.82 12.25 -39.87
CA LYS A 327 -15.65 12.13 -41.31
C LYS A 327 -15.27 13.45 -41.99
N GLU A 328 -15.10 14.51 -41.18
CA GLU A 328 -14.70 15.81 -41.70
C GLU A 328 -13.30 16.19 -41.21
N LEU A 329 -12.80 15.46 -40.22
CA LEU A 329 -11.48 15.76 -39.67
C LEU A 329 -10.39 15.58 -40.72
N GLN A 330 -9.40 16.47 -40.68
CA GLN A 330 -8.29 16.41 -41.63
C GLN A 330 -7.06 15.75 -41.01
N PHE A 331 -6.76 14.54 -41.47
CA PHE A 331 -5.63 13.77 -40.96
C PHE A 331 -4.33 14.11 -41.69
N ALA B 1 -42.30 5.08 2.71
CA ALA B 1 -40.96 4.51 2.71
C ALA B 1 -40.18 4.94 1.47
N THR B 2 -39.03 5.59 1.70
CA THR B 2 -38.15 6.00 0.61
C THR B 2 -37.37 4.81 0.08
N LEU B 3 -36.69 5.00 -1.05
CA LEU B 3 -35.85 3.93 -1.59
C LEU B 3 -34.78 3.56 -0.58
N LYS B 4 -34.16 4.56 0.01
CA LYS B 4 -33.10 4.31 0.98
C LYS B 4 -33.63 3.42 2.12
N ASP B 5 -34.82 3.76 2.63
CA ASP B 5 -35.45 2.99 3.70
C ASP B 5 -35.86 1.58 3.24
N GLN B 6 -36.24 1.42 1.98
CA GLN B 6 -36.59 0.11 1.48
C GLN B 6 -35.33 -0.76 1.41
N LEU B 7 -34.24 -0.13 1.01
CA LEU B 7 -33.00 -0.84 0.74
C LEU B 7 -32.22 -1.16 2.02
N ILE B 8 -32.24 -0.24 2.98
CA ILE B 8 -31.34 -0.29 4.13
C ILE B 8 -32.09 -0.16 5.44
N TYR B 9 -31.91 -1.13 6.33
CA TYR B 9 -32.43 -1.03 7.68
C TYR B 9 -31.37 -0.48 8.61
N ASN B 10 -31.71 0.59 9.31
CA ASN B 10 -30.78 1.25 10.22
C ASN B 10 -30.83 0.65 11.63
N LEU B 11 -29.69 0.21 12.15
CA LEU B 11 -29.64 -0.32 13.52
C LEU B 11 -29.59 0.78 14.56
N LEU B 12 -28.84 1.84 14.26
CA LEU B 12 -28.76 3.01 15.11
C LEU B 12 -28.15 4.20 14.35
N LYS B 13 -28.50 5.41 14.77
CA LYS B 13 -28.00 6.62 14.12
C LYS B 13 -27.03 7.39 15.02
N GLU B 14 -27.18 8.70 15.02
CA GLU B 14 -26.30 9.58 15.77
C GLU B 14 -24.87 9.51 15.25
N GLU B 15 -24.25 10.67 15.09
CA GLU B 15 -22.94 10.77 14.47
C GLU B 15 -21.84 10.42 15.48
N GLN B 16 -20.69 9.99 14.96
CA GLN B 16 -19.52 9.86 15.79
C GLN B 16 -18.39 10.69 15.21
N THR B 17 -17.46 11.11 16.06
CA THR B 17 -16.34 11.88 15.62
C THR B 17 -15.41 11.01 14.77
N PRO B 18 -14.64 11.62 13.86
CA PRO B 18 -13.61 10.86 13.15
C PRO B 18 -12.46 10.49 14.09
N GLN B 19 -11.80 9.38 13.79
CA GLN B 19 -10.69 8.87 14.60
C GLN B 19 -9.33 9.47 14.20
N ASN B 20 -9.22 9.87 12.93
CA ASN B 20 -7.94 10.29 12.38
C ASN B 20 -8.13 11.42 11.40
N LYS B 21 -8.66 12.53 11.89
CA LYS B 21 -8.96 13.66 11.02
C LYS B 21 -7.75 14.52 10.80
N ILE B 22 -7.55 14.92 9.55
CA ILE B 22 -6.49 15.84 9.21
C ILE B 22 -7.12 17.04 8.52
N THR B 23 -6.65 18.23 8.89
CA THR B 23 -7.03 19.46 8.21
C THR B 23 -5.84 20.01 7.44
N VAL B 24 -6.09 20.50 6.23
CA VAL B 24 -5.09 21.26 5.49
C VAL B 24 -5.58 22.68 5.33
N VAL B 25 -4.78 23.64 5.79
CA VAL B 25 -5.15 25.06 5.64
C VAL B 25 -4.36 25.65 4.48
N GLY B 26 -5.09 26.20 3.51
CA GLY B 26 -4.51 26.66 2.25
C GLY B 26 -4.63 25.58 1.18
N VAL B 27 -5.42 25.83 0.14
CA VAL B 27 -5.60 24.83 -0.91
C VAL B 27 -4.90 25.25 -2.20
N GLY B 28 -3.75 25.87 -2.05
CA GLY B 28 -2.95 26.24 -3.21
C GLY B 28 -2.13 25.04 -3.64
N ALA B 29 -1.03 25.31 -4.36
CA ALA B 29 -0.25 24.23 -4.96
C ALA B 29 0.28 23.28 -3.88
N VAL B 30 0.77 23.85 -2.79
CA VAL B 30 1.33 23.05 -1.69
C VAL B 30 0.25 22.30 -0.92
N GLY B 31 -0.81 23.01 -0.51
CA GLY B 31 -1.87 22.37 0.26
C GLY B 31 -2.46 21.17 -0.50
N MET B 32 -2.71 21.33 -1.79
CA MET B 32 -3.34 20.24 -2.54
C MET B 32 -2.37 19.05 -2.79
N ALA B 33 -1.09 19.34 -2.95
CA ALA B 33 -0.11 18.26 -3.03
C ALA B 33 -0.04 17.49 -1.72
N CYS B 34 -0.07 18.21 -0.60
CA CYS B 34 -0.17 17.55 0.71
C CYS B 34 -1.45 16.70 0.79
N ALA B 35 -2.59 17.28 0.41
CA ALA B 35 -3.87 16.56 0.43
C ALA B 35 -3.83 15.26 -0.37
N ILE B 36 -3.39 15.33 -1.62
CA ILE B 36 -3.44 14.14 -2.44
C ILE B 36 -2.48 13.07 -1.88
N SER B 37 -1.33 13.51 -1.37
CA SER B 37 -0.35 12.55 -0.86
C SER B 37 -0.86 11.83 0.38
N ILE B 38 -1.47 12.60 1.26
CA ILE B 38 -2.06 12.06 2.48
C ILE B 38 -3.22 11.13 2.17
N LEU B 39 -4.08 11.54 1.24
CA LEU B 39 -5.18 10.69 0.78
C LEU B 39 -4.68 9.37 0.19
N MET B 40 -3.64 9.42 -0.63
CA MET B 40 -3.16 8.20 -1.28
C MET B 40 -2.38 7.32 -0.33
N LYS B 41 -2.05 7.86 0.84
CA LYS B 41 -1.40 7.07 1.86
C LYS B 41 -2.39 6.56 2.92
N ASP B 42 -3.67 6.85 2.72
CA ASP B 42 -4.71 6.35 3.63
C ASP B 42 -4.45 6.72 5.10
N LEU B 43 -4.04 7.95 5.36
CA LEU B 43 -3.70 8.35 6.74
C LEU B 43 -4.87 8.89 7.54
N ALA B 44 -5.96 9.27 6.87
CA ALA B 44 -7.05 9.99 7.52
C ALA B 44 -8.40 9.36 7.23
N ASP B 45 -9.33 9.44 8.20
CA ASP B 45 -10.71 9.04 7.93
C ASP B 45 -11.59 10.23 7.59
N GLU B 46 -11.07 11.43 7.81
CA GLU B 46 -11.75 12.65 7.39
C GLU B 46 -10.69 13.67 7.02
N LEU B 47 -10.88 14.33 5.89
CA LEU B 47 -9.99 15.41 5.49
C LEU B 47 -10.79 16.69 5.40
N ALA B 48 -10.32 17.73 6.07
CA ALA B 48 -10.93 19.06 5.96
C ALA B 48 -10.00 20.05 5.26
N LEU B 49 -10.57 20.90 4.42
CA LEU B 49 -9.82 21.91 3.69
C LEU B 49 -10.32 23.29 4.06
N VAL B 50 -9.40 24.23 4.27
CA VAL B 50 -9.78 25.62 4.54
C VAL B 50 -9.00 26.57 3.64
N ASP B 51 -9.65 27.63 3.16
CA ASP B 51 -8.95 28.67 2.41
C ASP B 51 -9.81 29.92 2.49
N VAL B 52 -9.30 31.06 2.05
CA VAL B 52 -10.12 32.26 2.01
C VAL B 52 -10.73 32.52 0.64
N ILE B 53 -10.25 31.81 -0.37
CA ILE B 53 -10.81 31.92 -1.72
C ILE B 53 -11.87 30.85 -1.87
N GLU B 54 -13.13 31.26 -1.77
CA GLU B 54 -14.21 30.31 -1.62
C GLU B 54 -14.49 29.43 -2.83
N ASP B 55 -14.45 29.98 -4.04
CA ASP B 55 -14.69 29.17 -5.24
CA ASP B 55 -14.69 29.16 -5.23
C ASP B 55 -13.60 28.10 -5.43
N LYS B 56 -12.35 28.52 -5.40
CA LYS B 56 -11.21 27.62 -5.45
C LYS B 56 -11.33 26.50 -4.39
N LEU B 57 -11.65 26.89 -3.16
CA LEU B 57 -11.85 25.91 -2.09
C LEU B 57 -12.90 24.84 -2.41
N LYS B 58 -14.09 25.27 -2.81
CA LYS B 58 -15.16 24.33 -3.16
C LYS B 58 -14.77 23.46 -4.35
N GLY B 59 -14.14 24.05 -5.36
CA GLY B 59 -13.74 23.30 -6.53
C GLY B 59 -12.72 22.22 -6.21
N GLU B 60 -11.74 22.55 -5.38
CA GLU B 60 -10.72 21.57 -4.97
C GLU B 60 -11.33 20.45 -4.13
N MET B 61 -12.14 20.82 -3.16
CA MET B 61 -12.91 19.83 -2.39
C MET B 61 -13.66 18.86 -3.32
N MET B 62 -14.45 19.41 -4.25
CA MET B 62 -15.25 18.57 -5.16
C MET B 62 -14.38 17.64 -6.02
N ASP B 63 -13.27 18.16 -6.52
CA ASP B 63 -12.37 17.38 -7.37
C ASP B 63 -11.87 16.16 -6.57
N LEU B 64 -11.45 16.37 -5.32
CA LEU B 64 -11.06 15.25 -4.47
C LEU B 64 -12.22 14.31 -4.22
N GLN B 65 -13.38 14.89 -3.90
CA GLN B 65 -14.56 14.05 -3.64
C GLN B 65 -14.88 13.14 -4.82
N HIS B 66 -14.74 13.67 -6.03
CA HIS B 66 -15.07 12.87 -7.22
C HIS B 66 -14.13 11.68 -7.40
N GLY B 67 -13.01 11.71 -6.68
CA GLY B 67 -12.06 10.62 -6.70
C GLY B 67 -12.22 9.60 -5.58
N SER B 68 -13.33 9.73 -4.84
CA SER B 68 -13.62 8.91 -3.66
C SER B 68 -13.62 7.41 -3.88
N LEU B 69 -14.20 6.97 -4.99
CA LEU B 69 -14.16 5.56 -5.37
C LEU B 69 -12.75 4.96 -5.26
N PHE B 70 -11.75 5.77 -5.53
CA PHE B 70 -10.37 5.30 -5.60
C PHE B 70 -9.60 5.55 -4.31
N LEU B 71 -10.31 6.00 -3.29
CA LEU B 71 -9.66 6.35 -2.03
C LEU B 71 -10.22 5.59 -0.84
N ARG B 72 -9.61 5.75 0.32
CA ARG B 72 -10.09 5.12 1.55
C ARG B 72 -10.32 6.16 2.65
N THR B 73 -10.78 7.32 2.23
CA THR B 73 -11.07 8.43 3.14
C THR B 73 -12.53 8.85 2.88
N PRO B 74 -13.44 8.42 3.76
CA PRO B 74 -14.87 8.47 3.44
C PRO B 74 -15.52 9.86 3.60
N LYS B 75 -14.80 10.83 4.14
CA LYS B 75 -15.37 12.16 4.29
C LYS B 75 -14.35 13.25 4.01
N ILE B 76 -14.67 14.09 3.04
CA ILE B 76 -13.85 15.22 2.66
C ILE B 76 -14.75 16.44 2.71
N VAL B 77 -14.36 17.42 3.52
CA VAL B 77 -15.16 18.62 3.72
C VAL B 77 -14.32 19.88 3.50
N SER B 78 -14.99 21.03 3.38
CA SER B 78 -14.26 22.29 3.24
C SER B 78 -15.12 23.46 3.68
N GLY B 79 -14.46 24.55 4.06
CA GLY B 79 -15.17 25.76 4.44
C GLY B 79 -14.19 26.85 4.77
N LYS B 80 -14.61 28.10 4.61
CA LYS B 80 -13.84 29.25 5.05
C LYS B 80 -13.90 29.34 6.59
N ASP B 81 -14.95 28.75 7.17
CA ASP B 81 -15.18 28.80 8.62
C ASP B 81 -14.46 27.62 9.25
N TYR B 82 -13.80 27.85 10.38
CA TYR B 82 -12.98 26.81 10.99
C TYR B 82 -13.78 25.74 11.73
N ASN B 83 -15.10 25.87 11.73
CA ASN B 83 -15.92 24.81 12.30
C ASN B 83 -15.75 23.50 11.52
N VAL B 84 -15.32 23.59 10.26
CA VAL B 84 -15.13 22.39 9.47
C VAL B 84 -13.91 21.59 9.93
N THR B 85 -13.08 22.21 10.77
CA THR B 85 -11.81 21.61 11.18
C THR B 85 -11.86 20.97 12.57
N ALA B 86 -13.01 21.04 13.24
CA ALA B 86 -13.11 20.58 14.62
C ALA B 86 -12.65 19.13 14.79
N ASN B 87 -11.98 18.85 15.91
CA ASN B 87 -11.56 17.49 16.26
C ASN B 87 -10.46 16.91 15.38
N SER B 88 -9.65 17.77 14.77
CA SER B 88 -8.55 17.31 13.91
C SER B 88 -7.40 16.78 14.78
N LYS B 89 -6.80 15.67 14.36
CA LYS B 89 -5.64 15.13 15.08
C LYS B 89 -4.38 15.89 14.65
N LEU B 90 -4.41 16.33 13.40
CA LEU B 90 -3.26 16.99 12.78
C LEU B 90 -3.75 18.10 11.87
N VAL B 91 -3.16 19.27 12.04
CA VAL B 91 -3.55 20.40 11.22
C VAL B 91 -2.32 20.93 10.51
N ILE B 92 -2.37 20.92 9.18
CA ILE B 92 -1.23 21.28 8.36
C ILE B 92 -1.46 22.66 7.75
N ILE B 93 -0.54 23.58 8.01
CA ILE B 93 -0.70 24.96 7.56
CA ILE B 93 -0.72 24.95 7.54
C ILE B 93 0.18 25.24 6.34
N THR B 94 -0.45 25.49 5.19
CA THR B 94 0.29 25.75 3.96
C THR B 94 -0.08 27.10 3.35
N ALA B 95 -0.89 27.89 4.07
CA ALA B 95 -1.40 29.15 3.53
C ALA B 95 -0.32 30.23 3.47
N GLY B 96 -0.47 31.17 2.55
CA GLY B 96 0.35 32.37 2.58
C GLY B 96 1.19 32.58 1.33
N ALA B 97 1.92 33.69 1.31
CA ALA B 97 2.71 34.06 0.16
C ALA B 97 3.88 33.09 -0.05
N ARG B 98 4.22 32.87 -1.31
CA ARG B 98 5.40 32.07 -1.66
C ARG B 98 6.47 32.94 -2.34
N GLN B 99 7.74 32.53 -2.24
CA GLN B 99 8.80 33.30 -2.85
C GLN B 99 8.79 33.21 -4.38
N GLN B 100 8.95 34.35 -5.04
CA GLN B 100 9.05 34.40 -6.49
C GLN B 100 10.48 34.11 -6.89
N GLU B 101 10.71 33.98 -8.20
CA GLU B 101 12.05 33.75 -8.71
C GLU B 101 13.00 34.79 -8.14
N GLY B 102 14.06 34.32 -7.49
CA GLY B 102 15.09 35.21 -6.96
C GLY B 102 14.79 35.86 -5.62
N GLU B 103 13.67 35.50 -5.01
CA GLU B 103 13.28 36.12 -3.75
C GLU B 103 13.57 35.16 -2.61
N SER B 104 14.08 35.69 -1.51
CA SER B 104 14.35 34.86 -0.33
C SER B 104 13.06 34.50 0.41
N ARG B 105 12.98 33.30 0.97
CA ARG B 105 11.87 32.95 1.86
C ARG B 105 11.76 33.94 3.02
N LEU B 106 12.88 34.52 3.44
CA LEU B 106 12.86 35.47 4.54
C LEU B 106 12.15 36.79 4.19
N ASN B 107 11.95 37.06 2.89
CA ASN B 107 11.19 38.24 2.44
C ASN B 107 9.67 38.10 2.61
N LEU B 108 9.23 36.96 3.13
CA LEU B 108 7.79 36.67 3.23
C LEU B 108 7.28 36.83 4.65
N VAL B 109 8.16 37.21 5.56
CA VAL B 109 7.81 37.25 6.98
C VAL B 109 6.60 38.09 7.34
N GLN B 110 6.61 39.38 6.96
CA GLN B 110 5.52 40.25 7.43
C GLN B 110 4.18 39.70 6.95
N ARG B 111 4.12 39.38 5.67
CA ARG B 111 2.91 38.88 5.03
CA ARG B 111 2.90 38.89 5.03
C ARG B 111 2.38 37.66 5.76
N ASN B 112 3.26 36.68 5.95
CA ASN B 112 2.81 35.42 6.47
C ASN B 112 2.60 35.36 7.96
N VAL B 113 3.40 36.13 8.71
CA VAL B 113 3.14 36.28 10.14
C VAL B 113 1.75 36.87 10.35
N ASN B 114 1.43 37.89 9.57
CA ASN B 114 0.12 38.51 9.73
C ASN B 114 -1.03 37.55 9.44
N ILE B 115 -0.85 36.67 8.45
CA ILE B 115 -1.84 35.64 8.14
C ILE B 115 -1.95 34.62 9.28
N PHE B 116 -0.82 34.25 9.88
CA PHE B 116 -0.82 33.33 11.00
C PHE B 116 -1.56 33.87 12.20
N LYS B 117 -1.50 35.18 12.39
CA LYS B 117 -2.20 35.82 13.50
C LYS B 117 -3.71 35.57 13.46
N PHE B 118 -4.24 35.35 12.27
CA PHE B 118 -5.67 35.05 12.08
CA PHE B 118 -5.65 35.06 12.12
C PHE B 118 -5.92 33.56 12.13
N ILE B 119 -5.09 32.80 11.41
CA ILE B 119 -5.25 31.36 11.28
C ILE B 119 -5.03 30.55 12.56
N ILE B 120 -3.91 30.76 13.24
CA ILE B 120 -3.56 29.90 14.37
C ILE B 120 -4.60 29.93 15.50
N PRO B 121 -5.08 31.12 15.88
CA PRO B 121 -6.07 31.09 16.98
C PRO B 121 -7.35 30.35 16.56
N ASN B 122 -7.74 30.50 15.30
CA ASN B 122 -8.88 29.75 14.79
C ASN B 122 -8.66 28.25 14.85
N VAL B 123 -7.47 27.80 14.44
CA VAL B 123 -7.17 26.38 14.46
C VAL B 123 -7.27 25.83 15.88
N VAL B 124 -6.64 26.52 16.82
CA VAL B 124 -6.57 26.09 18.21
C VAL B 124 -7.94 26.06 18.88
N LYS B 125 -8.80 26.99 18.52
CA LYS B 125 -10.15 27.05 19.05
C LYS B 125 -10.92 25.77 18.74
N TYR B 126 -10.79 25.28 17.51
CA TYR B 126 -11.57 24.12 17.06
C TYR B 126 -10.90 22.75 17.26
N SER B 127 -9.59 22.74 17.47
CA SER B 127 -8.85 21.49 17.68
C SER B 127 -7.79 21.73 18.73
N PRO B 128 -8.20 21.90 19.99
CA PRO B 128 -7.23 22.29 21.00
C PRO B 128 -6.17 21.22 21.30
N ASN B 129 -6.39 19.98 20.88
CA ASN B 129 -5.44 18.92 21.16
C ASN B 129 -4.67 18.42 19.93
N CYS B 130 -4.81 19.13 18.81
CA CYS B 130 -4.12 18.72 17.59
C CYS B 130 -2.61 18.94 17.67
N LYS B 131 -1.89 18.28 16.78
CA LYS B 131 -0.52 18.63 16.45
C LYS B 131 -0.60 19.63 15.29
N LEU B 132 0.22 20.68 15.34
CA LEU B 132 0.35 21.63 14.24
C LEU B 132 1.57 21.30 13.40
N LEU B 133 1.38 21.15 12.10
CA LEU B 133 2.51 20.94 11.20
C LEU B 133 2.64 22.12 10.27
N ILE B 134 3.67 22.92 10.47
CA ILE B 134 3.80 24.16 9.69
C ILE B 134 4.60 23.95 8.40
N VAL B 135 4.07 24.45 7.27
CA VAL B 135 4.74 24.28 5.97
C VAL B 135 5.04 25.63 5.31
N SER B 136 4.17 26.62 5.53
CA SER B 136 4.34 27.96 4.99
C SER B 136 5.75 28.52 5.23
N ASN B 137 6.25 29.33 4.30
CA ASN B 137 7.59 29.92 4.44
C ASN B 137 7.58 31.33 4.98
N PRO B 138 8.66 31.74 5.67
CA PRO B 138 9.82 30.88 5.99
C PRO B 138 9.48 29.93 7.15
N VAL B 139 9.54 28.63 6.89
CA VAL B 139 8.97 27.63 7.78
C VAL B 139 9.51 27.62 9.23
N ASP B 140 10.81 27.86 9.42
CA ASP B 140 11.34 27.84 10.79
C ASP B 140 10.79 29.01 11.61
N ILE B 141 10.75 30.19 10.99
CA ILE B 141 10.23 31.37 11.67
CA ILE B 141 10.21 31.39 11.66
C ILE B 141 8.74 31.19 11.97
N LEU B 142 7.99 30.66 11.00
CA LEU B 142 6.55 30.49 11.19
C LEU B 142 6.18 29.39 12.19
N THR B 143 7.07 28.42 12.38
CA THR B 143 6.89 27.41 13.43
C THR B 143 7.01 28.08 14.79
N TYR B 144 8.06 28.89 14.97
CA TYR B 144 8.17 29.74 16.16
C TYR B 144 6.89 30.57 16.39
N VAL B 145 6.44 31.27 15.34
CA VAL B 145 5.22 32.08 15.41
C VAL B 145 4.00 31.24 15.78
N ALA B 146 3.79 30.12 15.08
CA ALA B 146 2.69 29.23 15.45
C ALA B 146 2.76 28.79 16.92
N TRP B 147 3.95 28.44 17.37
CA TRP B 147 4.14 28.03 18.75
C TRP B 147 3.75 29.14 19.74
N LYS B 148 4.31 30.33 19.53
CA LYS B 148 3.97 31.50 20.34
C LYS B 148 2.47 31.85 20.35
N ILE B 149 1.84 31.87 19.18
CA ILE B 149 0.43 32.25 19.11
C ILE B 149 -0.47 31.18 19.74
N SER B 150 -0.20 29.92 19.42
CA SER B 150 -1.06 28.81 19.84
C SER B 150 -1.10 28.61 21.36
N GLY B 151 0.03 28.85 22.02
CA GLY B 151 0.15 28.49 23.42
C GLY B 151 0.29 26.97 23.63
N PHE B 152 0.46 26.22 22.55
CA PHE B 152 0.71 24.78 22.66
C PHE B 152 2.09 24.49 23.27
N PRO B 153 2.25 23.33 23.92
CA PRO B 153 3.60 22.90 24.25
C PRO B 153 4.37 22.61 22.96
N LYS B 154 5.68 22.81 22.97
CA LYS B 154 6.44 22.77 21.74
C LYS B 154 6.48 21.41 21.07
N ASN B 155 6.26 20.34 21.83
CA ASN B 155 6.17 19.03 21.19
C ASN B 155 5.10 18.96 20.11
N ARG B 156 4.05 19.78 20.23
CA ARG B 156 2.92 19.70 19.29
C ARG B 156 2.95 20.73 18.16
N VAL B 157 4.08 21.40 18.01
CA VAL B 157 4.23 22.41 16.97
C VAL B 157 5.47 22.08 16.16
N ILE B 158 5.24 21.58 14.96
CA ILE B 158 6.32 21.00 14.16
C ILE B 158 6.47 21.73 12.85
N GLY B 159 7.70 22.08 12.47
CA GLY B 159 7.91 22.65 11.14
C GLY B 159 8.40 21.59 10.17
N SER B 160 7.87 21.56 8.93
CA SER B 160 8.33 20.58 7.95
C SER B 160 9.84 20.68 7.73
N GLY B 161 10.39 21.87 7.92
CA GLY B 161 11.83 22.07 8.03
C GLY B 161 12.68 21.38 6.98
N CYS B 162 13.73 20.68 7.42
CA CYS B 162 14.72 20.08 6.52
C CYS B 162 14.44 18.64 6.10
N ASN B 163 13.24 18.12 6.38
CA ASN B 163 12.90 16.79 5.90
C ASN B 163 13.04 16.79 4.36
N LEU B 164 12.55 17.85 3.72
CA LEU B 164 12.67 18.00 2.28
C LEU B 164 14.11 18.24 1.81
N ASP B 165 14.85 19.09 2.52
CA ASP B 165 16.25 19.34 2.14
C ASP B 165 17.07 18.07 2.21
N SER B 166 16.80 17.26 3.23
CA SER B 166 17.50 16.00 3.41
C SER B 166 17.08 14.99 2.35
N ALA B 167 15.80 15.00 1.97
CA ALA B 167 15.33 14.16 0.86
C ALA B 167 16.04 14.52 -0.44
N ARG B 168 16.15 15.81 -0.73
CA ARG B 168 16.86 16.27 -1.91
C ARG B 168 18.31 15.87 -1.87
N PHE B 169 18.93 16.02 -0.70
CA PHE B 169 20.34 15.68 -0.54
C PHE B 169 20.55 14.18 -0.83
N ARG B 170 19.67 13.35 -0.31
CA ARG B 170 19.81 11.90 -0.49
C ARG B 170 19.51 11.46 -1.92
N TYR B 171 18.58 12.17 -2.56
CA TYR B 171 18.36 11.96 -3.98
C TYR B 171 19.64 12.22 -4.78
N LEU B 172 20.30 13.34 -4.51
CA LEU B 172 21.50 13.70 -5.26
C LEU B 172 22.66 12.78 -4.91
N MET B 173 22.75 12.42 -3.63
CA MET B 173 23.76 11.48 -3.21
CA MET B 173 23.72 11.44 -3.15
C MET B 173 23.57 10.14 -3.94
N GLY B 174 22.33 9.68 -4.03
CA GLY B 174 22.03 8.42 -4.68
C GLY B 174 22.33 8.41 -6.16
N GLU B 175 22.19 9.58 -6.80
CA GLU B 175 22.51 9.69 -8.22
C GLU B 175 24.02 9.60 -8.43
N ARG B 176 24.78 10.24 -7.55
CA ARG B 176 26.25 10.11 -7.58
C ARG B 176 26.74 8.69 -7.30
N LEU B 177 26.07 7.98 -6.39
CA LEU B 177 26.60 6.69 -5.96
C LEU B 177 25.95 5.48 -6.67
N GLY B 178 24.84 5.70 -7.37
CA GLY B 178 24.14 4.62 -8.05
C GLY B 178 23.39 3.75 -7.07
N VAL B 179 22.87 4.37 -6.00
CA VAL B 179 22.12 3.66 -4.97
C VAL B 179 20.80 4.39 -4.73
N HIS B 180 19.76 3.66 -4.34
CA HIS B 180 18.46 4.30 -4.06
C HIS B 180 18.66 5.24 -2.87
N PRO B 181 17.95 6.39 -2.87
CA PRO B 181 18.04 7.36 -1.78
C PRO B 181 17.72 6.75 -0.42
N LEU B 182 16.82 5.78 -0.38
CA LEU B 182 16.54 5.10 0.88
C LEU B 182 17.81 4.51 1.52
N SER B 183 18.77 4.11 0.71
CA SER B 183 19.98 3.46 1.22
C SER B 183 21.16 4.43 1.39
N CYS B 184 20.95 5.68 0.98
CA CYS B 184 21.95 6.74 1.12
C CYS B 184 21.58 7.63 2.29
N HIS B 185 22.42 7.66 3.32
CA HIS B 185 22.06 8.39 4.52
C HIS B 185 22.94 9.63 4.67
N GLY B 186 22.29 10.76 4.92
CA GLY B 186 22.98 12.04 5.03
C GLY B 186 21.95 13.05 5.51
N TRP B 187 22.39 13.97 6.37
CA TRP B 187 21.46 14.90 7.02
C TRP B 187 21.76 16.35 6.69
N VAL B 188 20.71 17.10 6.40
CA VAL B 188 20.83 18.55 6.25
C VAL B 188 20.00 19.17 7.35
N LEU B 189 20.65 19.96 8.20
CA LEU B 189 20.03 20.56 9.39
C LEU B 189 20.01 22.09 9.33
N GLY B 190 19.42 22.71 10.35
CA GLY B 190 19.38 24.16 10.44
C GLY B 190 18.21 24.76 9.69
N GLU B 191 18.43 25.92 9.09
CA GLU B 191 17.36 26.63 8.37
C GLU B 191 16.91 25.87 7.11
N HIS B 192 15.61 25.77 6.91
CA HIS B 192 15.09 25.38 5.60
C HIS B 192 15.26 26.57 4.66
N GLY B 193 16.47 26.75 4.15
CA GLY B 193 16.83 27.95 3.41
C GLY B 193 18.31 28.02 3.11
N ASP B 194 18.81 29.21 2.86
CA ASP B 194 20.18 29.38 2.40
C ASP B 194 21.23 28.98 3.45
N SER B 195 20.89 29.00 4.73
CA SER B 195 21.90 28.77 5.78
C SER B 195 21.91 27.32 6.32
N SER B 196 21.29 26.40 5.60
CA SER B 196 21.24 24.99 6.02
C SER B 196 22.63 24.38 6.06
N VAL B 197 22.76 23.30 6.83
CA VAL B 197 24.06 22.71 7.13
C VAL B 197 24.09 21.23 6.78
N PRO B 198 24.96 20.84 5.83
CA PRO B 198 25.13 19.42 5.52
C PRO B 198 26.05 18.76 6.54
N VAL B 199 25.61 17.66 7.14
CA VAL B 199 26.41 17.01 8.17
C VAL B 199 27.26 15.92 7.52
N TRP B 200 28.37 16.36 6.92
CA TRP B 200 29.28 15.46 6.21
C TRP B 200 29.72 14.28 7.08
N SER B 201 29.94 14.57 8.36
CA SER B 201 30.49 13.61 9.30
C SER B 201 29.57 12.43 9.53
N GLY B 202 28.31 12.56 9.12
CA GLY B 202 27.35 11.50 9.37
C GLY B 202 26.88 10.79 8.12
N MET B 203 27.40 11.20 6.96
CA MET B 203 27.00 10.58 5.69
C MET B 203 27.57 9.18 5.54
N ASN B 204 26.72 8.24 5.14
CA ASN B 204 27.15 6.85 5.02
C ASN B 204 26.24 6.03 4.13
N VAL B 205 26.75 4.90 3.65
CA VAL B 205 25.92 3.87 3.02
C VAL B 205 26.26 2.58 3.78
N ALA B 206 25.24 1.86 4.22
CA ALA B 206 25.40 0.62 4.96
C ALA B 206 26.31 0.80 6.17
N GLY B 207 26.25 1.99 6.77
CA GLY B 207 27.01 2.26 7.98
C GLY B 207 28.47 2.53 7.72
N VAL B 208 28.86 2.59 6.45
CA VAL B 208 30.23 2.93 6.09
C VAL B 208 30.38 4.46 5.93
N SER B 209 31.18 5.05 6.80
CA SER B 209 31.40 6.51 6.82
C SER B 209 32.09 7.04 5.57
N LEU B 210 31.41 7.93 4.84
CA LEU B 210 32.02 8.49 3.63
C LEU B 210 33.16 9.43 3.98
N LYS B 211 33.03 10.16 5.09
CA LYS B 211 34.07 11.06 5.53
C LYS B 211 35.33 10.30 5.94
N THR B 212 35.16 9.10 6.50
CA THR B 212 36.34 8.31 6.92
C THR B 212 37.09 7.80 5.69
N LEU B 213 36.33 7.37 4.68
CA LEU B 213 36.86 6.90 3.41
CA LEU B 213 36.89 6.88 3.43
C LEU B 213 37.51 8.03 2.62
N HIS B 214 36.94 9.22 2.80
CA HIS B 214 37.27 10.37 1.98
C HIS B 214 37.32 11.62 2.87
N PRO B 215 38.48 11.82 3.51
CA PRO B 215 38.68 12.90 4.50
C PRO B 215 38.36 14.31 4.02
N ASP B 216 38.58 14.60 2.74
CA ASP B 216 38.30 15.93 2.19
C ASP B 216 36.82 16.12 1.89
N LEU B 217 36.00 15.11 2.17
CA LEU B 217 34.58 15.19 1.83
C LEU B 217 33.96 16.47 2.37
N GLY B 218 33.33 17.22 1.47
CA GLY B 218 32.62 18.43 1.85
C GLY B 218 33.44 19.70 1.95
N THR B 219 34.76 19.57 1.90
CA THR B 219 35.64 20.74 2.03
C THR B 219 35.95 21.36 0.69
N ASP B 220 36.64 22.49 0.69
CA ASP B 220 37.00 23.16 -0.55
C ASP B 220 38.07 22.38 -1.34
N LYS B 221 38.88 21.61 -0.63
CA LYS B 221 39.94 20.82 -1.25
C LYS B 221 39.42 19.54 -1.93
N ASP B 222 38.18 19.19 -1.66
CA ASP B 222 37.58 17.98 -2.20
C ASP B 222 37.67 17.91 -3.73
N LYS B 223 38.43 16.97 -4.24
CA LYS B 223 38.57 16.80 -5.68
C LYS B 223 37.24 16.46 -6.37
N GLU B 224 36.33 15.82 -5.63
CA GLU B 224 35.01 15.48 -6.16
C GLU B 224 33.95 16.56 -5.89
N GLN B 225 34.35 17.62 -5.20
CA GLN B 225 33.48 18.76 -4.94
C GLN B 225 32.09 18.37 -4.42
N TRP B 226 32.06 17.55 -3.37
CA TRP B 226 30.78 17.14 -2.81
C TRP B 226 29.99 18.32 -2.23
N LYS B 227 30.70 19.38 -1.87
CA LYS B 227 30.01 20.56 -1.37
C LYS B 227 29.00 21.10 -2.40
N GLU B 228 29.26 20.85 -3.68
CA GLU B 228 28.32 21.23 -4.75
C GLU B 228 26.98 20.53 -4.60
N VAL B 229 26.98 19.36 -3.97
CA VAL B 229 25.72 18.64 -3.76
C VAL B 229 24.85 19.43 -2.78
N HIS B 230 25.46 19.92 -1.71
CA HIS B 230 24.71 20.77 -0.77
C HIS B 230 24.31 22.09 -1.43
N LYS B 231 25.20 22.66 -2.23
CA LYS B 231 24.84 23.89 -2.95
C LYS B 231 23.59 23.65 -3.81
N GLN B 232 23.51 22.47 -4.42
CA GLN B 232 22.34 22.12 -5.23
C GLN B 232 21.07 22.04 -4.37
N VAL B 233 21.20 21.49 -3.17
CA VAL B 233 20.06 21.42 -2.25
C VAL B 233 19.59 22.82 -1.90
N VAL B 234 20.54 23.71 -1.59
CA VAL B 234 20.21 25.10 -1.29
C VAL B 234 19.47 25.76 -2.46
N GLU B 235 19.96 25.56 -3.67
CA GLU B 235 19.42 26.21 -4.87
CA GLU B 235 19.40 26.24 -4.84
C GLU B 235 18.19 25.52 -5.46
N SER B 236 17.86 24.34 -4.95
CA SER B 236 16.84 23.51 -5.59
C SER B 236 15.48 24.22 -5.76
N ALA B 237 14.99 24.86 -4.70
CA ALA B 237 13.70 25.53 -4.76
C ALA B 237 13.74 26.66 -5.78
N TYR B 238 14.82 27.42 -5.80
CA TYR B 238 14.97 28.51 -6.74
CA TYR B 238 14.99 28.51 -6.76
C TYR B 238 14.94 27.99 -8.19
N GLU B 239 15.64 26.89 -8.45
CA GLU B 239 15.68 26.31 -9.80
C GLU B 239 14.30 25.82 -10.25
N VAL B 240 13.62 25.09 -9.38
CA VAL B 240 12.28 24.59 -9.68
C VAL B 240 11.27 25.73 -9.90
N ILE B 241 11.37 26.75 -9.05
CA ILE B 241 10.54 27.95 -9.20
C ILE B 241 10.80 28.67 -10.52
N LYS B 242 12.07 28.82 -10.88
CA LYS B 242 12.41 29.39 -12.18
C LYS B 242 11.77 28.61 -13.34
N LEU B 243 11.74 27.28 -13.21
CA LEU B 243 11.25 26.42 -14.30
C LEU B 243 9.72 26.28 -14.38
N LYS B 244 9.07 25.99 -13.25
CA LYS B 244 7.61 25.74 -13.25
C LYS B 244 6.79 26.75 -12.44
N GLY B 245 7.46 27.70 -11.80
CA GLY B 245 6.74 28.75 -11.07
C GLY B 245 6.63 28.59 -9.55
N TYR B 246 6.72 27.36 -9.05
CA TYR B 246 6.53 27.05 -7.64
C TYR B 246 7.03 25.63 -7.41
N THR B 247 7.14 25.19 -6.16
CA THR B 247 7.39 23.77 -5.88
C THR B 247 6.16 23.20 -5.17
N SER B 248 5.86 21.93 -5.40
CA SER B 248 4.67 21.34 -4.83
C SER B 248 4.81 19.85 -4.54
N TRP B 249 5.21 19.05 -5.52
CA TRP B 249 5.12 17.61 -5.35
C TRP B 249 6.05 17.07 -4.27
N ALA B 250 7.31 17.52 -4.28
CA ALA B 250 8.27 17.02 -3.29
C ALA B 250 7.89 17.39 -1.86
N ILE B 251 7.48 18.64 -1.64
CA ILE B 251 7.03 19.02 -0.30
C ILE B 251 5.75 18.26 0.10
N GLY B 252 4.85 18.02 -0.86
CA GLY B 252 3.64 17.25 -0.56
C GLY B 252 3.99 15.86 -0.03
N LEU B 253 4.93 15.21 -0.69
CA LEU B 253 5.40 13.88 -0.27
C LEU B 253 6.17 13.93 1.06
N SER B 254 6.99 14.95 1.23
CA SER B 254 7.69 15.14 2.51
C SER B 254 6.70 15.28 3.69
N VAL B 255 5.68 16.10 3.51
CA VAL B 255 4.67 16.33 4.54
C VAL B 255 3.89 15.04 4.81
N ALA B 256 3.56 14.28 3.77
CA ALA B 256 2.85 13.02 3.99
C ALA B 256 3.73 12.01 4.75
N ASP B 257 5.05 12.07 4.51
CA ASP B 257 6.02 11.24 5.24
C ASP B 257 5.95 11.59 6.73
N LEU B 258 5.98 12.89 7.03
CA LEU B 258 5.90 13.33 8.42
C LEU B 258 4.54 12.97 9.01
N ALA B 259 3.47 13.21 8.25
CA ALA B 259 2.13 12.92 8.76
C ALA B 259 2.01 11.44 9.11
N GLU B 260 2.60 10.58 8.29
CA GLU B 260 2.51 9.15 8.55
C GLU B 260 3.15 8.78 9.90
N SER B 261 4.34 9.30 10.17
CA SER B 261 5.01 9.02 11.46
C SER B 261 4.16 9.52 12.63
N ILE B 262 3.59 10.71 12.51
CA ILE B 262 2.77 11.24 13.59
C ILE B 262 1.48 10.45 13.78
N MET B 263 0.72 10.27 12.69
CA MET B 263 -0.60 9.66 12.78
C MET B 263 -0.52 8.19 13.22
N LYS B 264 0.55 7.51 12.81
CA LYS B 264 0.69 6.09 13.13
C LYS B 264 1.61 5.83 14.33
N ASN B 265 2.03 6.90 14.98
CA ASN B 265 2.93 6.79 16.15
C ASN B 265 4.18 5.93 15.89
N LEU B 266 4.84 6.19 14.76
CA LEU B 266 5.95 5.32 14.35
C LEU B 266 7.22 5.55 15.16
N ARG B 267 7.42 6.78 15.64
CA ARG B 267 8.68 7.12 16.31
C ARG B 267 9.88 6.95 15.36
N ARG B 268 9.69 7.34 14.12
CA ARG B 268 10.81 7.44 13.18
C ARG B 268 11.49 8.79 13.38
N VAL B 269 12.74 8.91 12.92
CA VAL B 269 13.49 10.14 13.12
C VAL B 269 13.51 10.99 11.85
N HIS B 270 13.14 12.26 11.98
CA HIS B 270 13.09 13.19 10.86
C HIS B 270 13.68 14.53 11.27
N PRO B 271 14.35 15.22 10.35
CA PRO B 271 14.83 16.56 10.69
C PRO B 271 13.70 17.58 10.45
N VAL B 272 13.18 18.14 11.53
CA VAL B 272 12.04 19.05 11.47
C VAL B 272 12.34 20.27 12.31
N SER B 273 11.61 21.36 12.08
CA SER B 273 11.85 22.63 12.80
C SER B 273 11.35 22.50 14.22
N THR B 274 12.19 22.81 15.19
CA THR B 274 11.77 22.74 16.58
C THR B 274 12.69 23.65 17.39
N MET B 275 12.38 23.86 18.67
CA MET B 275 13.21 24.74 19.47
C MET B 275 14.51 24.03 19.87
N ILE B 276 15.64 24.65 19.55
CA ILE B 276 16.91 24.00 19.82
C ILE B 276 17.71 24.61 20.96
N LYS B 277 17.07 25.50 21.72
CA LYS B 277 17.67 26.03 22.94
C LYS B 277 18.29 24.89 23.74
N GLY B 278 19.53 25.09 24.18
CA GLY B 278 20.21 24.09 25.00
C GLY B 278 21.13 23.17 24.23
N LEU B 279 21.02 23.17 22.89
CA LEU B 279 21.96 22.43 22.04
C LEU B 279 23.02 23.41 21.51
N TYR B 280 24.28 22.97 21.49
CA TYR B 280 25.36 23.76 20.90
C TYR B 280 25.46 25.17 21.47
N GLY B 281 25.35 25.28 22.79
CA GLY B 281 25.46 26.57 23.45
C GLY B 281 24.52 27.64 22.94
N ILE B 282 23.40 27.23 22.35
CA ILE B 282 22.40 28.18 21.90
C ILE B 282 21.41 28.46 23.03
N LYS B 283 21.22 29.75 23.33
CA LYS B 283 20.45 30.17 24.51
C LYS B 283 19.09 30.74 24.14
N ASP B 284 18.91 31.05 22.87
CA ASP B 284 17.70 31.72 22.42
C ASP B 284 16.62 30.70 22.07
N ASP B 285 15.36 31.15 22.05
CA ASP B 285 14.24 30.27 21.71
C ASP B 285 14.13 30.12 20.21
N VAL B 286 15.24 29.79 19.55
CA VAL B 286 15.24 29.70 18.09
C VAL B 286 14.72 28.35 17.59
N PHE B 287 13.92 28.38 16.52
CA PHE B 287 13.47 27.17 15.87
C PHE B 287 14.27 26.90 14.58
N LEU B 288 14.74 25.67 14.43
CA LEU B 288 15.32 25.21 13.18
C LEU B 288 15.41 23.70 13.24
N SER B 289 15.83 23.05 12.14
CA SER B 289 15.78 21.59 12.08
C SER B 289 16.93 20.86 12.74
N VAL B 290 16.59 19.90 13.59
CA VAL B 290 17.50 18.85 14.04
C VAL B 290 16.70 17.54 13.99
N PRO B 291 17.39 16.39 14.03
CA PRO B 291 16.63 15.14 13.96
C PRO B 291 15.74 15.00 15.20
N CYS B 292 14.47 14.68 14.98
CA CYS B 292 13.49 14.49 16.04
C CYS B 292 12.77 13.15 15.91
N ILE B 293 12.43 12.55 17.05
CA ILE B 293 11.55 11.38 17.05
C ILE B 293 10.11 11.88 16.94
N LEU B 294 9.40 11.45 15.89
CA LEU B 294 8.01 11.87 15.66
C LEU B 294 7.00 10.75 15.92
N GLY B 295 5.95 11.07 16.65
CA GLY B 295 4.89 10.12 16.95
C GLY B 295 3.60 10.81 17.34
N GLN B 296 2.75 10.07 18.07
CA GLN B 296 1.38 10.56 18.29
C GLN B 296 1.32 11.83 19.15
N ASN B 297 2.40 12.13 19.86
CA ASN B 297 2.44 13.36 20.63
C ASN B 297 3.33 14.41 19.96
N GLY B 298 3.59 14.20 18.66
CA GLY B 298 4.45 15.09 17.91
C GLY B 298 5.92 14.79 18.18
N ILE B 299 6.69 15.83 18.50
CA ILE B 299 8.12 15.65 18.78
C ILE B 299 8.32 15.26 20.23
N SER B 300 8.74 14.02 20.48
CA SER B 300 8.87 13.53 21.85
C SER B 300 10.33 13.59 22.34
N ASP B 301 11.25 13.61 21.38
CA ASP B 301 12.68 13.57 21.67
C ASP B 301 13.47 14.19 20.55
N LEU B 302 14.66 14.69 20.89
CA LEU B 302 15.59 15.21 19.89
C LEU B 302 16.78 14.27 19.91
N VAL B 303 17.33 13.99 18.74
CA VAL B 303 18.59 13.26 18.66
C VAL B 303 19.72 14.27 18.64
N LYS B 304 20.71 14.07 19.50
CA LYS B 304 21.79 15.02 19.62
C LYS B 304 22.92 14.63 18.68
N VAL B 305 23.01 15.32 17.55
CA VAL B 305 24.06 15.05 16.58
C VAL B 305 25.38 15.65 17.01
N THR B 306 26.44 14.85 17.00
CA THR B 306 27.77 15.39 17.23
C THR B 306 28.27 16.04 15.94
N LEU B 307 28.49 17.35 15.99
CA LEU B 307 28.95 18.11 14.83
C LEU B 307 30.42 18.38 14.95
N THR B 308 31.12 18.50 13.83
CA THR B 308 32.51 18.92 13.86
C THR B 308 32.52 20.38 14.30
N SER B 309 33.69 20.90 14.61
CA SER B 309 33.80 22.30 14.99
C SER B 309 33.25 23.18 13.87
N GLU B 310 33.53 22.78 12.63
CA GLU B 310 33.09 23.53 11.44
C GLU B 310 31.58 23.42 11.20
N GLU B 311 31.04 22.21 11.30
CA GLU B 311 29.60 22.01 11.20
C GLU B 311 28.84 22.77 12.30
N GLU B 312 29.37 22.75 13.51
CA GLU B 312 28.68 23.39 14.63
C GLU B 312 28.64 24.90 14.46
N ALA B 313 29.76 25.47 14.01
CA ALA B 313 29.82 26.88 13.68
C ALA B 313 28.76 27.28 12.64
N ARG B 314 28.65 26.50 11.56
CA ARG B 314 27.65 26.79 10.53
CA ARG B 314 27.64 26.78 10.53
C ARG B 314 26.23 26.72 11.09
N LEU B 315 25.95 25.70 11.90
CA LEU B 315 24.64 25.60 12.53
C LEU B 315 24.37 26.81 13.44
N LYS B 316 25.35 27.19 14.25
CA LYS B 316 25.20 28.37 15.10
C LYS B 316 24.96 29.64 14.27
N LYS B 317 25.57 29.72 13.09
CA LYS B 317 25.37 30.86 12.20
C LYS B 317 23.93 30.87 11.69
N SER B 318 23.40 29.70 11.37
CA SER B 318 22.02 29.56 10.91
C SER B 318 21.09 30.01 12.03
N ALA B 319 21.38 29.58 13.25
CA ALA B 319 20.56 29.96 14.41
C ALA B 319 20.62 31.46 14.68
N ASP B 320 21.80 32.04 14.54
CA ASP B 320 21.99 33.47 14.75
C ASP B 320 21.14 34.25 13.76
N THR B 321 21.18 33.84 12.51
CA THR B 321 20.45 34.52 11.45
C THR B 321 18.95 34.48 11.73
N LEU B 322 18.45 33.29 12.03
CA LEU B 322 17.02 33.10 12.27
C LEU B 322 16.55 33.79 13.54
N TRP B 323 17.36 33.77 14.58
CA TRP B 323 16.94 34.45 15.80
C TRP B 323 16.90 35.97 15.65
N GLY B 324 17.81 36.50 14.83
CA GLY B 324 17.78 37.93 14.53
C GLY B 324 16.42 38.33 13.98
N ILE B 325 15.82 37.46 13.18
CA ILE B 325 14.49 37.71 12.65
C ILE B 325 13.40 37.45 13.69
N GLN B 326 13.42 36.27 14.31
CA GLN B 326 12.36 35.94 15.26
C GLN B 326 12.24 36.97 16.37
N LYS B 327 13.38 37.41 16.89
CA LYS B 327 13.36 38.25 18.07
C LYS B 327 12.64 39.59 17.86
N GLU B 328 12.55 40.04 16.61
CA GLU B 328 11.92 41.34 16.33
C GLU B 328 10.40 41.22 16.12
N LEU B 329 9.91 40.00 16.03
CA LEU B 329 8.46 39.79 15.84
C LEU B 329 7.65 40.30 17.03
N GLN B 330 6.48 40.85 16.74
CA GLN B 330 5.58 41.35 17.77
C GLN B 330 4.23 40.64 17.75
N PHE B 331 3.80 40.15 18.92
CA PHE B 331 2.57 39.37 19.01
C PHE B 331 1.44 40.08 19.73
N ALA C 1 26.32 9.90 31.38
CA ALA C 1 25.01 9.25 31.34
C ALA C 1 25.05 8.01 30.47
N THR C 2 23.88 7.36 30.33
CA THR C 2 23.77 6.18 29.49
C THR C 2 23.95 6.55 28.03
N LEU C 3 24.24 5.58 27.18
CA LEU C 3 24.31 5.84 25.75
C LEU C 3 23.03 6.50 25.27
N LYS C 4 21.89 5.96 25.70
CA LYS C 4 20.59 6.50 25.30
C LYS C 4 20.49 7.99 25.61
N ASP C 5 20.89 8.37 26.82
CA ASP C 5 20.84 9.78 27.24
C ASP C 5 21.83 10.67 26.50
N GLN C 6 22.98 10.12 26.13
CA GLN C 6 23.94 10.87 25.30
C GLN C 6 23.35 11.10 23.91
N LEU C 7 22.64 10.11 23.41
CA LEU C 7 22.10 10.16 22.04
C LEU C 7 20.78 10.94 21.94
N ILE C 8 19.94 10.82 22.94
CA ILE C 8 18.57 11.31 22.84
C ILE C 8 18.18 12.23 23.99
N TYR C 9 17.71 13.43 23.66
CA TYR C 9 17.16 14.35 24.66
C TYR C 9 15.64 14.24 24.68
N ASN C 10 15.10 13.84 25.82
CA ASN C 10 13.66 13.63 25.93
C ASN C 10 12.91 14.92 26.23
N LEU C 11 11.82 15.17 25.50
CA LEU C 11 10.94 16.30 25.80
C LEU C 11 9.75 15.84 26.64
N LEU C 12 9.26 14.65 26.35
CA LEU C 12 8.01 14.13 26.91
C LEU C 12 8.21 12.72 27.40
N LYS C 13 7.73 12.43 28.59
CA LYS C 13 7.70 11.05 29.06
C LYS C 13 6.31 10.51 28.83
N GLU C 14 5.34 11.20 29.43
CA GLU C 14 3.93 10.80 29.39
C GLU C 14 3.51 10.12 28.09
N GLU C 15 3.33 8.81 28.15
CA GLU C 15 2.83 8.06 27.00
C GLU C 15 1.31 8.14 26.95
N GLN C 16 0.74 7.65 25.86
CA GLN C 16 -0.70 7.68 25.65
C GLN C 16 -1.17 6.29 25.22
N THR C 17 -2.45 6.01 25.43
CA THR C 17 -2.97 4.71 25.01
C THR C 17 -2.81 4.54 23.50
N PRO C 18 -2.68 3.29 23.03
CA PRO C 18 -2.78 3.08 21.59
C PRO C 18 -4.18 3.47 21.15
N GLN C 19 -4.30 4.09 19.99
CA GLN C 19 -5.56 4.69 19.55
C GLN C 19 -6.32 3.83 18.52
N ASN C 20 -5.61 2.89 17.89
CA ASN C 20 -6.18 1.99 16.90
C ASN C 20 -5.71 0.56 17.17
N LYS C 21 -6.00 0.07 18.36
CA LYS C 21 -5.51 -1.24 18.82
C LYS C 21 -6.45 -2.37 18.43
N ILE C 22 -5.88 -3.47 17.97
CA ILE C 22 -6.62 -4.68 17.66
C ILE C 22 -6.04 -5.85 18.46
N THR C 23 -6.92 -6.69 19.01
CA THR C 23 -6.49 -7.93 19.66
C THR C 23 -6.97 -9.14 18.88
N VAL C 24 -6.11 -10.15 18.74
CA VAL C 24 -6.52 -11.44 18.22
C VAL C 24 -6.44 -12.50 19.31
N VAL C 25 -7.57 -13.16 19.58
CA VAL C 25 -7.61 -14.21 20.57
C VAL C 25 -7.55 -15.58 19.90
N GLY C 26 -6.56 -16.38 20.26
CA GLY C 26 -6.33 -17.65 19.60
C GLY C 26 -5.29 -17.49 18.51
N VAL C 27 -4.11 -18.05 18.73
CA VAL C 27 -3.02 -17.93 17.76
C VAL C 27 -2.75 -19.25 17.02
N GLY C 28 -3.81 -19.97 16.68
CA GLY C 28 -3.71 -21.11 15.77
C GLY C 28 -3.50 -20.63 14.34
N ALA C 29 -3.74 -21.48 13.36
CA ALA C 29 -3.52 -21.06 11.97
C ALA C 29 -4.40 -19.89 11.56
N VAL C 30 -5.65 -19.87 12.02
CA VAL C 30 -6.55 -18.80 11.65
C VAL C 30 -6.15 -17.47 12.30
N GLY C 31 -5.92 -17.49 13.61
CA GLY C 31 -5.49 -16.32 14.33
C GLY C 31 -4.24 -15.68 13.74
N MET C 32 -3.23 -16.48 13.42
CA MET C 32 -1.98 -15.89 12.92
C MET C 32 -2.13 -15.38 11.49
N ALA C 33 -3.01 -16.00 10.70
CA ALA C 33 -3.32 -15.48 9.37
C ALA C 33 -4.01 -14.11 9.46
N CYS C 34 -4.99 -14.00 10.36
CA CYS C 34 -5.58 -12.71 10.66
C CYS C 34 -4.50 -11.71 11.08
N ALA C 35 -3.62 -12.12 11.98
CA ALA C 35 -2.55 -11.24 12.44
C ALA C 35 -1.64 -10.70 11.34
N ILE C 36 -1.12 -11.58 10.49
CA ILE C 36 -0.16 -11.14 9.48
C ILE C 36 -0.85 -10.22 8.47
N SER C 37 -2.10 -10.54 8.11
CA SER C 37 -2.83 -9.74 7.13
C SER C 37 -3.15 -8.35 7.67
N ILE C 38 -3.55 -8.30 8.94
CA ILE C 38 -3.79 -7.02 9.61
C ILE C 38 -2.51 -6.18 9.70
N LEU C 39 -1.40 -6.82 10.07
CA LEU C 39 -0.10 -6.15 10.09
C LEU C 39 0.30 -5.62 8.71
N MET C 40 0.11 -6.42 7.67
CA MET C 40 0.55 -5.97 6.36
C MET C 40 -0.39 -4.92 5.74
N LYS C 41 -1.54 -4.71 6.36
CA LYS C 41 -2.45 -3.67 5.89
C LYS C 41 -2.40 -2.42 6.76
N ASP C 42 -1.48 -2.38 7.71
CA ASP C 42 -1.31 -1.17 8.53
C ASP C 42 -2.64 -0.71 9.15
N LEU C 43 -3.38 -1.62 9.75
CA LEU C 43 -4.66 -1.28 10.34
C LEU C 43 -4.57 -0.86 11.81
N ALA C 44 -3.49 -1.25 12.47
CA ALA C 44 -3.39 -1.11 13.91
C ALA C 44 -2.09 -0.43 14.31
N ASP C 45 -2.12 0.32 15.42
CA ASP C 45 -0.90 0.88 15.97
C ASP C 45 -0.37 0.03 17.13
N GLU C 46 -1.19 -0.90 17.60
CA GLU C 46 -0.77 -1.93 18.54
C GLU C 46 -1.56 -3.21 18.28
N LEU C 47 -0.86 -4.34 18.30
CA LEU C 47 -1.52 -5.63 18.11
C LEU C 47 -1.26 -6.49 19.33
N ALA C 48 -2.33 -7.02 19.91
CA ALA C 48 -2.22 -7.93 21.05
C ALA C 48 -2.67 -9.32 20.63
N LEU C 49 -1.94 -10.33 21.10
CA LEU C 49 -2.31 -11.74 20.92
C LEU C 49 -2.57 -12.39 22.27
N VAL C 50 -3.62 -13.19 22.32
CA VAL C 50 -3.95 -13.99 23.49
C VAL C 50 -4.16 -15.44 23.10
N ASP C 51 -3.67 -16.35 23.93
CA ASP C 51 -3.95 -17.77 23.79
C ASP C 51 -3.77 -18.40 25.17
N VAL C 52 -4.06 -19.69 25.31
CA VAL C 52 -3.81 -20.41 26.55
C VAL C 52 -2.52 -21.21 26.49
N ILE C 53 -1.98 -21.43 25.29
CA ILE C 53 -0.72 -22.15 25.14
C ILE C 53 0.44 -21.15 25.17
N GLU C 54 1.11 -21.06 26.32
CA GLU C 54 2.05 -19.96 26.56
C GLU C 54 3.29 -19.95 25.66
N ASP C 55 3.93 -21.09 25.48
CA ASP C 55 5.11 -21.18 24.62
CA ASP C 55 5.11 -21.14 24.63
C ASP C 55 4.79 -20.76 23.18
N LYS C 56 3.71 -21.32 22.64
CA LYS C 56 3.29 -21.02 21.27
C LYS C 56 2.98 -19.52 21.08
N LEU C 57 2.29 -18.96 22.07
CA LEU C 57 1.90 -17.56 22.05
C LEU C 57 3.14 -16.66 22.00
N LYS C 58 4.09 -16.92 22.90
CA LYS C 58 5.31 -16.14 22.95
C LYS C 58 6.10 -16.23 21.66
N GLY C 59 6.25 -17.45 21.13
CA GLY C 59 6.97 -17.65 19.88
C GLY C 59 6.35 -16.92 18.71
N GLU C 60 5.02 -16.95 18.63
CA GLU C 60 4.33 -16.25 17.54
C GLU C 60 4.54 -14.75 17.67
N MET C 61 4.43 -14.23 18.89
CA MET C 61 4.66 -12.83 19.14
C MET C 61 6.08 -12.43 18.69
N MET C 62 7.09 -13.17 19.13
CA MET C 62 8.48 -12.85 18.80
C MET C 62 8.72 -12.89 17.29
N ASP C 63 8.10 -13.86 16.63
CA ASP C 63 8.32 -14.02 15.19
C ASP C 63 7.77 -12.77 14.48
N LEU C 64 6.58 -12.32 14.88
CA LEU C 64 6.03 -11.07 14.35
C LEU C 64 6.93 -9.87 14.67
N GLN C 65 7.34 -9.74 15.92
CA GLN C 65 8.22 -8.65 16.33
C GLN C 65 9.49 -8.58 15.49
N HIS C 66 10.10 -9.73 15.24
CA HIS C 66 11.33 -9.76 14.46
C HIS C 66 11.13 -9.21 13.05
N GLY C 67 9.88 -9.19 12.59
CA GLY C 67 9.57 -8.61 11.31
C GLY C 67 9.26 -7.11 11.34
N SER C 68 9.46 -6.46 12.48
CA SER C 68 9.04 -5.06 12.67
C SER C 68 9.63 -4.04 11.70
N LEU C 69 10.89 -4.24 11.32
CA LEU C 69 11.54 -3.38 10.33
C LEU C 69 10.68 -3.23 9.05
N PHE C 70 9.92 -4.26 8.73
CA PHE C 70 9.16 -4.28 7.48
C PHE C 70 7.68 -3.89 7.68
N LEU C 71 7.36 -3.46 8.89
CA LEU C 71 5.98 -3.19 9.27
C LEU C 71 5.83 -1.75 9.75
N ARG C 72 4.59 -1.31 9.93
CA ARG C 72 4.29 0.03 10.40
CA ARG C 72 4.34 0.03 10.43
C ARG C 72 3.39 -0.05 11.64
N THR C 73 3.58 -1.11 12.42
CA THR C 73 2.80 -1.31 13.64
C THR C 73 3.80 -1.38 14.77
N PRO C 74 3.95 -0.27 15.51
CA PRO C 74 5.12 -0.10 16.39
C PRO C 74 5.10 -0.95 17.65
N LYS C 75 3.98 -1.58 17.97
CA LYS C 75 3.89 -2.37 19.19
C LYS C 75 3.08 -3.64 19.03
N ILE C 76 3.73 -4.77 19.34
CA ILE C 76 3.11 -6.07 19.29
C ILE C 76 3.29 -6.71 20.66
N VAL C 77 2.19 -7.08 21.30
CA VAL C 77 2.24 -7.71 22.62
C VAL C 77 1.46 -9.02 22.67
N SER C 78 1.72 -9.82 23.69
CA SER C 78 0.98 -11.07 23.87
C SER C 78 0.89 -11.41 25.35
N GLY C 79 -0.11 -12.21 25.71
CA GLY C 79 -0.24 -12.65 27.09
C GLY C 79 -1.42 -13.56 27.28
N LYS C 80 -1.30 -14.44 28.27
CA LYS C 80 -2.39 -15.27 28.72
C LYS C 80 -3.38 -14.39 29.48
N ASP C 81 -2.86 -13.35 30.10
CA ASP C 81 -3.67 -12.42 30.89
C ASP C 81 -4.23 -11.36 29.96
N TYR C 82 -5.53 -11.07 30.09
CA TYR C 82 -6.19 -10.16 29.17
C TYR C 82 -5.87 -8.68 29.40
N ASN C 83 -5.06 -8.39 30.40
CA ASN C 83 -4.62 -7.01 30.59
C ASN C 83 -3.85 -6.51 29.37
N VAL C 84 -3.27 -7.42 28.59
CA VAL C 84 -2.54 -7.02 27.39
C VAL C 84 -3.51 -6.52 26.31
N THR C 85 -4.80 -6.82 26.47
CA THR C 85 -5.77 -6.47 25.45
C THR C 85 -6.49 -5.14 25.72
N ALA C 86 -6.15 -4.48 26.82
CA ALA C 86 -6.89 -3.31 27.27
C ALA C 86 -7.03 -2.23 26.18
N ASN C 87 -8.21 -1.60 26.10
CA ASN C 87 -8.41 -0.49 25.17
C ASN C 87 -8.38 -0.88 23.68
N SER C 88 -8.70 -2.12 23.38
CA SER C 88 -8.80 -2.58 21.98
C SER C 88 -10.04 -2.01 21.29
N LYS C 89 -9.90 -1.50 20.06
CA LYS C 89 -11.05 -1.05 19.29
C LYS C 89 -11.82 -2.25 18.73
N LEU C 90 -11.06 -3.29 18.37
CA LEU C 90 -11.62 -4.48 17.72
C LEU C 90 -10.97 -5.71 18.33
N VAL C 91 -11.78 -6.69 18.69
CA VAL C 91 -11.25 -7.93 19.27
C VAL C 91 -11.76 -9.11 18.44
N ILE C 92 -10.82 -9.85 17.87
CA ILE C 92 -11.14 -10.91 16.94
C ILE C 92 -10.93 -12.25 17.61
N ILE C 93 -11.98 -13.03 17.66
CA ILE C 93 -11.93 -14.31 18.37
C ILE C 93 -11.83 -15.46 17.40
N THR C 94 -10.68 -16.15 17.42
CA THR C 94 -10.47 -17.30 16.56
C THR C 94 -10.19 -18.55 17.39
N ALA C 95 -10.47 -18.46 18.69
CA ALA C 95 -10.19 -19.55 19.61
C ALA C 95 -11.25 -20.62 19.49
N GLY C 96 -10.82 -21.88 19.46
CA GLY C 96 -11.76 -22.98 19.40
C GLY C 96 -11.12 -24.31 19.71
N ALA C 97 -11.97 -25.28 20.05
CA ALA C 97 -11.54 -26.66 20.23
C ALA C 97 -11.54 -27.39 18.91
N ARG C 98 -10.93 -28.58 18.88
CA ARG C 98 -11.00 -29.45 17.72
C ARG C 98 -11.88 -30.65 18.04
N GLN C 99 -12.83 -30.96 17.15
CA GLN C 99 -13.69 -32.10 17.37
C GLN C 99 -12.80 -33.33 17.47
N GLN C 100 -13.12 -34.21 18.42
CA GLN C 100 -12.30 -35.39 18.64
C GLN C 100 -13.01 -36.63 18.11
N GLU C 101 -12.26 -37.71 17.89
CA GLU C 101 -12.86 -38.95 17.44
C GLU C 101 -13.93 -39.39 18.43
N GLY C 102 -15.11 -39.72 17.91
CA GLY C 102 -16.21 -40.19 18.73
C GLY C 102 -17.08 -39.06 19.28
N GLU C 103 -16.57 -37.85 19.26
CA GLU C 103 -17.29 -36.71 19.82
C GLU C 103 -18.47 -36.28 18.92
N SER C 104 -19.59 -35.96 19.54
CA SER C 104 -20.74 -35.50 18.77
C SER C 104 -20.56 -34.03 18.37
N ARG C 105 -21.29 -33.60 17.36
CA ARG C 105 -21.21 -32.20 16.95
C ARG C 105 -21.75 -31.29 18.05
N LEU C 106 -22.86 -31.68 18.67
CA LEU C 106 -23.42 -30.87 19.74
C LEU C 106 -22.44 -30.74 20.90
N ASN C 107 -21.73 -31.83 21.20
CA ASN C 107 -20.73 -31.82 22.24
C ASN C 107 -19.60 -30.83 21.94
N LEU C 108 -19.16 -30.82 20.68
CA LEU C 108 -18.13 -29.89 20.25
C LEU C 108 -18.64 -28.46 20.40
N VAL C 109 -19.89 -28.23 19.99
CA VAL C 109 -20.46 -26.89 20.15
C VAL C 109 -20.41 -26.42 21.61
N GLN C 110 -20.84 -27.27 22.53
CA GLN C 110 -20.84 -26.89 23.95
C GLN C 110 -19.42 -26.64 24.48
N ARG C 111 -18.44 -27.37 23.96
CA ARG C 111 -17.07 -27.15 24.39
C ARG C 111 -16.55 -25.78 23.97
N ASN C 112 -16.99 -25.31 22.80
CA ASN C 112 -16.65 -23.97 22.37
C ASN C 112 -17.43 -22.90 23.12
N VAL C 113 -18.65 -23.23 23.52
CA VAL C 113 -19.43 -22.32 24.36
C VAL C 113 -18.71 -22.16 25.69
N ASN C 114 -18.17 -23.25 26.21
CA ASN C 114 -17.44 -23.19 27.48
C ASN C 114 -16.17 -22.33 27.36
N ILE C 115 -15.51 -22.41 26.22
CA ILE C 115 -14.34 -21.58 25.94
C ILE C 115 -14.72 -20.09 25.94
N PHE C 116 -15.80 -19.77 25.23
CA PHE C 116 -16.31 -18.40 25.20
C PHE C 116 -16.78 -17.91 26.56
N LYS C 117 -17.25 -18.84 27.39
CA LYS C 117 -17.69 -18.48 28.73
C LYS C 117 -16.54 -17.86 29.52
N PHE C 118 -15.32 -18.28 29.21
CA PHE C 118 -14.13 -17.72 29.86
C PHE C 118 -13.58 -16.51 29.11
N ILE C 119 -13.50 -16.61 27.78
CA ILE C 119 -12.91 -15.56 26.98
C ILE C 119 -13.70 -14.25 27.00
N ILE C 120 -14.99 -14.32 26.70
CA ILE C 120 -15.77 -13.09 26.48
C ILE C 120 -15.82 -12.14 27.70
N PRO C 121 -16.08 -12.68 28.90
CA PRO C 121 -16.05 -11.81 30.09
C PRO C 121 -14.72 -11.09 30.24
N ASN C 122 -13.62 -11.81 30.01
CA ASN C 122 -12.30 -11.19 30.05
C ASN C 122 -12.11 -10.08 29.02
N VAL C 123 -12.55 -10.32 27.78
CA VAL C 123 -12.45 -9.31 26.74
C VAL C 123 -13.26 -8.06 27.12
N VAL C 124 -14.49 -8.29 27.57
CA VAL C 124 -15.38 -7.19 27.91
C VAL C 124 -14.81 -6.35 29.04
N LYS C 125 -14.12 -7.02 29.97
CA LYS C 125 -13.57 -6.34 31.14
C LYS C 125 -12.51 -5.32 30.74
N TYR C 126 -11.68 -5.68 29.77
CA TYR C 126 -10.54 -4.82 29.42
C TYR C 126 -10.79 -3.90 28.22
N SER C 127 -11.79 -4.24 27.42
CA SER C 127 -12.21 -3.39 26.30
C SER C 127 -13.73 -3.37 26.27
N PRO C 128 -14.36 -2.73 27.26
CA PRO C 128 -15.82 -2.72 27.35
C PRO C 128 -16.50 -2.05 26.16
N ASN C 129 -15.76 -1.26 25.39
CA ASN C 129 -16.35 -0.54 24.26
C ASN C 129 -15.90 -1.05 22.88
N CYS C 130 -15.26 -2.21 22.84
CA CYS C 130 -14.78 -2.74 21.56
C CYS C 130 -15.93 -3.28 20.71
N LYS C 131 -15.60 -3.54 19.45
CA LYS C 131 -16.40 -4.40 18.60
C LYS C 131 -15.81 -5.81 18.68
N LEU C 132 -16.71 -6.80 18.71
CA LEU C 132 -16.31 -8.20 18.70
C LEU C 132 -16.50 -8.79 17.32
N LEU C 133 -15.44 -9.38 16.78
CA LEU C 133 -15.54 -10.09 15.51
C LEU C 133 -15.30 -11.58 15.74
N ILE C 134 -16.36 -12.35 15.60
CA ILE C 134 -16.32 -13.79 15.89
C ILE C 134 -16.01 -14.60 14.64
N VAL C 135 -14.96 -15.43 14.71
CA VAL C 135 -14.57 -16.29 13.60
C VAL C 135 -14.73 -17.77 13.95
N SER C 136 -14.41 -18.12 15.20
CA SER C 136 -14.59 -19.48 15.73
C SER C 136 -15.89 -20.16 15.28
N ASN C 137 -15.78 -21.44 14.91
CA ASN C 137 -16.96 -22.23 14.49
C ASN C 137 -17.57 -23.02 15.63
N PRO C 138 -18.91 -23.25 15.57
CA PRO C 138 -19.82 -22.79 14.52
C PRO C 138 -20.09 -21.29 14.64
N VAL C 139 -19.73 -20.54 13.60
CA VAL C 139 -19.58 -19.10 13.74
C VAL C 139 -20.90 -18.38 14.05
N ASP C 140 -21.99 -18.82 13.42
CA ASP C 140 -23.28 -18.17 13.62
C ASP C 140 -23.79 -18.42 15.05
N ILE C 141 -23.64 -19.65 15.51
CA ILE C 141 -24.04 -19.97 16.88
C ILE C 141 -23.17 -19.21 17.89
N LEU C 142 -21.86 -19.21 17.67
CA LEU C 142 -20.92 -18.57 18.61
C LEU C 142 -21.01 -17.04 18.62
N THR C 143 -21.46 -16.44 17.52
CA THR C 143 -21.70 -15.02 17.51
C THR C 143 -22.86 -14.69 18.45
N TYR C 144 -23.90 -15.52 18.39
CA TYR C 144 -25.03 -15.37 19.32
C TYR C 144 -24.56 -15.53 20.75
N VAL C 145 -23.74 -16.53 21.01
CA VAL C 145 -23.19 -16.77 22.34
C VAL C 145 -22.39 -15.57 22.85
N ALA C 146 -21.53 -15.02 22.00
CA ALA C 146 -20.73 -13.87 22.37
C ALA C 146 -21.60 -12.66 22.67
N TRP C 147 -22.66 -12.47 21.89
CA TRP C 147 -23.61 -11.38 22.10
C TRP C 147 -24.30 -11.54 23.43
N LYS C 148 -24.79 -12.75 23.69
CA LYS C 148 -25.51 -13.06 24.91
C LYS C 148 -24.61 -12.90 26.13
N ILE C 149 -23.39 -13.42 26.06
CA ILE C 149 -22.48 -13.34 27.19
C ILE C 149 -21.97 -11.93 27.43
N SER C 150 -21.62 -11.23 26.36
CA SER C 150 -21.02 -9.91 26.49
C SER C 150 -22.02 -8.87 26.96
N GLY C 151 -23.28 -9.03 26.55
CA GLY C 151 -24.28 -8.00 26.80
C GLY C 151 -24.10 -6.77 25.90
N PHE C 152 -23.25 -6.87 24.89
CA PHE C 152 -23.08 -5.79 23.92
C PHE C 152 -24.35 -5.60 23.08
N PRO C 153 -24.58 -4.36 22.61
CA PRO C 153 -25.63 -4.11 21.63
C PRO C 153 -25.30 -4.81 20.29
N LYS C 154 -26.35 -5.15 19.52
CA LYS C 154 -26.15 -5.94 18.31
CA LYS C 154 -26.21 -5.89 18.26
C LYS C 154 -25.16 -5.35 17.29
N ASN C 155 -24.99 -4.03 17.28
CA ASN C 155 -24.08 -3.44 16.29
C ASN C 155 -22.61 -3.76 16.56
N ARG C 156 -22.28 -4.10 17.80
CA ARG C 156 -20.89 -4.36 18.17
C ARG C 156 -20.51 -5.83 18.28
N VAL C 157 -21.37 -6.71 17.79
CA VAL C 157 -21.08 -8.14 17.75
C VAL C 157 -21.29 -8.66 16.34
N ILE C 158 -20.18 -9.03 15.71
CA ILE C 158 -20.15 -9.32 14.29
C ILE C 158 -19.56 -10.71 14.06
N GLY C 159 -20.28 -11.56 13.33
CA GLY C 159 -19.75 -12.85 12.98
C GLY C 159 -19.17 -12.83 11.59
N SER C 160 -18.00 -13.45 11.41
CA SER C 160 -17.38 -13.54 10.08
C SER C 160 -18.35 -14.11 9.05
N GLY C 161 -19.21 -15.03 9.49
CA GLY C 161 -20.29 -15.56 8.66
C GLY C 161 -19.94 -16.01 7.24
N CYS C 162 -20.62 -15.44 6.26
CA CYS C 162 -20.46 -15.82 4.86
C CYS C 162 -19.52 -14.90 4.09
N ASN C 163 -18.71 -14.14 4.81
CA ASN C 163 -17.71 -13.31 4.15
C ASN C 163 -16.77 -14.18 3.34
N LEU C 164 -16.27 -15.26 3.94
CA LEU C 164 -15.38 -16.15 3.21
C LEU C 164 -16.11 -16.92 2.11
N ASP C 165 -17.30 -17.41 2.40
CA ASP C 165 -18.08 -18.15 1.42
C ASP C 165 -18.30 -17.30 0.19
N SER C 166 -18.64 -16.02 0.42
CA SER C 166 -18.87 -15.09 -0.69
C SER C 166 -17.59 -14.83 -1.49
N ALA C 167 -16.45 -14.70 -0.81
CA ALA C 167 -15.17 -14.52 -1.49
C ALA C 167 -14.82 -15.73 -2.37
N ARG C 168 -15.09 -16.93 -1.86
CA ARG C 168 -14.90 -18.15 -2.62
C ARG C 168 -15.77 -18.19 -3.87
N PHE C 169 -17.04 -17.83 -3.68
CA PHE C 169 -18.02 -17.78 -4.77
C PHE C 169 -17.53 -16.85 -5.88
N ARG C 170 -17.06 -15.67 -5.48
CA ARG C 170 -16.58 -14.68 -6.46
C ARG C 170 -15.28 -15.14 -7.13
N TYR C 171 -14.42 -15.82 -6.38
CA TYR C 171 -13.26 -16.45 -6.99
C TYR C 171 -13.65 -17.47 -8.08
N LEU C 172 -14.58 -18.36 -7.76
CA LEU C 172 -15.06 -19.36 -8.71
C LEU C 172 -15.79 -18.73 -9.91
N MET C 173 -16.62 -17.73 -9.63
CA MET C 173 -17.31 -16.99 -10.70
CA MET C 173 -17.31 -16.97 -10.69
C MET C 173 -16.28 -16.40 -11.65
N GLY C 174 -15.27 -15.75 -11.08
CA GLY C 174 -14.20 -15.11 -11.83
C GLY C 174 -13.43 -16.07 -12.71
N GLU C 175 -13.14 -17.26 -12.20
CA GLU C 175 -12.50 -18.30 -13.01
C GLU C 175 -13.36 -18.70 -14.20
N ARG C 176 -14.65 -18.92 -13.97
CA ARG C 176 -15.53 -19.32 -15.06
C ARG C 176 -15.65 -18.26 -16.16
N LEU C 177 -15.65 -16.99 -15.77
CA LEU C 177 -15.88 -15.90 -16.71
C LEU C 177 -14.62 -15.26 -17.27
N GLY C 178 -13.47 -15.59 -16.70
CA GLY C 178 -12.22 -14.93 -17.06
C GLY C 178 -12.20 -13.45 -16.67
N VAL C 179 -12.73 -13.15 -15.48
CA VAL C 179 -12.80 -11.78 -14.98
C VAL C 179 -12.28 -11.76 -13.56
N HIS C 180 -11.64 -10.68 -13.14
CA HIS C 180 -11.15 -10.59 -11.77
C HIS C 180 -12.34 -10.67 -10.81
N PRO C 181 -12.16 -11.36 -9.67
CA PRO C 181 -13.23 -11.48 -8.67
C PRO C 181 -13.75 -10.12 -8.21
N LEU C 182 -12.88 -9.11 -8.20
CA LEU C 182 -13.32 -7.76 -7.82
C LEU C 182 -14.48 -7.28 -8.69
N SER C 183 -14.51 -7.72 -9.94
CA SER C 183 -15.55 -7.25 -10.87
C SER C 183 -16.67 -8.27 -11.02
N CYS C 184 -16.56 -9.39 -10.32
CA CYS C 184 -17.61 -10.42 -10.34
C CYS C 184 -18.43 -10.32 -9.06
N HIS C 185 -19.69 -9.94 -9.20
CA HIS C 185 -20.51 -9.70 -8.01
C HIS C 185 -21.50 -10.82 -7.74
N GLY C 186 -21.60 -11.20 -6.48
CA GLY C 186 -22.47 -12.30 -6.09
C GLY C 186 -22.43 -12.47 -4.59
N TRP C 187 -23.56 -12.82 -4.00
CA TRP C 187 -23.69 -12.88 -2.56
C TRP C 187 -24.12 -14.26 -2.07
N VAL C 188 -23.39 -14.78 -1.09
CA VAL C 188 -23.80 -15.99 -0.40
C VAL C 188 -24.20 -15.58 1.01
N LEU C 189 -25.45 -15.85 1.36
CA LEU C 189 -25.99 -15.40 2.63
C LEU C 189 -26.52 -16.55 3.48
N GLY C 190 -27.04 -16.20 4.64
CA GLY C 190 -27.57 -17.19 5.58
C GLY C 190 -26.50 -17.80 6.45
N GLU C 191 -26.53 -19.12 6.60
CA GLU C 191 -25.53 -19.83 7.40
C GLU C 191 -24.18 -19.96 6.70
N HIS C 192 -23.11 -19.67 7.44
CA HIS C 192 -21.78 -20.06 7.01
C HIS C 192 -21.76 -21.58 6.81
N GLY C 193 -21.04 -22.04 5.79
CA GLY C 193 -20.88 -23.47 5.55
C GLY C 193 -21.98 -24.15 4.73
N ASP C 194 -22.38 -25.32 5.19
CA ASP C 194 -23.25 -26.22 4.42
C ASP C 194 -24.58 -25.63 3.93
N SER C 195 -25.22 -24.81 4.76
CA SER C 195 -26.59 -24.39 4.45
C SER C 195 -26.66 -22.97 3.87
N SER C 196 -25.51 -22.43 3.45
CA SER C 196 -25.49 -21.08 2.88
C SER C 196 -26.36 -21.01 1.65
N VAL C 197 -26.79 -19.79 1.30
CA VAL C 197 -27.71 -19.56 0.20
C VAL C 197 -27.11 -18.66 -0.84
N PRO C 198 -26.90 -19.18 -2.06
CA PRO C 198 -26.39 -18.33 -3.13
C PRO C 198 -27.55 -17.50 -3.67
N VAL C 199 -27.44 -16.17 -3.66
CA VAL C 199 -28.56 -15.34 -4.11
C VAL C 199 -28.43 -15.07 -5.61
N TRP C 200 -29.05 -15.92 -6.42
CA TRP C 200 -28.81 -15.89 -7.86
C TRP C 200 -29.15 -14.56 -8.50
N SER C 201 -30.21 -13.92 -7.99
CA SER C 201 -30.71 -12.67 -8.55
C SER C 201 -29.71 -11.53 -8.49
N GLY C 202 -28.69 -11.65 -7.64
CA GLY C 202 -27.74 -10.57 -7.43
C GLY C 202 -26.42 -10.79 -8.15
N MET C 203 -26.25 -11.97 -8.73
CA MET C 203 -25.03 -12.30 -9.47
CA MET C 203 -25.02 -12.25 -9.44
C MET C 203 -24.96 -11.43 -10.73
N ASN C 204 -23.88 -10.67 -10.87
CA ASN C 204 -23.76 -9.80 -12.03
C ASN C 204 -22.32 -9.37 -12.32
N VAL C 205 -22.09 -8.95 -13.57
CA VAL C 205 -20.87 -8.24 -13.93
C VAL C 205 -21.32 -6.93 -14.56
N ALA C 206 -20.76 -5.83 -14.06
CA ALA C 206 -21.08 -4.51 -14.59
C ALA C 206 -22.58 -4.20 -14.51
N GLY C 207 -23.23 -4.74 -13.48
CA GLY C 207 -24.64 -4.49 -13.27
C GLY C 207 -25.54 -5.25 -14.23
N VAL C 208 -24.95 -6.19 -14.97
CA VAL C 208 -25.73 -7.01 -15.91
C VAL C 208 -26.09 -8.32 -15.22
N SER C 209 -27.36 -8.48 -14.88
CA SER C 209 -27.82 -9.66 -14.14
C SER C 209 -27.64 -10.95 -14.93
N LEU C 210 -26.89 -11.90 -14.38
CA LEU C 210 -26.74 -13.20 -15.03
C LEU C 210 -28.08 -13.92 -15.04
N LYS C 211 -28.86 -13.74 -13.99
CA LYS C 211 -30.16 -14.40 -13.90
C LYS C 211 -31.14 -13.93 -14.98
N THR C 212 -31.07 -12.65 -15.33
CA THR C 212 -31.94 -12.11 -16.39
C THR C 212 -31.49 -12.64 -17.76
N LEU C 213 -30.19 -12.57 -18.00
CA LEU C 213 -29.59 -13.13 -19.22
C LEU C 213 -29.83 -14.62 -19.37
N HIS C 214 -29.82 -15.32 -18.25
CA HIS C 214 -29.85 -16.78 -18.27
C HIS C 214 -30.81 -17.29 -17.19
N PRO C 215 -32.11 -17.27 -17.49
CA PRO C 215 -33.19 -17.57 -16.54
C PRO C 215 -33.04 -18.90 -15.78
N ASP C 216 -32.38 -19.88 -16.38
CA ASP C 216 -32.19 -21.18 -15.72
C ASP C 216 -31.09 -21.14 -14.66
N LEU C 217 -30.39 -20.01 -14.58
CA LEU C 217 -29.29 -19.86 -13.63
C LEU C 217 -29.72 -20.30 -12.22
N GLY C 218 -28.97 -21.22 -11.64
CA GLY C 218 -29.22 -21.63 -10.27
C GLY C 218 -30.30 -22.70 -10.09
N THR C 219 -30.84 -23.19 -11.20
CA THR C 219 -31.83 -24.27 -11.13
C THR C 219 -31.23 -25.59 -11.60
N ASP C 220 -31.92 -26.69 -11.37
CA ASP C 220 -31.43 -28.01 -11.75
C ASP C 220 -31.45 -28.18 -13.27
N LYS C 221 -32.38 -27.48 -13.92
CA LYS C 221 -32.49 -27.52 -15.37
C LYS C 221 -31.44 -26.64 -16.04
N ASP C 222 -30.52 -26.10 -15.24
CA ASP C 222 -29.46 -25.26 -15.77
C ASP C 222 -28.52 -26.05 -16.65
N LYS C 223 -28.58 -25.81 -17.95
CA LYS C 223 -27.75 -26.52 -18.91
C LYS C 223 -26.26 -26.34 -18.58
N GLU C 224 -25.93 -25.26 -17.86
CA GLU C 224 -24.54 -24.99 -17.50
C GLU C 224 -24.22 -25.33 -16.05
N GLN C 225 -25.24 -25.70 -15.28
CA GLN C 225 -25.07 -26.14 -13.90
C GLN C 225 -24.27 -25.15 -13.07
N TRP C 226 -24.73 -23.91 -13.05
CA TRP C 226 -24.12 -22.88 -12.22
C TRP C 226 -24.33 -23.18 -10.75
N LYS C 227 -25.28 -24.05 -10.46
CA LYS C 227 -25.49 -24.50 -9.10
C LYS C 227 -24.22 -25.16 -8.58
N GLU C 228 -23.44 -25.73 -9.50
CA GLU C 228 -22.21 -26.43 -9.11
C GLU C 228 -21.18 -25.49 -8.52
N VAL C 229 -21.28 -24.21 -8.89
CA VAL C 229 -20.42 -23.18 -8.37
C VAL C 229 -20.65 -23.01 -6.86
N HIS C 230 -21.91 -22.92 -6.45
CA HIS C 230 -22.20 -22.87 -5.02
C HIS C 230 -21.85 -24.20 -4.35
N LYS C 231 -22.07 -25.30 -5.06
CA LYS C 231 -21.69 -26.61 -4.54
C LYS C 231 -20.17 -26.63 -4.22
N GLN C 232 -19.38 -26.01 -5.08
CA GLN C 232 -17.94 -25.94 -4.86
C GLN C 232 -17.60 -25.03 -3.71
N VAL C 233 -18.37 -23.96 -3.53
CA VAL C 233 -18.13 -23.08 -2.40
C VAL C 233 -18.17 -23.88 -1.09
N VAL C 234 -19.20 -24.72 -0.93
CA VAL C 234 -19.30 -25.53 0.28
C VAL C 234 -18.28 -26.68 0.28
N GLU C 235 -18.14 -27.35 -0.86
CA GLU C 235 -17.24 -28.51 -0.96
C GLU C 235 -15.77 -28.12 -0.78
N SER C 236 -15.38 -26.99 -1.39
CA SER C 236 -14.00 -26.54 -1.32
C SER C 236 -13.54 -26.27 0.12
N ALA C 237 -14.45 -25.88 0.99
CA ALA C 237 -14.13 -25.68 2.41
C ALA C 237 -13.58 -26.99 3.00
N TYR C 238 -14.26 -28.09 2.71
CA TYR C 238 -13.83 -29.39 3.20
C TYR C 238 -12.57 -29.88 2.49
N GLU C 239 -12.40 -29.51 1.23
CA GLU C 239 -11.27 -30.03 0.47
C GLU C 239 -9.97 -29.40 0.93
N VAL C 240 -9.99 -28.10 1.19
CA VAL C 240 -8.79 -27.43 1.69
C VAL C 240 -8.36 -28.05 2.99
N ILE C 241 -9.33 -28.28 3.87
CA ILE C 241 -9.05 -28.89 5.17
C ILE C 241 -8.45 -30.27 5.00
N LYS C 242 -9.03 -31.05 4.09
CA LYS C 242 -8.53 -32.39 3.81
C LYS C 242 -7.10 -32.37 3.24
N LEU C 243 -6.82 -31.40 2.38
CA LEU C 243 -5.52 -31.36 1.68
C LEU C 243 -4.38 -30.80 2.52
N LYS C 244 -4.63 -29.69 3.22
CA LYS C 244 -3.57 -29.07 4.02
C LYS C 244 -3.81 -29.13 5.53
N GLY C 245 -4.98 -29.59 5.95
CA GLY C 245 -5.23 -29.89 7.35
C GLY C 245 -6.06 -28.84 8.08
N TYR C 246 -6.19 -27.67 7.47
CA TYR C 246 -6.87 -26.54 8.08
C TYR C 246 -6.97 -25.47 7.02
N THR C 247 -7.68 -24.38 7.30
CA THR C 247 -7.72 -23.24 6.39
C THR C 247 -7.18 -22.00 7.10
N SER C 248 -6.44 -21.18 6.38
CA SER C 248 -5.81 -20.05 7.03
C SER C 248 -5.74 -18.78 6.18
N TRP C 249 -5.10 -18.87 5.01
CA TRP C 249 -4.84 -17.65 4.24
C TRP C 249 -6.10 -16.90 3.84
N ALA C 250 -7.08 -17.63 3.30
CA ALA C 250 -8.31 -16.99 2.81
C ALA C 250 -9.12 -16.37 3.95
N ILE C 251 -9.27 -17.09 5.05
CA ILE C 251 -10.00 -16.53 6.18
C ILE C 251 -9.29 -15.30 6.76
N GLY C 252 -7.96 -15.38 6.87
CA GLY C 252 -7.17 -14.28 7.38
C GLY C 252 -7.31 -13.03 6.54
N LEU C 253 -7.28 -13.20 5.22
CA LEU C 253 -7.47 -12.08 4.31
C LEU C 253 -8.88 -11.49 4.40
N SER C 254 -9.87 -12.36 4.46
CA SER C 254 -11.26 -11.90 4.58
CA SER C 254 -11.28 -11.96 4.60
C SER C 254 -11.49 -11.19 5.90
N VAL C 255 -10.86 -11.65 6.97
CA VAL C 255 -11.02 -10.99 8.27
C VAL C 255 -10.36 -9.60 8.25
N ALA C 256 -9.18 -9.50 7.66
CA ALA C 256 -8.49 -8.22 7.52
C ALA C 256 -9.32 -7.22 6.71
N ASP C 257 -10.07 -7.71 5.73
CA ASP C 257 -10.92 -6.83 4.95
C ASP C 257 -12.04 -6.23 5.80
N LEU C 258 -12.65 -7.07 6.64
CA LEU C 258 -13.66 -6.61 7.58
C LEU C 258 -13.03 -5.61 8.53
N ALA C 259 -11.85 -5.93 9.05
CA ALA C 259 -11.19 -5.05 10.01
C ALA C 259 -10.89 -3.70 9.39
N GLU C 260 -10.53 -3.70 8.11
CA GLU C 260 -10.22 -2.47 7.42
C GLU C 260 -11.44 -1.53 7.37
N SER C 261 -12.61 -2.08 7.07
CA SER C 261 -13.80 -1.25 7.03
C SER C 261 -14.12 -0.69 8.42
N ILE C 262 -14.00 -1.54 9.42
CA ILE C 262 -14.32 -1.13 10.79
C ILE C 262 -13.31 -0.09 11.27
N MET C 263 -12.02 -0.36 11.06
CA MET C 263 -10.99 0.51 11.65
C MET C 263 -10.90 1.83 10.91
N LYS C 264 -11.28 1.82 9.63
CA LYS C 264 -11.16 3.03 8.82
C LYS C 264 -12.53 3.69 8.57
N ASN C 265 -13.57 3.17 9.24
CA ASN C 265 -14.93 3.69 9.13
C ASN C 265 -15.39 3.87 7.69
N LEU C 266 -15.14 2.85 6.86
CA LEU C 266 -15.39 3.01 5.43
C LEU C 266 -16.87 2.95 5.04
N ARG C 267 -17.67 2.24 5.83
CA ARG C 267 -19.08 1.98 5.48
C ARG C 267 -19.19 1.22 4.15
N ARG C 268 -18.31 0.25 3.93
CA ARG C 268 -18.51 -0.71 2.85
C ARG C 268 -19.50 -1.77 3.31
N VAL C 269 -20.06 -2.49 2.35
CA VAL C 269 -21.02 -3.55 2.62
C VAL C 269 -20.34 -4.90 2.47
N HIS C 270 -20.45 -5.71 3.52
CA HIS C 270 -19.91 -7.06 3.55
C HIS C 270 -20.96 -8.04 4.03
N PRO C 271 -20.93 -9.28 3.53
CA PRO C 271 -21.80 -10.33 4.05
C PRO C 271 -21.24 -10.87 5.36
N VAL C 272 -21.87 -10.51 6.47
CA VAL C 272 -21.42 -10.96 7.78
C VAL C 272 -22.62 -11.35 8.62
N SER C 273 -22.37 -12.10 9.68
CA SER C 273 -23.44 -12.63 10.51
C SER C 273 -23.91 -11.61 11.53
N THR C 274 -25.22 -11.38 11.56
CA THR C 274 -25.82 -10.35 12.41
C THR C 274 -27.20 -10.80 12.87
N MET C 275 -27.66 -10.21 13.97
CA MET C 275 -29.01 -10.49 14.46
C MET C 275 -30.06 -10.23 13.38
N ILE C 276 -30.73 -11.27 12.91
CA ILE C 276 -31.72 -11.08 11.85
C ILE C 276 -33.18 -11.16 12.31
N LYS C 277 -33.41 -11.32 13.60
CA LYS C 277 -34.78 -11.33 14.13
C LYS C 277 -35.56 -10.17 13.55
N GLY C 278 -36.77 -10.44 13.06
CA GLY C 278 -37.60 -9.41 12.45
C GLY C 278 -37.52 -9.38 10.94
N LEU C 279 -36.60 -10.15 10.37
CA LEU C 279 -36.52 -10.31 8.93
C LEU C 279 -36.97 -11.71 8.50
N TYR C 280 -37.55 -11.78 7.29
CA TYR C 280 -37.90 -13.04 6.66
C TYR C 280 -38.77 -13.94 7.56
N GLY C 281 -39.66 -13.32 8.33
CA GLY C 281 -40.55 -14.05 9.20
C GLY C 281 -39.84 -14.67 10.39
N ILE C 282 -38.55 -14.37 10.53
CA ILE C 282 -37.75 -14.92 11.62
C ILE C 282 -37.99 -14.13 12.89
N LYS C 283 -38.31 -14.82 13.98
CA LYS C 283 -38.69 -14.16 15.22
C LYS C 283 -37.79 -14.54 16.40
N ASP C 284 -36.81 -15.40 16.18
CA ASP C 284 -35.89 -15.80 17.24
C ASP C 284 -34.57 -15.02 17.23
N ASP C 285 -33.90 -14.97 18.38
CA ASP C 285 -32.58 -14.35 18.46
C ASP C 285 -31.55 -15.21 17.74
N VAL C 286 -31.42 -15.03 16.43
CA VAL C 286 -30.47 -15.79 15.63
CA VAL C 286 -30.43 -15.77 15.66
C VAL C 286 -29.62 -14.85 14.79
N PHE C 287 -28.35 -15.21 14.59
CA PHE C 287 -27.45 -14.44 13.75
C PHE C 287 -27.21 -15.19 12.45
N LEU C 288 -27.48 -14.51 11.34
CA LEU C 288 -27.23 -15.07 10.01
C LEU C 288 -26.62 -13.98 9.17
N SER C 289 -25.97 -14.37 8.08
CA SER C 289 -25.32 -13.39 7.23
C SER C 289 -26.28 -12.71 6.29
N VAL C 290 -26.20 -11.39 6.29
CA VAL C 290 -26.80 -10.57 5.25
C VAL C 290 -25.79 -9.45 4.99
N PRO C 291 -25.97 -8.69 3.91
CA PRO C 291 -24.95 -7.66 3.65
C PRO C 291 -25.10 -6.56 4.69
N CYS C 292 -24.00 -6.22 5.37
CA CYS C 292 -24.03 -5.20 6.41
C CYS C 292 -23.06 -4.07 6.10
N ILE C 293 -23.48 -2.86 6.44
CA ILE C 293 -22.60 -1.69 6.38
C ILE C 293 -21.71 -1.68 7.62
N LEU C 294 -20.40 -1.70 7.40
CA LEU C 294 -19.43 -1.80 8.50
C LEU C 294 -18.64 -0.54 8.64
N GLY C 295 -18.53 -0.06 9.88
CA GLY C 295 -17.75 1.13 10.16
C GLY C 295 -17.35 1.20 11.62
N GLN C 296 -17.10 2.42 12.07
CA GLN C 296 -16.54 2.69 13.39
C GLN C 296 -17.37 2.11 14.54
N ASN C 297 -18.69 2.08 14.41
CA ASN C 297 -19.50 1.45 15.46
C ASN C 297 -20.03 0.07 15.09
N GLY C 298 -19.26 -0.64 14.29
CA GLY C 298 -19.62 -2.00 13.89
C GLY C 298 -20.63 -1.99 12.77
N ILE C 299 -21.69 -2.78 12.94
CA ILE C 299 -22.78 -2.84 11.97
C ILE C 299 -23.82 -1.75 12.25
N SER C 300 -23.79 -0.68 11.44
CA SER C 300 -24.72 0.43 11.67
C SER C 300 -26.04 0.23 10.92
N ASP C 301 -25.97 -0.50 9.82
CA ASP C 301 -27.12 -0.70 8.93
C ASP C 301 -26.96 -2.06 8.26
N LEU C 302 -28.06 -2.67 7.83
CA LEU C 302 -27.95 -3.83 6.97
C LEU C 302 -28.81 -3.65 5.73
N VAL C 303 -28.42 -4.31 4.65
CA VAL C 303 -29.16 -4.26 3.41
C VAL C 303 -30.25 -5.32 3.44
N LYS C 304 -31.47 -4.91 3.11
CA LYS C 304 -32.59 -5.84 3.09
C LYS C 304 -32.70 -6.43 1.69
N VAL C 305 -32.01 -7.55 1.46
CA VAL C 305 -32.01 -8.21 0.16
C VAL C 305 -33.40 -8.74 -0.15
N THR C 306 -33.87 -8.52 -1.37
CA THR C 306 -35.12 -9.15 -1.81
C THR C 306 -34.83 -10.62 -2.13
N LEU C 307 -35.54 -11.50 -1.45
CA LEU C 307 -35.32 -12.94 -1.59
C LEU C 307 -36.55 -13.61 -2.19
N THR C 308 -36.32 -14.68 -2.96
CA THR C 308 -37.41 -15.52 -3.46
C THR C 308 -38.02 -16.27 -2.30
N SER C 309 -39.21 -16.82 -2.52
CA SER C 309 -39.87 -17.63 -1.49
C SER C 309 -38.98 -18.77 -1.03
N GLU C 310 -38.39 -19.47 -2.00
CA GLU C 310 -37.47 -20.57 -1.69
C GLU C 310 -36.27 -20.08 -0.88
N GLU C 311 -35.71 -18.94 -1.27
CA GLU C 311 -34.57 -18.38 -0.55
C GLU C 311 -34.96 -17.95 0.87
N GLU C 312 -36.13 -17.33 1.01
CA GLU C 312 -36.61 -16.91 2.32
CA GLU C 312 -36.61 -16.91 2.33
C GLU C 312 -36.85 -18.11 3.24
N ALA C 313 -37.36 -19.19 2.66
CA ALA C 313 -37.63 -20.41 3.43
C ALA C 313 -36.36 -21.13 3.90
N ARG C 314 -35.27 -20.97 3.16
CA ARG C 314 -34.00 -21.54 3.59
C ARG C 314 -33.45 -20.81 4.82
N LEU C 315 -33.56 -19.49 4.84
CA LEU C 315 -33.09 -18.73 5.99
C LEU C 315 -33.96 -19.02 7.21
N LYS C 316 -35.26 -19.13 6.99
CA LYS C 316 -36.18 -19.42 8.08
C LYS C 316 -35.86 -20.80 8.67
N LYS C 317 -35.70 -21.78 7.79
CA LYS C 317 -35.33 -23.12 8.26
C LYS C 317 -34.04 -23.04 9.08
N SER C 318 -33.03 -22.36 8.55
CA SER C 318 -31.76 -22.19 9.27
C SER C 318 -31.96 -21.56 10.64
N ALA C 319 -32.78 -20.52 10.70
CA ALA C 319 -33.02 -19.84 11.98
C ALA C 319 -33.70 -20.79 12.99
N ASP C 320 -34.72 -21.50 12.54
CA ASP C 320 -35.37 -22.48 13.41
C ASP C 320 -34.35 -23.48 13.96
N THR C 321 -33.50 -24.01 13.08
CA THR C 321 -32.50 -25.00 13.48
C THR C 321 -31.53 -24.42 14.50
N LEU C 322 -30.98 -23.25 14.20
CA LEU C 322 -30.04 -22.60 15.10
C LEU C 322 -30.67 -22.30 16.45
N TRP C 323 -31.88 -21.76 16.45
CA TRP C 323 -32.53 -21.46 17.72
C TRP C 323 -32.71 -22.72 18.55
N GLY C 324 -33.11 -23.81 17.88
CA GLY C 324 -33.34 -25.07 18.56
C GLY C 324 -32.09 -25.52 19.28
N ILE C 325 -30.95 -25.28 18.66
CA ILE C 325 -29.67 -25.64 19.27
C ILE C 325 -29.35 -24.70 20.41
N GLN C 326 -29.50 -23.40 20.14
CA GLN C 326 -29.14 -22.37 21.11
C GLN C 326 -29.91 -22.46 22.42
N LYS C 327 -31.20 -22.79 22.35
CA LYS C 327 -32.02 -22.84 23.55
C LYS C 327 -31.60 -23.98 24.48
N GLU C 328 -30.85 -24.95 23.96
CA GLU C 328 -30.40 -26.08 24.76
C GLU C 328 -28.97 -25.94 25.25
N LEU C 329 -28.26 -24.92 24.78
CA LEU C 329 -26.89 -24.70 25.23
C LEU C 329 -26.87 -24.28 26.70
N GLN C 330 -25.81 -24.68 27.40
CA GLN C 330 -25.65 -24.36 28.80
C GLN C 330 -24.73 -23.16 28.97
N PHE C 331 -25.28 -22.06 29.47
CA PHE C 331 -24.52 -20.83 29.66
C PHE C 331 -23.95 -20.67 31.07
N ALA D 1 -23.43 -19.50 -27.47
CA ALA D 1 -24.60 -19.03 -26.75
C ALA D 1 -24.55 -19.45 -25.28
N THR D 2 -23.35 -19.74 -24.79
CA THR D 2 -23.16 -19.96 -23.37
C THR D 2 -23.36 -18.64 -22.64
N LEU D 3 -23.60 -18.70 -21.34
CA LEU D 3 -23.79 -17.47 -20.57
C LEU D 3 -22.59 -16.54 -20.74
N LYS D 4 -21.39 -17.12 -20.74
CA LYS D 4 -20.18 -16.33 -20.95
C LYS D 4 -20.20 -15.55 -22.26
N ASP D 5 -20.64 -16.20 -23.33
CA ASP D 5 -20.73 -15.56 -24.64
C ASP D 5 -21.84 -14.53 -24.74
N GLN D 6 -22.97 -14.79 -24.11
CA GLN D 6 -24.05 -13.81 -24.03
C GLN D 6 -23.52 -12.57 -23.33
N LEU D 7 -22.70 -12.78 -22.30
CA LEU D 7 -22.31 -11.70 -21.41
C LEU D 7 -21.07 -10.93 -21.88
N ILE D 8 -20.14 -11.68 -22.48
CA ILE D 8 -18.84 -11.14 -22.86
C ILE D 8 -18.48 -11.37 -24.32
N TYR D 9 -18.09 -10.29 -24.99
CA TYR D 9 -17.58 -10.38 -26.34
C TYR D 9 -16.05 -10.32 -26.31
N ASN D 10 -15.43 -11.34 -26.88
CA ASN D 10 -13.98 -11.42 -26.89
C ASN D 10 -13.39 -10.68 -28.11
N LEU D 11 -12.46 -9.76 -27.87
CA LEU D 11 -11.78 -9.07 -28.97
C LEU D 11 -10.66 -9.92 -29.55
N LEU D 12 -9.86 -10.52 -28.67
CA LEU D 12 -8.79 -11.42 -29.12
C LEU D 12 -8.34 -12.42 -28.06
N LYS D 13 -7.78 -13.52 -28.53
CA LYS D 13 -7.13 -14.48 -27.66
C LYS D 13 -5.69 -14.56 -28.12
N GLU D 14 -4.78 -13.98 -27.34
CA GLU D 14 -3.37 -13.97 -27.75
C GLU D 14 -2.39 -14.11 -26.59
N GLU D 15 -1.18 -14.54 -26.93
CA GLU D 15 -0.04 -14.56 -26.02
C GLU D 15 -0.44 -14.88 -24.59
N GLN D 16 -0.38 -13.86 -23.74
CA GLN D 16 -0.64 -14.02 -22.32
C GLN D 16 0.58 -14.65 -21.67
N THR D 17 1.66 -13.89 -21.64
CA THR D 17 2.88 -14.30 -20.96
C THR D 17 3.09 -13.45 -19.70
N PRO D 18 3.39 -14.10 -18.57
CA PRO D 18 3.52 -13.41 -17.28
C PRO D 18 4.68 -12.42 -17.32
N GLN D 19 4.45 -11.19 -16.84
CA GLN D 19 5.46 -10.14 -16.92
C GLN D 19 6.29 -10.02 -15.65
N ASN D 20 5.70 -10.39 -14.53
CA ASN D 20 6.33 -10.26 -13.23
C ASN D 20 6.07 -11.47 -12.36
N LYS D 21 6.48 -12.61 -12.86
CA LYS D 21 6.17 -13.88 -12.20
C LYS D 21 7.20 -14.26 -11.14
N ILE D 22 6.72 -14.77 -10.01
CA ILE D 22 7.59 -15.30 -8.97
C ILE D 22 7.17 -16.73 -8.65
N THR D 23 8.16 -17.59 -8.43
CA THR D 23 7.92 -18.95 -7.98
C THR D 23 8.48 -19.15 -6.58
N VAL D 24 7.73 -19.83 -5.73
CA VAL D 24 8.26 -20.31 -4.47
C VAL D 24 8.34 -21.83 -4.51
N VAL D 25 9.56 -22.35 -4.34
CA VAL D 25 9.77 -23.79 -4.22
C VAL D 25 9.84 -24.21 -2.76
N GLY D 26 8.92 -25.08 -2.37
CA GLY D 26 8.76 -25.52 -1.00
C GLY D 26 7.66 -24.73 -0.33
N VAL D 27 6.59 -25.41 0.07
CA VAL D 27 5.44 -24.75 0.69
C VAL D 27 5.27 -25.13 2.16
N GLY D 28 6.39 -25.26 2.84
CA GLY D 28 6.38 -25.38 4.30
C GLY D 28 6.10 -24.00 4.90
N ALA D 29 6.35 -23.84 6.19
CA ALA D 29 6.04 -22.59 6.88
C ALA D 29 6.76 -21.39 6.28
N VAL D 30 8.03 -21.56 5.95
CA VAL D 30 8.79 -20.49 5.32
C VAL D 30 8.27 -20.12 3.93
N GLY D 31 8.13 -21.11 3.05
CA GLY D 31 7.63 -20.83 1.72
C GLY D 31 6.30 -20.09 1.67
N MET D 32 5.35 -20.53 2.49
CA MET D 32 4.01 -19.94 2.49
C MET D 32 4.00 -18.55 3.12
N ALA D 33 4.92 -18.31 4.06
CA ALA D 33 5.04 -16.98 4.65
C ALA D 33 5.65 -16.01 3.63
N CYS D 34 6.64 -16.48 2.88
CA CYS D 34 7.15 -15.72 1.74
C CYS D 34 6.00 -15.46 0.76
N ALA D 35 5.24 -16.52 0.43
CA ALA D 35 4.12 -16.37 -0.49
C ALA D 35 3.10 -15.30 -0.03
N ILE D 36 2.62 -15.39 1.21
CA ILE D 36 1.60 -14.43 1.64
C ILE D 36 2.13 -12.99 1.66
N SER D 37 3.36 -12.82 2.12
CA SER D 37 3.97 -11.49 2.14
C SER D 37 4.16 -10.90 0.75
N ILE D 38 4.59 -11.72 -0.21
CA ILE D 38 4.75 -11.29 -1.60
C ILE D 38 3.39 -10.91 -2.22
N LEU D 39 2.38 -11.72 -1.94
CA LEU D 39 1.01 -11.41 -2.40
C LEU D 39 0.49 -10.10 -1.84
N MET D 40 0.71 -9.88 -0.54
CA MET D 40 0.16 -8.69 0.09
C MET D 40 0.93 -7.41 -0.24
N LYS D 41 2.08 -7.56 -0.90
CA LYS D 41 2.86 -6.42 -1.38
C LYS D 41 2.72 -6.20 -2.88
N ASP D 42 1.85 -6.97 -3.53
CA ASP D 42 1.53 -6.74 -4.95
C ASP D 42 2.80 -6.73 -5.80
N LEU D 43 3.71 -7.67 -5.55
CA LEU D 43 4.96 -7.74 -6.29
C LEU D 43 4.86 -8.52 -7.60
N ALA D 44 3.90 -9.44 -7.68
CA ALA D 44 3.85 -10.37 -8.80
C ALA D 44 2.51 -10.36 -9.52
N ASP D 45 2.53 -10.61 -10.83
CA ASP D 45 1.28 -10.78 -11.55
C ASP D 45 0.92 -12.26 -11.70
N GLU D 46 1.84 -13.13 -11.31
CA GLU D 46 1.62 -14.58 -11.26
C GLU D 46 2.52 -15.18 -10.20
N LEU D 47 1.95 -16.06 -9.40
CA LEU D 47 2.72 -16.75 -8.37
C LEU D 47 2.61 -18.24 -8.62
N ALA D 48 3.74 -18.92 -8.58
CA ALA D 48 3.74 -20.37 -8.78
C ALA D 48 4.35 -21.03 -7.56
N LEU D 49 3.73 -22.12 -7.14
CA LEU D 49 4.20 -22.91 -5.99
C LEU D 49 4.58 -24.31 -6.44
N VAL D 50 5.72 -24.81 -5.95
CA VAL D 50 6.16 -26.18 -6.19
C VAL D 50 6.52 -26.88 -4.88
N ASP D 51 6.19 -28.15 -4.79
CA ASP D 51 6.61 -28.99 -3.67
C ASP D 51 6.50 -30.43 -4.14
N VAL D 52 7.02 -31.37 -3.35
CA VAL D 52 6.89 -32.79 -3.67
C VAL D 52 5.73 -33.41 -2.94
N ILE D 53 5.16 -32.69 -1.97
CA ILE D 53 4.00 -33.19 -1.24
C ILE D 53 2.75 -32.68 -1.92
N GLU D 54 2.11 -33.54 -2.71
CA GLU D 54 1.06 -33.07 -3.61
C GLU D 54 -0.21 -32.54 -2.94
N ASP D 55 -0.73 -33.23 -1.94
CA ASP D 55 -1.95 -32.79 -1.26
C ASP D 55 -1.74 -31.44 -0.58
N LYS D 56 -0.67 -31.35 0.22
CA LYS D 56 -0.30 -30.11 0.88
C LYS D 56 -0.17 -28.98 -0.14
N LEU D 57 0.49 -29.26 -1.25
CA LEU D 57 0.70 -28.27 -2.28
C LEU D 57 -0.62 -27.72 -2.84
N LYS D 58 -1.54 -28.62 -3.16
CA LYS D 58 -2.83 -28.21 -3.75
C LYS D 58 -3.67 -27.42 -2.74
N GLY D 59 -3.66 -27.87 -1.48
CA GLY D 59 -4.37 -27.18 -0.41
C GLY D 59 -3.89 -25.76 -0.23
N GLU D 60 -2.57 -25.57 -0.17
CA GLU D 60 -2.01 -24.23 -0.02
C GLU D 60 -2.39 -23.33 -1.21
N MET D 61 -2.25 -23.86 -2.43
CA MET D 61 -2.65 -23.10 -3.62
C MET D 61 -4.11 -22.66 -3.51
N MET D 62 -5.00 -23.61 -3.20
CA MET D 62 -6.43 -23.29 -3.11
C MET D 62 -6.73 -22.28 -2.02
N ASP D 63 -6.05 -22.40 -0.88
CA ASP D 63 -6.30 -21.48 0.23
C ASP D 63 -5.92 -20.05 -0.21
N LEU D 64 -4.79 -19.89 -0.87
CA LEU D 64 -4.42 -18.58 -1.42
C LEU D 64 -5.44 -18.08 -2.46
N GLN D 65 -5.79 -18.94 -3.41
CA GLN D 65 -6.76 -18.59 -4.46
C GLN D 65 -8.08 -18.10 -3.88
N HIS D 66 -8.57 -18.77 -2.85
CA HIS D 66 -9.83 -18.36 -2.24
C HIS D 66 -9.75 -16.94 -1.66
N GLY D 67 -8.53 -16.42 -1.49
CA GLY D 67 -8.33 -15.06 -1.02
C GLY D 67 -8.14 -14.04 -2.14
N SER D 68 -8.33 -14.50 -3.38
CA SER D 68 -8.06 -13.68 -4.57
C SER D 68 -8.80 -12.34 -4.59
N LEU D 69 -10.03 -12.33 -4.07
CA LEU D 69 -10.83 -11.11 -4.05
C LEU D 69 -10.10 -10.00 -3.31
N PHE D 70 -9.23 -10.39 -2.39
CA PHE D 70 -8.56 -9.43 -1.52
C PHE D 70 -7.14 -9.11 -1.97
N LEU D 71 -6.74 -9.67 -3.10
CA LEU D 71 -5.36 -9.52 -3.59
C LEU D 71 -5.34 -8.87 -4.98
N ARG D 72 -4.16 -8.56 -5.48
CA ARG D 72 -4.00 -7.99 -6.82
C ARG D 72 -3.03 -8.83 -7.63
N THR D 73 -3.07 -10.14 -7.38
CA THR D 73 -2.29 -11.11 -8.14
C THR D 73 -3.27 -12.07 -8.78
N PRO D 74 -3.49 -11.91 -10.08
CA PRO D 74 -4.65 -12.53 -10.72
C PRO D 74 -4.46 -14.01 -11.03
N LYS D 75 -3.25 -14.55 -10.88
CA LYS D 75 -3.04 -15.96 -11.25
C LYS D 75 -2.11 -16.67 -10.28
N ILE D 76 -2.66 -17.69 -9.63
CA ILE D 76 -1.90 -18.49 -8.68
C ILE D 76 -1.99 -19.94 -9.11
N VAL D 77 -0.83 -20.56 -9.33
CA VAL D 77 -0.75 -21.91 -9.86
C VAL D 77 0.18 -22.73 -8.99
N SER D 78 0.08 -24.05 -9.12
CA SER D 78 0.99 -24.93 -8.40
C SER D 78 1.12 -26.26 -9.12
N GLY D 79 2.19 -27.00 -8.83
CA GLY D 79 2.35 -28.33 -9.37
C GLY D 79 3.70 -28.91 -8.97
N LYS D 80 3.78 -30.23 -8.97
CA LYS D 80 5.02 -30.94 -8.70
C LYS D 80 5.97 -30.78 -9.90
N ASP D 81 5.38 -30.64 -11.09
CA ASP D 81 6.12 -30.47 -12.34
C ASP D 81 6.54 -29.01 -12.50
N TYR D 82 7.78 -28.77 -12.93
CA TYR D 82 8.28 -27.40 -13.04
C TYR D 82 7.73 -26.60 -14.21
N ASN D 83 6.95 -27.22 -15.09
CA ASN D 83 6.33 -26.43 -16.15
C ASN D 83 5.48 -25.27 -15.60
N VAL D 84 4.97 -25.41 -14.38
CA VAL D 84 4.21 -24.31 -13.80
C VAL D 84 5.06 -23.07 -13.51
N THR D 85 6.37 -23.23 -13.44
CA THR D 85 7.26 -22.13 -13.03
C THR D 85 7.84 -21.36 -14.22
N ALA D 86 7.44 -21.72 -15.44
CA ALA D 86 8.03 -21.14 -16.64
C ALA D 86 8.00 -19.61 -16.65
N ASN D 87 9.10 -19.01 -17.12
CA ASN D 87 9.22 -17.56 -17.28
C ASN D 87 9.14 -16.76 -15.97
N SER D 88 9.65 -17.34 -14.89
CA SER D 88 9.71 -16.62 -13.61
C SER D 88 10.84 -15.60 -13.65
N LYS D 89 10.57 -14.39 -13.14
CA LYS D 89 11.63 -13.39 -12.93
C LYS D 89 12.48 -13.74 -11.72
N LEU D 90 11.83 -14.32 -10.73
CA LEU D 90 12.47 -14.58 -9.46
C LEU D 90 11.98 -15.93 -8.95
N VAL D 91 12.92 -16.78 -8.54
CA VAL D 91 12.59 -18.10 -8.01
C VAL D 91 13.19 -18.26 -6.64
N ILE D 92 12.34 -18.49 -5.66
CA ILE D 92 12.72 -18.50 -4.26
C ILE D 92 12.73 -19.93 -3.75
N ILE D 93 13.90 -20.38 -3.28
CA ILE D 93 14.05 -21.78 -2.85
C ILE D 93 14.04 -21.87 -1.33
N THR D 94 13.01 -22.52 -0.78
CA THR D 94 12.92 -22.77 0.65
C THR D 94 12.90 -24.27 0.93
N ALA D 95 12.99 -25.09 -0.13
CA ALA D 95 12.91 -26.53 0.03
C ALA D 95 14.23 -27.11 0.54
N GLY D 96 14.16 -28.25 1.22
CA GLY D 96 15.34 -28.90 1.71
C GLY D 96 15.01 -29.90 2.78
N ALA D 97 16.04 -30.52 3.34
CA ALA D 97 15.84 -31.47 4.42
C ALA D 97 16.25 -30.82 5.74
N ARG D 98 15.59 -31.25 6.81
CA ARG D 98 15.90 -30.78 8.14
C ARG D 98 16.94 -31.68 8.80
N GLN D 99 17.86 -31.08 9.54
CA GLN D 99 18.92 -31.84 10.19
C GLN D 99 18.36 -32.77 11.25
N GLN D 100 18.90 -33.99 11.30
CA GLN D 100 18.50 -34.97 12.29
C GLN D 100 19.44 -34.91 13.49
N GLU D 101 18.93 -35.28 14.66
CA GLU D 101 19.74 -35.33 15.87
C GLU D 101 20.94 -36.24 15.63
N GLY D 102 22.14 -35.73 15.87
CA GLY D 102 23.36 -36.51 15.70
C GLY D 102 23.94 -36.52 14.30
N GLU D 103 23.21 -35.96 13.33
CA GLU D 103 23.69 -35.89 11.95
C GLU D 103 24.77 -34.83 11.79
N SER D 104 25.84 -35.17 11.09
CA SER D 104 26.95 -34.24 10.86
C SER D 104 26.56 -33.14 9.88
N ARG D 105 27.26 -32.01 9.93
CA ARG D 105 27.03 -30.91 9.02
C ARG D 105 27.20 -31.37 7.57
N LEU D 106 28.25 -32.13 7.32
CA LEU D 106 28.52 -32.61 5.97
C LEU D 106 27.39 -33.50 5.43
N ASN D 107 26.89 -34.40 6.27
CA ASN D 107 25.80 -35.31 5.88
C ASN D 107 24.53 -34.54 5.55
N LEU D 108 24.24 -33.53 6.37
CA LEU D 108 23.07 -32.69 6.16
C LEU D 108 23.23 -31.88 4.88
N VAL D 109 24.39 -31.24 4.72
CA VAL D 109 24.62 -30.44 3.51
C VAL D 109 24.52 -31.34 2.26
N GLN D 110 25.08 -32.54 2.34
CA GLN D 110 25.07 -33.43 1.19
C GLN D 110 23.65 -33.84 0.79
N ARG D 111 22.79 -34.09 1.77
CA ARG D 111 21.39 -34.41 1.48
C ARG D 111 20.71 -33.27 0.73
N ASN D 112 20.98 -32.05 1.17
CA ASN D 112 20.47 -30.86 0.50
C ASN D 112 21.05 -30.67 -0.90
N VAL D 113 22.31 -31.01 -1.07
CA VAL D 113 22.91 -30.97 -2.39
C VAL D 113 22.13 -31.90 -3.31
N ASN D 114 21.86 -33.11 -2.81
CA ASN D 114 21.15 -34.09 -3.59
C ASN D 114 19.74 -33.61 -3.94
N ILE D 115 19.11 -32.88 -3.03
CA ILE D 115 17.80 -32.30 -3.29
C ILE D 115 17.89 -31.18 -4.32
N PHE D 116 18.89 -30.31 -4.18
CA PHE D 116 19.11 -29.24 -5.15
C PHE D 116 19.47 -29.78 -6.52
N LYS D 117 20.08 -30.95 -6.58
CA LYS D 117 20.42 -31.53 -7.88
C LYS D 117 19.16 -31.86 -8.69
N PHE D 118 18.05 -32.10 -8.00
CA PHE D 118 16.78 -32.31 -8.71
C PHE D 118 16.09 -30.98 -9.02
N ILE D 119 16.11 -30.08 -8.05
CA ILE D 119 15.39 -28.82 -8.16
C ILE D 119 15.99 -27.84 -9.18
N ILE D 120 17.26 -27.53 -9.03
CA ILE D 120 17.87 -26.42 -9.78
C ILE D 120 17.87 -26.62 -11.33
N PRO D 121 18.22 -27.81 -11.82
CA PRO D 121 18.21 -27.99 -13.28
C PRO D 121 16.81 -27.77 -13.86
N ASN D 122 15.79 -28.19 -13.10
CA ASN D 122 14.42 -27.99 -13.53
C ASN D 122 14.00 -26.51 -13.51
N VAL D 123 14.43 -25.77 -12.50
CA VAL D 123 14.20 -24.33 -12.46
C VAL D 123 14.86 -23.66 -13.67
N VAL D 124 16.12 -24.00 -13.93
CA VAL D 124 16.87 -23.38 -15.01
C VAL D 124 16.24 -23.71 -16.37
N LYS D 125 15.80 -24.96 -16.51
CA LYS D 125 15.11 -25.36 -17.72
C LYS D 125 13.98 -24.39 -18.06
N TYR D 126 13.16 -24.06 -17.07
CA TYR D 126 11.95 -23.29 -17.33
C TYR D 126 12.06 -21.78 -17.18
N SER D 127 13.04 -21.30 -16.41
CA SER D 127 13.30 -19.88 -16.27
C SER D 127 14.80 -19.64 -16.34
N PRO D 128 15.36 -19.83 -17.54
CA PRO D 128 16.82 -19.71 -17.73
C PRO D 128 17.35 -18.36 -17.28
N ASN D 129 16.50 -17.32 -17.29
CA ASN D 129 16.97 -15.97 -17.00
C ASN D 129 16.56 -15.37 -15.62
N CYS D 130 16.03 -16.22 -14.75
CA CYS D 130 15.52 -15.78 -13.47
C CYS D 130 16.65 -15.42 -12.53
N LYS D 131 16.32 -14.68 -11.47
CA LYS D 131 17.21 -14.54 -10.34
C LYS D 131 16.84 -15.66 -9.38
N LEU D 132 17.83 -16.27 -8.72
CA LEU D 132 17.55 -17.28 -7.71
C LEU D 132 17.79 -16.69 -6.34
N LEU D 133 16.83 -16.85 -5.45
CA LEU D 133 17.02 -16.42 -4.07
C LEU D 133 16.94 -17.65 -3.18
N ILE D 134 18.05 -18.01 -2.56
CA ILE D 134 18.11 -19.22 -1.74
C ILE D 134 17.83 -18.87 -0.27
N VAL D 135 16.88 -19.57 0.33
CA VAL D 135 16.50 -19.33 1.72
C VAL D 135 16.86 -20.55 2.58
N SER D 136 16.80 -21.73 1.95
CA SER D 136 17.07 -23.01 2.61
C SER D 136 18.39 -23.02 3.38
N ASN D 137 18.41 -23.68 4.53
CA ASN D 137 19.63 -23.74 5.35
C ASN D 137 20.43 -25.02 5.17
N PRO D 138 21.76 -24.95 5.36
CA PRO D 138 22.51 -23.73 5.70
C PRO D 138 22.69 -22.80 4.49
N VAL D 139 22.14 -21.60 4.61
CA VAL D 139 21.89 -20.75 3.45
C VAL D 139 23.16 -20.35 2.68
N ASP D 140 24.23 -20.03 3.40
CA ASP D 140 25.48 -19.62 2.75
C ASP D 140 26.07 -20.76 1.90
N ILE D 141 26.10 -21.96 2.45
CA ILE D 141 26.55 -23.11 1.68
C ILE D 141 25.60 -23.48 0.54
N LEU D 142 24.28 -23.46 0.80
CA LEU D 142 23.33 -23.86 -0.24
C LEU D 142 23.23 -22.83 -1.37
N THR D 143 23.56 -21.58 -1.06
CA THR D 143 23.66 -20.56 -2.09
C THR D 143 24.80 -20.91 -3.04
N TYR D 144 25.96 -21.26 -2.48
CA TYR D 144 27.06 -21.81 -3.27
C TYR D 144 26.60 -23.03 -4.10
N VAL D 145 25.88 -23.95 -3.47
CA VAL D 145 25.42 -25.15 -4.17
C VAL D 145 24.52 -24.79 -5.36
N ALA D 146 23.60 -23.87 -5.15
CA ALA D 146 22.72 -23.44 -6.22
C ALA D 146 23.47 -22.74 -7.35
N TRP D 147 24.45 -21.93 -6.99
CA TRP D 147 25.32 -21.29 -7.99
C TRP D 147 26.07 -22.32 -8.83
N LYS D 148 26.69 -23.29 -8.17
CA LYS D 148 27.43 -24.34 -8.85
C LYS D 148 26.56 -25.12 -9.81
N ILE D 149 25.39 -25.55 -9.35
CA ILE D 149 24.50 -26.40 -10.14
C ILE D 149 23.86 -25.62 -11.29
N SER D 150 23.40 -24.41 -11.01
CA SER D 150 22.70 -23.61 -12.01
C SER D 150 23.61 -23.15 -13.14
N GLY D 151 24.88 -22.91 -12.83
CA GLY D 151 25.78 -22.25 -13.78
C GLY D 151 25.46 -20.77 -14.01
N PHE D 152 24.60 -20.21 -13.17
CA PHE D 152 24.24 -18.79 -13.28
C PHE D 152 25.44 -17.89 -12.99
N PRO D 153 25.43 -16.67 -13.57
CA PRO D 153 26.43 -15.68 -13.17
C PRO D 153 26.21 -15.27 -11.70
N LYS D 154 27.27 -14.83 -11.03
CA LYS D 154 27.21 -14.49 -9.61
C LYS D 154 26.05 -13.56 -9.25
N ASN D 155 25.78 -12.58 -10.12
CA ASN D 155 24.75 -11.57 -9.83
C ASN D 155 23.33 -12.14 -9.67
N ARG D 156 23.07 -13.29 -10.29
CA ARG D 156 21.73 -13.87 -10.23
C ARG D 156 21.53 -14.97 -9.18
N VAL D 157 22.53 -15.22 -8.34
CA VAL D 157 22.34 -16.17 -7.24
C VAL D 157 22.52 -15.48 -5.90
N ILE D 158 21.44 -15.36 -5.15
CA ILE D 158 21.41 -14.54 -3.94
C ILE D 158 21.00 -15.37 -2.75
N GLY D 159 21.75 -15.28 -1.65
CA GLY D 159 21.36 -15.99 -0.44
C GLY D 159 20.65 -15.01 0.48
N SER D 160 19.55 -15.41 1.12
CA SER D 160 18.91 -14.48 2.05
C SER D 160 19.88 -14.10 3.17
N GLY D 161 20.82 -14.98 3.48
CA GLY D 161 21.97 -14.63 4.31
C GLY D 161 21.64 -13.94 5.63
N CYS D 162 22.25 -12.78 5.87
CA CYS D 162 22.04 -12.05 7.13
C CYS D 162 20.93 -10.98 7.06
N ASN D 163 20.06 -11.07 6.06
CA ASN D 163 18.99 -10.08 5.94
C ASN D 163 18.10 -10.16 7.17
N LEU D 164 17.75 -11.38 7.57
CA LEU D 164 16.91 -11.55 8.74
C LEU D 164 17.65 -11.24 10.05
N ASP D 165 18.92 -11.62 10.13
CA ASP D 165 19.74 -11.34 11.31
C ASP D 165 19.80 -9.83 11.55
N SER D 166 19.99 -9.07 10.48
CA SER D 166 20.08 -7.63 10.59
C SER D 166 18.73 -7.01 10.98
N ALA D 167 17.64 -7.53 10.44
CA ALA D 167 16.33 -7.01 10.81
C ALA D 167 16.08 -7.28 12.29
N ARG D 168 16.50 -8.44 12.79
CA ARG D 168 16.35 -8.72 14.21
C ARG D 168 17.20 -7.76 15.05
N PHE D 169 18.43 -7.55 14.60
CA PHE D 169 19.34 -6.64 15.29
C PHE D 169 18.69 -5.26 15.43
N ARG D 170 18.12 -4.78 14.33
CA ARG D 170 17.53 -3.44 14.34
C ARG D 170 16.24 -3.36 15.16
N TYR D 171 15.46 -4.44 15.17
CA TYR D 171 14.34 -4.50 16.10
C TYR D 171 14.81 -4.35 17.57
N LEU D 172 15.83 -5.10 17.93
CA LEU D 172 16.34 -5.09 19.31
C LEU D 172 16.94 -3.74 19.67
N MET D 173 17.68 -3.18 18.71
CA MET D 173 18.25 -1.84 18.86
CA MET D 173 18.25 -1.83 18.84
C MET D 173 17.13 -0.81 19.06
N GLY D 174 16.10 -0.89 18.23
CA GLY D 174 14.96 0.00 18.33
C GLY D 174 14.29 -0.07 19.70
N GLU D 175 14.13 -1.28 20.21
CA GLU D 175 13.54 -1.48 21.54
C GLU D 175 14.38 -0.84 22.65
N ARG D 176 15.69 -1.01 22.59
CA ARG D 176 16.56 -0.35 23.56
C ARG D 176 16.50 1.17 23.48
N LEU D 177 16.42 1.71 22.27
CA LEU D 177 16.52 3.16 22.14
C LEU D 177 15.16 3.88 22.10
N GLY D 178 14.08 3.13 21.92
CA GLY D 178 12.75 3.72 21.83
C GLY D 178 12.60 4.45 20.52
N VAL D 179 13.13 3.85 19.45
CA VAL D 179 13.12 4.42 18.11
C VAL D 179 12.66 3.34 17.14
N HIS D 180 11.89 3.71 16.13
CA HIS D 180 11.45 2.71 15.16
C HIS D 180 12.66 2.04 14.49
N PRO D 181 12.61 0.72 14.28
CA PRO D 181 13.75 0.03 13.63
C PRO D 181 14.16 0.65 12.29
N LEU D 182 13.20 1.20 11.55
CA LEU D 182 13.53 1.89 10.30
C LEU D 182 14.60 2.96 10.50
N SER D 183 14.62 3.55 11.69
CA SER D 183 15.50 4.67 11.96
C SER D 183 16.71 4.25 12.76
N CYS D 184 16.78 2.97 13.13
CA CYS D 184 17.96 2.42 13.79
C CYS D 184 18.73 1.62 12.75
N HIS D 185 19.96 2.05 12.47
CA HIS D 185 20.78 1.42 11.43
C HIS D 185 21.88 0.59 12.06
N GLY D 186 22.09 -0.60 11.50
CA GLY D 186 23.11 -1.51 11.99
C GLY D 186 23.16 -2.74 11.10
N TRP D 187 24.35 -3.31 10.97
CA TRP D 187 24.58 -4.37 10.00
C TRP D 187 25.21 -5.61 10.63
N VAL D 188 24.58 -6.76 10.39
CA VAL D 188 25.11 -8.03 10.82
C VAL D 188 25.54 -8.73 9.54
N LEU D 189 26.82 -9.05 9.44
CA LEU D 189 27.39 -9.61 8.22
C LEU D 189 28.03 -10.98 8.40
N GLY D 190 28.54 -11.54 7.29
CA GLY D 190 29.23 -12.81 7.32
C GLY D 190 28.28 -13.99 7.20
N GLU D 191 28.51 -15.00 8.03
CA GLU D 191 27.67 -16.19 8.07
C GLU D 191 26.32 -15.95 8.74
N HIS D 192 25.26 -16.39 8.10
CA HIS D 192 23.95 -16.40 8.74
C HIS D 192 24.01 -17.33 9.95
N GLY D 193 23.33 -16.93 11.02
CA GLY D 193 23.26 -17.76 12.21
C GLY D 193 24.34 -17.49 13.26
N ASP D 194 24.87 -18.58 13.82
CA ASP D 194 25.74 -18.52 14.99
C ASP D 194 27.01 -17.68 14.85
N SER D 195 27.64 -17.71 13.69
CA SER D 195 28.93 -17.02 13.52
C SER D 195 28.83 -15.64 12.87
N SER D 196 27.62 -15.11 12.78
CA SER D 196 27.42 -13.76 12.20
C SER D 196 28.18 -12.68 12.98
N VAL D 197 28.46 -11.57 12.30
CA VAL D 197 29.32 -10.52 12.85
C VAL D 197 28.55 -9.19 12.91
N PRO D 198 28.39 -8.65 14.13
CA PRO D 198 27.74 -7.34 14.26
C PRO D 198 28.77 -6.24 14.00
N VAL D 199 28.53 -5.37 13.02
CA VAL D 199 29.54 -4.35 12.71
C VAL D 199 29.29 -3.10 13.57
N TRP D 200 29.94 -3.06 14.73
CA TRP D 200 29.62 -2.01 15.71
C TRP D 200 29.82 -0.62 15.15
N SER D 201 30.86 -0.46 14.33
CA SER D 201 31.22 0.85 13.76
C SER D 201 30.10 1.50 12.95
N GLY D 202 29.20 0.69 12.39
CA GLY D 202 28.13 1.21 11.55
C GLY D 202 26.79 1.46 12.26
N MET D 203 26.72 1.11 13.53
CA MET D 203 25.48 1.26 14.28
CA MET D 203 25.48 1.28 14.26
C MET D 203 25.26 2.74 14.61
N ASN D 204 24.16 3.30 14.13
CA ASN D 204 23.90 4.73 14.27
C ASN D 204 22.40 5.05 14.22
N VAL D 205 22.03 6.21 14.80
CA VAL D 205 20.72 6.80 14.58
C VAL D 205 21.01 8.17 14.03
N ALA D 206 20.34 8.53 12.94
CA ALA D 206 20.54 9.82 12.30
C ALA D 206 22.02 10.12 12.00
N GLY D 207 22.78 9.09 11.62
CA GLY D 207 24.19 9.25 11.30
C GLY D 207 25.05 9.46 12.52
N VAL D 208 24.45 9.39 13.71
CA VAL D 208 25.24 9.51 14.93
C VAL D 208 25.75 8.13 15.34
N SER D 209 27.07 7.94 15.30
CA SER D 209 27.65 6.63 15.57
C SER D 209 27.60 6.28 17.07
N LEU D 210 26.95 5.18 17.40
CA LEU D 210 26.90 4.71 18.79
C LEU D 210 28.29 4.41 19.34
N LYS D 211 29.13 3.80 18.50
CA LYS D 211 30.49 3.44 18.90
C LYS D 211 31.34 4.67 19.21
N THR D 212 31.10 5.75 18.47
CA THR D 212 31.83 6.99 18.70
C THR D 212 31.40 7.66 20.00
N LEU D 213 30.10 7.66 20.29
CA LEU D 213 29.61 8.15 21.57
C LEU D 213 30.09 7.29 22.72
N HIS D 214 30.15 5.99 22.49
CA HIS D 214 30.37 5.02 23.56
C HIS D 214 31.44 4.03 23.13
N PRO D 215 32.72 4.41 23.29
CA PRO D 215 33.83 3.64 22.72
C PRO D 215 33.91 2.20 23.19
N ASP D 216 33.39 1.89 24.38
CA ASP D 216 33.42 0.52 24.87
C ASP D 216 32.34 -0.35 24.25
N LEU D 217 31.44 0.27 23.49
CA LEU D 217 30.37 -0.45 22.80
C LEU D 217 30.86 -1.76 22.15
N GLY D 218 30.20 -2.87 22.48
CA GLY D 218 30.50 -4.14 21.86
C GLY D 218 31.62 -4.91 22.53
N THR D 219 32.29 -4.29 23.49
CA THR D 219 33.39 -4.94 24.19
C THR D 219 32.94 -5.47 25.54
N ASP D 220 33.84 -6.13 26.24
CA ASP D 220 33.54 -6.67 27.56
C ASP D 220 33.63 -5.59 28.65
N LYS D 221 34.20 -4.44 28.30
CA LYS D 221 34.24 -3.31 29.22
C LYS D 221 32.99 -2.42 29.13
N ASP D 222 32.06 -2.77 28.25
CA ASP D 222 30.82 -2.01 28.10
C ASP D 222 29.84 -2.27 29.24
N LYS D 223 29.64 -1.28 30.11
CA LYS D 223 28.74 -1.43 31.24
C LYS D 223 27.28 -1.64 30.84
N GLU D 224 26.94 -1.32 29.60
CA GLU D 224 25.58 -1.51 29.11
C GLU D 224 25.44 -2.80 28.32
N GLN D 225 26.54 -3.51 28.14
CA GLN D 225 26.50 -4.84 27.51
C GLN D 225 25.75 -4.86 26.17
N TRP D 226 26.15 -3.99 25.24
CA TRP D 226 25.53 -3.97 23.91
C TRP D 226 25.83 -5.22 23.09
N LYS D 227 26.88 -5.94 23.47
CA LYS D 227 27.18 -7.23 22.87
C LYS D 227 25.99 -8.19 23.03
N GLU D 228 25.20 -8.00 24.08
CA GLU D 228 24.07 -8.90 24.35
C GLU D 228 23.00 -8.76 23.29
N VAL D 229 23.00 -7.63 22.60
CA VAL D 229 22.04 -7.42 21.53
C VAL D 229 22.33 -8.41 20.40
N HIS D 230 23.60 -8.55 20.04
CA HIS D 230 23.94 -9.52 18.99
C HIS D 230 23.78 -10.97 19.47
N LYS D 231 24.03 -11.22 20.74
CA LYS D 231 23.84 -12.56 21.29
C LYS D 231 22.36 -12.93 21.18
N GLN D 232 21.49 -11.95 21.42
CA GLN D 232 20.04 -12.15 21.26
C GLN D 232 19.64 -12.41 19.80
N VAL D 233 20.27 -11.70 18.86
CA VAL D 233 20.04 -11.95 17.45
C VAL D 233 20.29 -13.43 17.15
N VAL D 234 21.40 -13.94 17.68
CA VAL D 234 21.78 -15.34 17.50
C VAL D 234 20.83 -16.30 18.23
N GLU D 235 20.54 -16.00 19.50
CA GLU D 235 19.73 -16.88 20.34
C GLU D 235 18.24 -16.81 20.04
N SER D 236 17.76 -15.62 19.66
CA SER D 236 16.33 -15.44 19.41
C SER D 236 15.83 -16.41 18.33
N ALA D 237 16.71 -16.75 17.38
CA ALA D 237 16.32 -17.66 16.31
C ALA D 237 16.02 -19.05 16.87
N TYR D 238 16.89 -19.53 17.76
CA TYR D 238 16.67 -20.81 18.43
C TYR D 238 15.46 -20.73 19.36
N GLU D 239 15.28 -19.58 20.01
CA GLU D 239 14.19 -19.46 20.99
C GLU D 239 12.84 -19.55 20.29
N VAL D 240 12.69 -18.84 19.18
CA VAL D 240 11.45 -18.93 18.39
C VAL D 240 11.18 -20.38 17.97
N ILE D 241 12.22 -21.10 17.54
CA ILE D 241 12.03 -22.48 17.11
C ILE D 241 11.57 -23.37 18.27
N LYS D 242 12.17 -23.18 19.44
CA LYS D 242 11.79 -23.94 20.62
C LYS D 242 10.36 -23.60 21.06
N LEU D 243 9.97 -22.34 20.92
CA LEU D 243 8.66 -21.90 21.38
C LEU D 243 7.51 -22.30 20.47
N LYS D 244 7.66 -22.07 19.16
CA LYS D 244 6.57 -22.33 18.21
C LYS D 244 6.90 -23.45 17.22
N GLY D 245 8.12 -23.96 17.29
CA GLY D 245 8.51 -25.12 16.49
C GLY D 245 9.24 -24.81 15.20
N TYR D 246 9.20 -23.54 14.79
CA TYR D 246 9.78 -23.12 13.52
C TYR D 246 9.71 -21.59 13.47
N THR D 247 10.35 -20.98 12.50
CA THR D 247 10.14 -19.55 12.29
C THR D 247 9.56 -19.34 10.90
N SER D 248 8.72 -18.32 10.76
CA SER D 248 8.04 -18.12 9.50
C SER D 248 7.78 -16.65 9.19
N TRP D 249 7.10 -15.94 10.08
CA TRP D 249 6.66 -14.60 9.72
C TRP D 249 7.80 -13.64 9.37
N ALA D 250 8.84 -13.59 10.21
CA ALA D 250 9.91 -12.63 10.00
C ALA D 250 10.70 -12.97 8.74
N ILE D 251 10.98 -14.25 8.52
CA ILE D 251 11.67 -14.62 7.30
C ILE D 251 10.82 -14.29 6.07
N GLY D 252 9.52 -14.59 6.14
CA GLY D 252 8.62 -14.23 5.05
C GLY D 252 8.68 -12.74 4.73
N LEU D 253 8.61 -11.90 5.75
CA LEU D 253 8.64 -10.47 5.53
C LEU D 253 9.99 -9.99 4.97
N SER D 254 11.08 -10.57 5.45
CA SER D 254 12.40 -10.16 4.95
C SER D 254 12.60 -10.57 3.49
N VAL D 255 12.13 -11.76 3.14
CA VAL D 255 12.26 -12.23 1.77
C VAL D 255 11.43 -11.34 0.84
N ALA D 256 10.23 -10.97 1.29
CA ALA D 256 9.37 -10.05 0.51
C ALA D 256 10.05 -8.70 0.30
N ASP D 257 10.79 -8.23 1.30
CA ASP D 257 11.52 -6.98 1.12
C ASP D 257 12.61 -7.11 0.04
N LEU D 258 13.30 -8.25 0.03
CA LEU D 258 14.32 -8.50 -1.00
C LEU D 258 13.65 -8.58 -2.39
N ALA D 259 12.54 -9.29 -2.44
CA ALA D 259 11.81 -9.45 -3.70
C ALA D 259 11.38 -8.09 -4.21
N GLU D 260 10.97 -7.21 -3.31
CA GLU D 260 10.54 -5.88 -3.72
C GLU D 260 11.68 -5.12 -4.42
N SER D 261 12.86 -5.10 -3.80
CA SER D 261 14.00 -4.44 -4.45
C SER D 261 14.33 -5.04 -5.81
N ILE D 262 14.26 -6.36 -5.92
CA ILE D 262 14.61 -7.03 -7.16
C ILE D 262 13.56 -6.75 -8.23
N MET D 263 12.29 -6.97 -7.88
CA MET D 263 11.20 -6.88 -8.84
C MET D 263 11.00 -5.45 -9.32
N LYS D 264 11.24 -4.48 -8.45
CA LYS D 264 11.00 -3.08 -8.80
C LYS D 264 12.29 -2.35 -9.21
N ASN D 265 13.38 -3.09 -9.34
CA ASN D 265 14.70 -2.51 -9.69
C ASN D 265 15.10 -1.34 -8.77
N LEU D 266 14.89 -1.48 -7.47
CA LEU D 266 15.09 -0.32 -6.60
C LEU D 266 16.57 0.08 -6.40
N ARG D 267 17.47 -0.89 -6.46
CA ARG D 267 18.87 -0.66 -6.09
C ARG D 267 19.01 -0.16 -4.63
N ARG D 268 18.20 -0.73 -3.75
CA ARG D 268 18.42 -0.58 -2.30
C ARG D 268 19.54 -1.52 -1.84
N VAL D 269 20.15 -1.20 -0.70
CA VAL D 269 21.24 -2.01 -0.16
C VAL D 269 20.73 -2.95 0.93
N HIS D 270 20.97 -4.24 0.76
CA HIS D 270 20.56 -5.23 1.74
C HIS D 270 21.74 -6.14 2.10
N PRO D 271 21.75 -6.66 3.34
CA PRO D 271 22.78 -7.63 3.72
C PRO D 271 22.37 -9.03 3.28
N VAL D 272 22.88 -9.46 2.14
CA VAL D 272 22.57 -10.79 1.61
C VAL D 272 23.85 -11.54 1.23
N SER D 273 23.73 -12.86 1.08
CA SER D 273 24.87 -13.72 0.80
C SER D 273 25.23 -13.73 -0.69
N THR D 274 26.49 -13.43 -0.97
CA THR D 274 26.96 -13.29 -2.35
C THR D 274 28.36 -13.88 -2.41
N MET D 275 28.78 -14.28 -3.60
CA MET D 275 30.09 -14.91 -3.77
C MET D 275 31.18 -13.91 -3.41
N ILE D 276 31.92 -14.20 -2.35
CA ILE D 276 32.77 -13.19 -1.73
C ILE D 276 34.27 -13.31 -2.03
N LYS D 277 34.63 -14.25 -2.90
CA LYS D 277 36.02 -14.47 -3.30
C LYS D 277 36.68 -13.17 -3.77
N GLY D 278 37.93 -12.96 -3.36
CA GLY D 278 38.71 -11.83 -3.83
C GLY D 278 38.45 -10.56 -3.05
N LEU D 279 37.51 -10.61 -2.12
CA LEU D 279 37.18 -9.45 -1.32
C LEU D 279 37.35 -9.82 0.15
N TYR D 280 37.07 -8.87 1.02
CA TYR D 280 37.24 -9.05 2.45
C TYR D 280 38.33 -10.07 2.87
N GLY D 281 39.35 -10.26 2.03
CA GLY D 281 40.50 -11.08 2.39
C GLY D 281 40.48 -12.56 1.99
N ILE D 282 39.47 -12.96 1.23
CA ILE D 282 39.14 -14.36 1.03
C ILE D 282 39.48 -14.87 -0.37
N LYS D 283 39.97 -16.11 -0.46
CA LYS D 283 40.43 -16.66 -1.74
C LYS D 283 39.68 -17.88 -2.28
N ASP D 284 38.69 -18.40 -1.53
CA ASP D 284 37.89 -19.52 -2.00
C ASP D 284 36.50 -19.12 -2.49
N ASP D 285 35.87 -20.01 -3.24
CA ASP D 285 34.51 -19.81 -3.74
C ASP D 285 33.53 -20.02 -2.61
N VAL D 286 33.31 -18.98 -1.80
CA VAL D 286 32.37 -19.05 -0.70
C VAL D 286 31.46 -17.82 -0.73
N PHE D 287 30.24 -17.99 -0.21
CA PHE D 287 29.25 -16.93 -0.16
C PHE D 287 29.06 -16.51 1.29
N LEU D 288 29.10 -15.20 1.55
CA LEU D 288 28.87 -14.63 2.87
C LEU D 288 28.10 -13.35 2.68
N SER D 289 27.45 -12.87 3.74
CA SER D 289 26.68 -11.63 3.63
C SER D 289 27.52 -10.37 3.76
N VAL D 290 27.34 -9.48 2.79
CA VAL D 290 27.85 -8.12 2.82
C VAL D 290 26.71 -7.28 2.26
N PRO D 291 26.77 -5.95 2.43
CA PRO D 291 25.68 -5.12 1.92
C PRO D 291 25.73 -5.15 0.41
N CYS D 292 24.61 -5.49 -0.24
CA CYS D 292 24.57 -5.66 -1.68
C CYS D 292 23.50 -4.76 -2.28
N ILE D 293 23.79 -4.18 -3.44
CA ILE D 293 22.79 -3.40 -4.18
CA ILE D 293 22.79 -3.40 -4.18
C ILE D 293 21.94 -4.36 -4.99
N LEU D 294 20.63 -4.37 -4.71
CA LEU D 294 19.72 -5.31 -5.35
C LEU D 294 18.77 -4.62 -6.31
N GLY D 295 18.56 -5.22 -7.47
CA GLY D 295 17.65 -4.67 -8.44
C GLY D 295 17.35 -5.72 -9.50
N GLN D 296 17.02 -5.28 -10.71
CA GLN D 296 16.49 -6.22 -11.70
C GLN D 296 17.50 -7.25 -12.25
N ASN D 297 18.79 -7.01 -12.03
CA ASN D 297 19.80 -8.01 -12.39
C ASN D 297 20.30 -8.82 -11.19
N GLY D 298 19.61 -8.74 -10.07
CA GLY D 298 20.06 -9.40 -8.86
C GLY D 298 21.05 -8.47 -8.18
N ILE D 299 22.20 -9.01 -7.79
CA ILE D 299 23.21 -8.21 -7.11
C ILE D 299 24.11 -7.58 -8.14
N SER D 300 23.95 -6.27 -8.38
CA SER D 300 24.76 -5.61 -9.39
C SER D 300 26.06 -5.06 -8.84
N ASP D 301 26.10 -4.82 -7.52
CA ASP D 301 27.25 -4.19 -6.87
C ASP D 301 27.24 -4.59 -5.41
N LEU D 302 28.39 -4.47 -4.76
CA LEU D 302 28.37 -4.65 -3.31
C LEU D 302 29.18 -3.56 -2.62
N VAL D 303 28.90 -3.38 -1.33
CA VAL D 303 29.59 -2.35 -0.57
C VAL D 303 30.77 -2.96 0.14
N LYS D 304 31.91 -2.29 0.07
CA LYS D 304 33.10 -2.73 0.76
C LYS D 304 33.19 -2.09 2.14
N VAL D 305 32.83 -2.87 3.16
CA VAL D 305 32.77 -2.35 4.51
C VAL D 305 34.15 -2.43 5.17
N THR D 306 34.59 -1.34 5.77
CA THR D 306 35.83 -1.37 6.55
C THR D 306 35.59 -2.11 7.85
N LEU D 307 36.36 -3.17 8.06
CA LEU D 307 36.19 -4.04 9.22
C LEU D 307 37.38 -3.94 10.15
N THR D 308 37.15 -4.19 11.44
CA THR D 308 38.27 -4.26 12.39
C THR D 308 39.02 -5.55 12.15
N SER D 309 40.21 -5.65 12.72
CA SER D 309 41.02 -6.87 12.59
C SER D 309 40.21 -8.07 13.05
N GLU D 310 39.54 -7.93 14.19
CA GLU D 310 38.70 -9.00 14.71
C GLU D 310 37.57 -9.37 13.75
N GLU D 311 36.89 -8.37 13.19
CA GLU D 311 35.75 -8.64 12.32
C GLU D 311 36.21 -9.36 11.05
N GLU D 312 37.34 -8.91 10.52
CA GLU D 312 37.91 -9.51 9.32
C GLU D 312 38.32 -10.97 9.55
N ALA D 313 38.98 -11.22 10.68
CA ALA D 313 39.36 -12.57 11.06
C ALA D 313 38.14 -13.49 11.16
N ARG D 314 37.02 -12.97 11.64
CA ARG D 314 35.82 -13.80 11.80
C ARG D 314 35.26 -14.21 10.44
N LEU D 315 35.25 -13.28 9.49
CA LEU D 315 34.79 -13.60 8.13
C LEU D 315 35.73 -14.59 7.46
N LYS D 316 37.03 -14.38 7.64
CA LYS D 316 38.04 -15.27 7.09
C LYS D 316 37.91 -16.68 7.67
N LYS D 317 37.69 -16.79 8.98
CA LYS D 317 37.48 -18.09 9.61
C LYS D 317 36.22 -18.80 9.09
N SER D 318 35.13 -18.06 8.95
CA SER D 318 33.90 -18.59 8.35
C SER D 318 34.17 -19.10 6.94
N ALA D 319 34.89 -18.32 6.14
CA ALA D 319 35.21 -18.74 4.78
C ALA D 319 36.01 -20.06 4.78
N ASP D 320 37.01 -20.15 5.66
CA ASP D 320 37.78 -21.39 5.81
C ASP D 320 36.88 -22.56 6.16
N THR D 321 35.93 -22.36 7.06
CA THR D 321 35.06 -23.46 7.47
C THR D 321 34.13 -23.87 6.34
N LEU D 322 33.49 -22.89 5.70
CA LEU D 322 32.60 -23.17 4.58
C LEU D 322 33.30 -23.91 3.43
N TRP D 323 34.47 -23.43 3.03
CA TRP D 323 35.19 -24.10 1.96
C TRP D 323 35.60 -25.53 2.36
N GLY D 324 35.97 -25.71 3.63
CA GLY D 324 36.34 -27.02 4.14
C GLY D 324 35.22 -28.04 3.91
N ILE D 325 33.99 -27.62 4.14
CA ILE D 325 32.81 -28.44 3.88
C ILE D 325 32.53 -28.57 2.39
N GLN D 326 32.56 -27.45 1.67
CA GLN D 326 32.20 -27.45 0.25
C GLN D 326 33.11 -28.33 -0.58
N LYS D 327 34.40 -28.33 -0.25
CA LYS D 327 35.33 -29.07 -1.07
C LYS D 327 35.13 -30.57 -0.96
N GLU D 328 34.36 -31.02 0.04
CA GLU D 328 34.08 -32.45 0.21
C GLU D 328 32.73 -32.88 -0.39
N LEU D 329 31.97 -31.91 -0.90
CA LEU D 329 30.65 -32.19 -1.44
C LEU D 329 30.73 -32.93 -2.78
N GLN D 330 29.75 -33.78 -3.04
CA GLN D 330 29.73 -34.53 -4.29
C GLN D 330 28.61 -34.02 -5.18
N PHE D 331 28.99 -33.45 -6.31
CA PHE D 331 28.03 -32.89 -7.26
C PHE D 331 27.81 -33.83 -8.43
PA NAI E . -3.31 22.01 -19.67
O1A NAI E . -3.38 23.20 -20.59
O2A NAI E . -3.05 22.45 -18.24
O5B NAI E . -2.15 21.04 -20.13
C5B NAI E . -1.95 20.64 -21.42
C4B NAI E . -0.57 20.33 -21.77
O4B NAI E . -0.51 19.76 -23.06
C3B NAI E . 0.18 21.61 -21.83
O3B NAI E . 1.24 21.57 -20.92
C2B NAI E . 0.63 21.69 -23.17
O2B NAI E . 1.86 22.30 -23.34
C1B NAI E . 0.68 20.25 -23.58
N9A NAI E . 0.85 20.09 -25.01
C8A NAI E . 0.26 20.86 -25.95
N7A NAI E . 0.67 20.45 -27.17
C5A NAI E . 1.53 19.42 -27.00
C6A NAI E . 2.26 18.58 -27.86
N6A NAI E . 2.17 18.79 -29.30
N1A NAI E . 3.04 17.62 -27.35
C2A NAI E . 3.13 17.44 -26.02
N3A NAI E . 2.45 18.21 -25.15
C4A NAI E . 1.64 19.19 -25.62
O3 NAI E . -4.68 21.18 -19.82
PN NAI E . -5.24 20.11 -18.77
O1N NAI E . -4.03 19.32 -18.22
O2N NAI E . -6.07 20.75 -17.71
O5D NAI E . -6.14 19.12 -19.61
C5D NAI E . -5.59 18.40 -20.67
C4D NAI E . -6.50 17.65 -21.49
O4D NAI E . -7.20 16.66 -20.65
C3D NAI E . -7.56 18.51 -22.04
O3D NAI E . -7.88 18.07 -23.33
C2D NAI E . -8.71 18.31 -21.14
O2D NAI E . -9.89 18.61 -21.71
C1D NAI E . -8.57 16.84 -20.85
N1N NAI E . -9.39 16.33 -19.74
C2N NAI E . -10.00 15.12 -19.90
C3N NAI E . -10.77 14.55 -18.90
C7N NAI E . -11.43 13.22 -19.16
O7N NAI E . -12.25 12.75 -18.34
N7N NAI E . -11.14 12.51 -20.35
C4N NAI E . -10.95 15.23 -17.68
C5N NAI E . -10.30 16.46 -17.51
C6N NAI E . -9.53 17.01 -18.55
N1 EPE F . -5.56 -2.07 -37.13
C2 EPE F . -5.78 -1.58 -38.50
C3 EPE F . -4.42 -1.37 -39.16
N4 EPE F . -3.53 -2.51 -38.99
C5 EPE F . -3.51 -3.20 -37.72
C6 EPE F . -4.91 -3.39 -37.15
C7 EPE F . -2.36 -2.62 -39.86
C8 EPE F . -1.29 -1.58 -39.57
O8 EPE F . -1.86 -0.29 -39.42
C9 EPE F . -6.80 -2.09 -36.33
C10 EPE F . -7.91 -2.81 -37.05
S EPE F . -9.21 -3.33 -35.90
O1S EPE F . -9.20 -4.79 -35.77
O2S EPE F . -8.96 -2.72 -34.60
O3S EPE F . -10.51 -2.90 -36.40
C1 ZHK G . -18.27 17.95 -19.57
C2 ZHK G . -17.35 18.59 -20.63
C3 ZHK G . -16.91 17.52 -21.62
O4 ZHK G . -15.89 16.88 -21.42
N5 ZHK G . -17.69 17.32 -22.72
C6 ZHK G . -17.46 16.39 -23.76
C7 ZHK G . -18.40 16.30 -24.79
C8 ZHK G . -18.21 15.41 -25.83
C9 ZHK G . -17.10 14.59 -25.86
C10 ZHK G . -16.16 14.68 -24.85
C11 ZHK G . -16.33 15.57 -23.80
S12 ZHK G . -16.88 13.46 -27.22
O13 ZHK G . -17.29 14.16 -28.39
O14 ZHK G . -15.60 12.85 -27.08
N15 ZHK G . -17.98 12.24 -26.97
S16 ZHK G . -15.97 19.37 -19.74
C17 ZHK G . -14.79 19.78 -20.98
N18 ZHK G . -13.56 20.18 -20.56
C20 ZHK G . -12.60 20.47 -21.47
O21 ZHK G . -11.49 20.82 -21.08
C22 ZHK G . -12.91 20.35 -22.85
C23 ZHK G . -14.21 19.94 -23.21
N24 ZHK G . -15.10 19.66 -22.25
C25 ZHK G . -14.66 19.76 -24.61
C26 ZHK G . -15.23 18.54 -24.96
C27 ZHK G . -15.66 18.31 -26.25
C28 ZHK G . -15.53 19.30 -27.20
C29 ZHK G . -14.96 20.52 -26.87
C30 ZHK G . -14.53 20.76 -25.58
CL1 ZHK G . -14.81 21.74 -28.10
CL2 ZHK G . -16.08 19.01 -28.82
C33 ZHK G . -11.91 20.64 -23.82
N34 ZHK G . -11.10 20.87 -24.60
H19 ZHK G . -13.36 20.26 -19.62
S SO4 H . -17.36 -2.48 -9.47
O1 SO4 H . -17.11 -2.56 -8.04
O2 SO4 H . -17.13 -3.78 -10.09
O3 SO4 H . -16.44 -1.53 -10.11
O4 SO4 H . -18.76 -2.05 -9.71
PA NAI I . -0.39 29.19 -3.42
O1A NAI I . -0.39 30.65 -3.83
O2A NAI I . -0.62 28.25 -4.59
O5B NAI I . -1.50 28.92 -2.37
C5B NAI I . -1.64 29.64 -1.21
C4B NAI I . -2.96 29.57 -0.61
O4B NAI I . -2.95 30.17 0.68
C3B NAI I . -3.92 30.36 -1.45
O3B NAI I . -4.97 29.55 -1.91
C2B NAI I . -4.38 31.38 -0.57
O2B NAI I . -5.70 31.80 -0.76
C1B NAI I . -4.22 30.75 0.77
N9A NAI I . -4.35 31.68 1.86
C8A NAI I . -3.85 32.93 1.91
N7A NAI I . -4.22 33.50 3.08
C5A NAI I . -4.98 32.63 3.76
C6A NAI I . -5.65 32.62 4.98
N6A NAI I . -5.62 33.77 5.86
N1A NAI I . -6.33 31.52 5.37
C2A NAI I . -6.39 30.43 4.59
N3A NAI I . -5.77 30.40 3.42
C4A NAI I . -5.07 31.46 2.97
O3 NAI I . 1.02 29.01 -2.71
PN NAI I . 1.74 27.60 -2.54
O1N NAI I . 0.66 26.60 -2.08
O2N NAI I . 2.57 27.27 -3.75
O5D NAI I . 2.74 27.83 -1.32
C5D NAI I . 2.26 28.05 -0.04
C4D NAI I . 3.24 28.27 0.99
O4D NAI I . 4.03 27.05 1.16
C3D NAI I . 4.21 29.33 0.64
O3D NAI I . 4.54 30.04 1.79
C2D NAI I . 5.37 28.58 0.14
O2D NAI I . 6.51 29.34 0.13
C1D NAI I . 5.39 27.43 1.10
N1N NAI I . 6.25 26.32 0.68
C2N NAI I . 6.98 25.68 1.65
C3N NAI I . 7.81 24.62 1.33
C7N NAI I . 8.61 23.94 2.43
O7N NAI I . 9.53 23.16 2.09
N7N NAI I . 8.33 24.19 3.79
C4N NAI I . 7.91 24.18 0.00
C5N NAI I . 7.15 24.82 -0.98
C6N NAI I . 6.32 25.91 -0.62
N1 EPE J . 3.31 25.03 27.67
C2 EPE J . 3.52 26.08 26.66
C3 EPE J . 2.46 27.17 26.78
N4 EPE J . 2.54 27.76 28.10
C5 EPE J . 3.29 27.03 29.10
C6 EPE J . 3.01 25.54 29.01
C7 EPE J . 1.55 28.75 28.51
C8 EPE J . 1.65 30.04 27.72
O8 EPE J . 1.03 29.86 26.47
C9 EPE J . 4.49 24.15 27.72
C10 EPE J . 5.74 25.02 27.79
S EPE J . 6.95 24.57 26.52
O1S EPE J . 8.20 25.30 26.75
O2S EPE J . 7.19 23.13 26.60
O3S EPE J . 6.43 24.89 25.19
C LAC K . 11.12 24.53 -1.15
CA LAC K . 10.71 25.91 -0.78
CB LAC K . 9.61 26.37 -1.67
O LAC K . 12.16 24.12 -0.59
OHN LAC K . 10.35 25.95 0.54
OXT LAC K . 10.53 23.80 -2.00
PA NAI L . -6.49 -24.11 15.96
O1A NAI L . -6.86 -25.28 16.84
O2A NAI L . -5.28 -24.38 15.10
O5B NAI L . -6.22 -22.90 16.88
C5B NAI L . -7.08 -22.53 17.89
C4B NAI L . -6.47 -21.83 18.98
O4B NAI L . -7.45 -21.49 19.93
C3B NAI L . -5.47 -22.72 19.68
O3B NAI L . -4.21 -22.11 19.74
C2B NAI L . -6.02 -22.88 20.98
O2B NAI L . -5.07 -23.02 21.99
C1B NAI L . -6.80 -21.62 21.14
N9A NAI L . -7.65 -21.64 22.31
C8A NAI L . -8.38 -22.68 22.75
N7A NAI L . -9.00 -22.33 23.90
C5A NAI L . -8.65 -21.06 24.19
C6A NAI L . -8.96 -20.16 25.22
N6A NAI L . -9.87 -20.56 26.29
N1A NAI L . -8.43 -18.91 25.21
C2A NAI L . -7.60 -18.54 24.21
N3A NAI L . -7.28 -19.37 23.22
C4A NAI L . -7.79 -20.62 23.18
O3 NAI L . -7.82 -23.77 15.09
PN NAI L . -7.82 -22.92 13.74
O1N NAI L . -6.91 -21.70 13.92
O2N NAI L . -7.46 -23.76 12.53
O5D NAI L . -9.30 -22.40 13.56
C5D NAI L . -9.90 -21.69 14.60
C4D NAI L . -11.32 -21.53 14.54
O4D NAI L . -11.72 -20.79 13.34
C3D NAI L . -11.98 -22.85 14.42
O3D NAI L . -13.09 -22.85 15.24
C2D NAI L . -12.36 -22.95 13.00
O2D NAI L . -13.41 -23.78 12.80
C1D NAI L . -12.70 -21.53 12.68
N1N NAI L . -12.74 -21.25 11.25
C2N NAI L . -13.67 -20.37 10.82
C3N NAI L . -13.79 -20.02 9.47
C7N NAI L . -14.86 -19.03 9.10
O7N NAI L . -15.12 -18.74 7.91
N7N NAI L . -15.60 -18.42 10.15
C4N NAI L . -12.91 -20.59 8.54
C5N NAI L . -11.94 -21.49 9.01
C6N NAI L . -11.86 -21.83 10.38
N1 EPE M . -27.94 -5.11 24.81
C2 EPE M . -28.70 -6.15 25.53
C3 EPE M . -28.03 -6.38 26.88
N4 EPE M . -27.69 -5.15 27.57
C5 EPE M . -27.19 -4.01 26.81
C6 EPE M . -27.97 -3.82 25.52
C7 EPE M . -27.35 -5.21 28.99
C8 EPE M . -26.03 -5.93 29.27
O8 EPE M . -24.98 -4.98 29.29
C9 EPE M . -28.30 -4.97 23.39
C10 EPE M . -29.77 -5.28 23.12
S EPE M . -29.99 -5.69 21.36
O1S EPE M . -30.97 -6.75 21.23
O2S EPE M . -28.69 -6.13 20.86
O3S EPE M . -30.43 -4.52 20.62
C1 ZHK N . -17.93 -26.25 6.09
C2 ZHK N . -17.64 -26.51 7.56
C3 ZHK N . -18.35 -25.47 8.40
O4 ZHK N . -17.79 -24.43 8.73
N5 ZHK N . -19.62 -25.74 8.76
C6 ZHK N . -20.48 -24.94 9.55
C7 ZHK N . -21.76 -25.44 9.81
C8 ZHK N . -22.65 -24.72 10.58
C9 ZHK N . -22.30 -23.50 11.12
C10 ZHK N . -21.02 -23.00 10.87
C11 ZHK N . -20.11 -23.72 10.10
S12 ZHK N . -23.49 -22.63 12.11
O13 ZHK N . -24.32 -23.61 12.71
O14 ZHK N . -22.76 -21.70 12.90
N15 ZHK N . -24.45 -21.77 11.08
S16 ZHK N . -15.84 -26.54 7.81
C17 ZHK N . -15.60 -26.69 9.54
N18 ZHK N . -14.35 -26.54 10.04
C20 ZHK N . -14.13 -26.58 11.37
O21 ZHK N . -13.00 -26.43 11.80
C22 ZHK N . -15.24 -26.81 12.23
C23 ZHK N . -16.51 -26.99 11.64
N24 ZHK N . -16.64 -26.91 10.32
C25 ZHK N . -17.76 -27.21 12.42
C26 ZHK N . -18.84 -26.43 12.04
C27 ZHK N . -20.05 -26.53 12.68
C28 ZHK N . -20.17 -27.43 13.72
C29 ZHK N . -19.11 -28.22 14.13
C30 ZHK N . -17.88 -28.12 13.48
CL1 ZHK N . -19.40 -29.32 15.45
CL2 ZHK N . -21.68 -27.58 14.55
C33 ZHK N . -15.04 -26.85 13.65
N34 ZHK N . -14.85 -26.88 14.77
S SO4 O . -18.58 -5.55 -4.00
O1 SO4 O . -17.50 -5.25 -4.95
O2 SO4 O . -18.05 -6.18 -2.80
O3 SO4 O . -19.22 -4.31 -3.59
O4 SO4 O . -19.55 -6.45 -4.66
PA NAI P . 9.47 -27.27 6.09
O1A NAI P . 9.95 -28.70 6.32
O2A NAI P . 8.22 -26.97 6.90
O5B NAI P . 9.20 -27.08 4.56
C5B NAI P . 10.03 -27.57 3.57
C4B NAI P . 9.36 -27.95 2.33
O4B NAI P . 10.31 -28.31 1.35
C3B NAI P . 8.54 -29.16 2.59
O3B NAI P . 7.21 -28.90 2.26
C2B NAI P . 9.11 -30.17 1.78
O2B NAI P . 8.19 -31.06 1.27
C1B NAI P . 9.70 -29.37 0.67
N9A NAI P . 10.58 -30.13 -0.17
C8A NAI P . 11.43 -31.10 0.23
N7A NAI P . 12.07 -31.60 -0.84
C5A NAI P . 11.63 -30.96 -1.94
C6A NAI P . 11.92 -31.04 -3.30
N6A NAI P . 12.90 -31.99 -3.82
N1A NAI P . 11.29 -30.20 -4.17
C2A NAI P . 10.38 -29.32 -3.71
N3A NAI P . 10.06 -29.22 -2.42
C4A NAI P . 10.68 -30.02 -1.51
O3 NAI P . 10.72 -26.30 6.46
PN NAI P . 10.58 -24.70 6.66
O1N NAI P . 9.50 -24.13 5.71
O2N NAI P . 10.24 -24.39 8.11
O5D NAI P . 11.98 -24.07 6.30
C5D NAI P . 12.61 -24.31 5.08
C4D NAI P . 14.00 -24.00 5.00
O4D NAI P . 14.21 -22.57 5.23
C3D NAI P . 14.74 -24.70 6.07
O3D NAI P . 15.92 -25.23 5.56
C2D NAI P . 15.03 -23.66 7.06
O2D NAI P . 16.14 -23.93 7.79
C1D NAI P . 15.23 -22.46 6.19
N1N NAI P . 15.18 -21.21 6.96
C2N NAI P . 16.06 -20.23 6.61
C3N NAI P . 16.07 -19.00 7.28
C7N NAI P . 17.05 -17.96 6.83
O7N NAI P . 17.16 -16.88 7.44
N7N NAI P . 17.82 -18.23 5.66
C4N NAI P . 15.18 -18.78 8.35
C5N NAI P . 14.29 -19.82 8.69
C6N NAI P . 14.32 -21.03 8.00
C1 ZHK Q . 20.36 -20.23 13.76
C2 ZHK Q . 20.26 -21.60 13.08
C3 ZHK Q . 20.99 -21.50 11.75
O4 ZHK Q . 20.38 -21.19 10.74
N5 ZHK Q . 22.33 -21.74 11.75
C6 ZHK Q . 23.17 -21.71 10.62
C7 ZHK Q . 24.50 -22.09 10.77
C8 ZHK Q . 25.37 -22.08 9.70
C9 ZHK Q . 24.91 -21.66 8.45
C10 ZHK Q . 23.59 -21.26 8.30
C11 ZHK Q . 22.73 -21.30 9.37
S12 ZHK Q . 26.01 -21.64 7.07
O13 ZHK Q . 26.87 -22.76 7.24
O14 ZHK Q . 25.20 -21.43 5.92
N15 ZHK Q . 26.96 -20.29 7.20
S16 ZHK Q . 18.51 -22.08 12.89
C17 ZHK Q . 18.54 -23.50 11.86
N18 ZHK Q . 17.35 -24.05 11.48
C20 ZHK Q . 17.33 -25.13 10.67
O21 ZHK Q . 16.26 -25.61 10.33
C22 ZHK Q . 18.57 -25.67 10.22
C23 ZHK Q . 19.76 -25.07 10.66
N24 ZHK Q . 19.69 -24.00 11.46
C25 ZHK Q . 21.09 -25.55 10.24
C26 ZHK Q . 22.03 -24.61 9.80
C27 ZHK Q . 23.28 -25.01 9.39
C28 ZHK Q . 23.62 -26.35 9.43
C29 ZHK Q . 22.71 -27.29 9.86
C30 ZHK Q . 21.44 -26.91 10.27
CL1 ZHK Q . 23.18 -28.96 9.86
CL2 ZHK Q . 25.19 -26.87 8.92
C33 ZHK Q . 18.58 -26.82 9.36
N34 ZHK Q . 18.60 -27.72 8.68
H19 ZHK Q . 16.52 -23.66 11.80
S SO4 R . 18.88 1.18 5.94
O1 SO4 R . 19.85 1.15 7.04
O2 SO4 R . 18.37 -0.15 5.63
O3 SO4 R . 19.53 1.68 4.72
O4 SO4 R . 17.78 2.06 6.32
#